data_5LSH
# 
_entry.id   5LSH 
# 
_audit_conform.dict_name       mmcif_pdbx.dic 
_audit_conform.dict_version    5.399 
_audit_conform.dict_location   http://mmcif.pdb.org/dictionaries/ascii/mmcif_pdbx.dic 
# 
loop_
_database_2.database_id 
_database_2.database_code 
_database_2.pdbx_database_accession 
_database_2.pdbx_DOI 
PDB   5LSH         pdb_00005lsh 10.2210/pdb5lsh/pdb 
WWPDB D_1200000941 ?            ?                   
# 
loop_
_pdbx_audit_revision_history.ordinal 
_pdbx_audit_revision_history.data_content_type 
_pdbx_audit_revision_history.major_revision 
_pdbx_audit_revision_history.minor_revision 
_pdbx_audit_revision_history.revision_date 
1 'Structure model' 1 0 2017-06-21 
2 'Structure model' 1 1 2017-12-27 
3 'Structure model' 2 0 2020-07-29 
4 'Structure model' 2 1 2024-01-17 
5 'Structure model' 2 2 2024-11-20 
# 
loop_
_pdbx_audit_revision_details.ordinal 
_pdbx_audit_revision_details.revision_ordinal 
_pdbx_audit_revision_details.data_content_type 
_pdbx_audit_revision_details.provider 
_pdbx_audit_revision_details.type 
_pdbx_audit_revision_details.description 
_pdbx_audit_revision_details.details 
1 1 'Structure model' repository 'Initial release' ?                          ? 
2 3 'Structure model' repository Remediation       'Carbohydrate remediation' ? 
# 
loop_
_pdbx_audit_revision_group.ordinal 
_pdbx_audit_revision_group.revision_ordinal 
_pdbx_audit_revision_group.data_content_type 
_pdbx_audit_revision_group.group 
1  2 'Structure model' 'Database references'     
2  3 'Structure model' 'Atomic model'            
3  3 'Structure model' 'Data collection'         
4  3 'Structure model' 'Derived calculations'    
5  3 'Structure model' 'Non-polymer description' 
6  3 'Structure model' 'Structure summary'       
7  4 'Structure model' 'Data collection'         
8  4 'Structure model' 'Database references'     
9  4 'Structure model' 'Refinement description'  
10 4 'Structure model' 'Structure summary'       
11 5 'Structure model' 'Structure summary'       
# 
loop_
_pdbx_audit_revision_category.ordinal 
_pdbx_audit_revision_category.revision_ordinal 
_pdbx_audit_revision_category.data_content_type 
_pdbx_audit_revision_category.category 
1  2 'Structure model' citation                      
2  2 'Structure model' citation_author               
3  3 'Structure model' atom_site                     
4  3 'Structure model' chem_comp                     
5  3 'Structure model' entity                        
6  3 'Structure model' pdbx_branch_scheme            
7  3 'Structure model' pdbx_chem_comp_identifier     
8  3 'Structure model' pdbx_entity_branch            
9  3 'Structure model' pdbx_entity_branch_descriptor 
10 3 'Structure model' pdbx_entity_branch_link       
11 3 'Structure model' pdbx_entity_branch_list       
12 3 'Structure model' pdbx_entity_nonpoly           
13 3 'Structure model' pdbx_nonpoly_scheme           
14 3 'Structure model' pdbx_struct_conn_angle        
15 3 'Structure model' struct_asym                   
16 3 'Structure model' struct_conn                   
17 3 'Structure model' struct_conn_type              
18 3 'Structure model' struct_site                   
19 3 'Structure model' struct_site_gen               
20 4 'Structure model' chem_comp                     
21 4 'Structure model' chem_comp_atom                
22 4 'Structure model' chem_comp_bond                
23 4 'Structure model' database_2                    
24 4 'Structure model' pdbx_initial_refinement_model 
25 5 'Structure model' pdbx_entry_details            
26 5 'Structure model' pdbx_modification_feature     
# 
loop_
_pdbx_audit_revision_item.ordinal 
_pdbx_audit_revision_item.revision_ordinal 
_pdbx_audit_revision_item.data_content_type 
_pdbx_audit_revision_item.item 
1  2 'Structure model' '_citation.country'                           
2  2 'Structure model' '_citation.journal_id_ISSN'                   
3  2 'Structure model' '_citation.journal_volume'                    
4  2 'Structure model' '_citation.page_first'                        
5  2 'Structure model' '_citation.page_last'                         
6  2 'Structure model' '_citation.pdbx_database_id_PubMed'           
7  2 'Structure model' '_citation.title'                             
8  2 'Structure model' '_citation_author.name'                       
9  3 'Structure model' '_atom_site.B_iso_or_equiv'                   
10 3 'Structure model' '_atom_site.Cartn_x'                          
11 3 'Structure model' '_atom_site.Cartn_y'                          
12 3 'Structure model' '_atom_site.Cartn_z'                          
13 3 'Structure model' '_atom_site.auth_asym_id'                     
14 3 'Structure model' '_atom_site.auth_atom_id'                     
15 3 'Structure model' '_atom_site.auth_comp_id'                     
16 3 'Structure model' '_atom_site.auth_seq_id'                      
17 3 'Structure model' '_atom_site.label_alt_id'                     
18 3 'Structure model' '_atom_site.label_asym_id'                    
19 3 'Structure model' '_atom_site.label_atom_id'                    
20 3 'Structure model' '_atom_site.label_comp_id'                    
21 3 'Structure model' '_atom_site.label_entity_id'                  
22 3 'Structure model' '_atom_site.occupancy'                        
23 3 'Structure model' '_atom_site.type_symbol'                      
24 3 'Structure model' '_chem_comp.formula'                          
25 3 'Structure model' '_chem_comp.formula_weight'                   
26 3 'Structure model' '_chem_comp.id'                               
27 3 'Structure model' '_chem_comp.mon_nstd_flag'                    
28 3 'Structure model' '_chem_comp.name'                             
29 3 'Structure model' '_chem_comp.type'                             
30 3 'Structure model' '_entity.formula_weight'                      
31 3 'Structure model' '_entity.pdbx_description'                    
32 3 'Structure model' '_entity.pdbx_number_of_molecules'            
33 3 'Structure model' '_entity.src_method'                          
34 3 'Structure model' '_entity.type'                                
35 3 'Structure model' '_pdbx_struct_conn_angle.ptnr1_auth_comp_id'  
36 3 'Structure model' '_pdbx_struct_conn_angle.ptnr1_auth_seq_id'   
37 3 'Structure model' '_pdbx_struct_conn_angle.ptnr1_label_comp_id' 
38 3 'Structure model' '_pdbx_struct_conn_angle.ptnr1_label_seq_id'  
39 3 'Structure model' '_pdbx_struct_conn_angle.ptnr2_label_asym_id' 
40 3 'Structure model' '_pdbx_struct_conn_angle.ptnr2_symmetry'      
41 3 'Structure model' '_pdbx_struct_conn_angle.ptnr3_auth_comp_id'  
42 3 'Structure model' '_pdbx_struct_conn_angle.ptnr3_auth_seq_id'   
43 3 'Structure model' '_pdbx_struct_conn_angle.ptnr3_label_comp_id' 
44 3 'Structure model' '_pdbx_struct_conn_angle.ptnr3_label_seq_id'  
45 3 'Structure model' '_pdbx_struct_conn_angle.value'               
46 3 'Structure model' '_struct_asym.entity_id'                      
47 4 'Structure model' '_chem_comp.pdbx_synonyms'                    
48 4 'Structure model' '_database_2.pdbx_DOI'                        
49 4 'Structure model' '_database_2.pdbx_database_accession'         
# 
_pdbx_database_status.status_code                     REL 
_pdbx_database_status.status_code_sf                  REL 
_pdbx_database_status.status_code_mr                  ? 
_pdbx_database_status.entry_id                        5LSH 
_pdbx_database_status.recvd_initial_deposition_date   2016-08-26 
_pdbx_database_status.SG_entry                        N 
_pdbx_database_status.deposit_site                    PDBE 
_pdbx_database_status.process_site                    PDBE 
_pdbx_database_status.status_code_cs                  ? 
_pdbx_database_status.methods_development_category    ? 
_pdbx_database_status.pdb_format_compatible           Y 
_pdbx_database_status.status_code_nmr_data            ? 
# 
loop_
_audit_author.name 
_audit_author.pdbx_ordinal 
_audit_author.identifier_ORCID 
'Zhang, R.'       1 ? 
'Nifantiev, N.E.' 2 ? 
'Krylov, V.'      3 ? 
'Luetteke, T.'    4 ? 
'Scheidig, A.J.'  5 ? 
'Siebert, H.-C.'  6 ? 
# 
_citation.abstract                  ? 
_citation.abstract_id_CAS           ? 
_citation.book_id_ISBN              ? 
_citation.book_publisher            ? 
_citation.book_publisher_city       ? 
_citation.book_title                ? 
_citation.coordinate_linkage        ? 
_citation.country                   UK 
_citation.database_id_Medline       ? 
_citation.details                   ? 
_citation.id                        primary 
_citation.journal_abbrev            'Q. Rev. Biophys.' 
_citation.journal_id_ASTM           ? 
_citation.journal_id_CSD            ? 
_citation.journal_id_ISSN           1469-8994 
_citation.journal_full              ? 
_citation.journal_issue             ? 
_citation.journal_volume            50 
_citation.language                  ? 
_citation.page_first                e9 
_citation.page_last                 e9 
_citation.title                     
;Lysozyme's lectin-like characteristics facilitates its immune defense function.
;
_citation.year                      2017 
_citation.database_id_CSD           ? 
_citation.pdbx_database_id_DOI      10.1017/S0033583517000075 
_citation.pdbx_database_id_PubMed   29233221 
_citation.unpublished_flag          ? 
# 
loop_
_citation_author.citation_id 
_citation_author.name 
_citation_author.ordinal 
_citation_author.identifier_ORCID 
primary 'Zhang, R.'          1  ? 
primary 'Wu, L.'             2  ? 
primary 'Eckert, T.'         3  ? 
primary 'Burg-Roderfeld, M.' 4  ? 
primary 'Rojas-Macias, M.A.' 5  ? 
primary 'Lutteke, T.'        6  ? 
primary 'Krylov, V.B.'       7  ? 
primary 'Argunov, D.A.'      8  ? 
primary 'Datta, A.'          9  ? 
primary 'Markart, P.'        10 ? 
primary 'Guenther, A.'       11 ? 
primary 'Norden, B.'         12 ? 
primary 'Schauer, R.'        13 ? 
primary 'Bhunia, A.'         14 ? 
primary 'Enani, M.A.'        15 ? 
primary 'Billeter, M.'       16 ? 
primary 'Scheidig, A.J.'     17 ? 
primary 'Nifantiev, N.E.'    18 ? 
primary 'Siebert, H.C.'      19 ? 
# 
loop_
_entity.id 
_entity.type 
_entity.src_method 
_entity.pdbx_description 
_entity.formula_weight 
_entity.pdbx_number_of_molecules 
_entity.pdbx_ec 
_entity.pdbx_mutation 
_entity.pdbx_fragment 
_entity.details 
1 polymer     man 'Lysozyme C' 14720.693 1   3.2.1.17 ? ? ? 
2 branched    man 
'alpha-D-galactopyranose-(1-3)-beta-D-galactofuranose-(1-3)-alpha-D-galactopyranose-(1-3)-propyl beta-D-galactofuranoside' 708.658 
1   ?        ? ? ? 
3 non-polymer syn 'CHLORIDE ION' 35.453    3   ?        ? ? ? 
4 non-polymer syn 'SODIUM ION' 22.990    1   ?        ? ? ? 
5 water       nat water 18.015    160 ?        ? ? ? 
# 
_entity_name_com.entity_id   1 
_entity_name_com.name        '1,4-beta-N-acetylmuramidase C' 
# 
_entity_poly.entity_id                      1 
_entity_poly.type                           'polypeptide(L)' 
_entity_poly.nstd_linkage                   no 
_entity_poly.nstd_monomer                   no 
_entity_poly.pdbx_seq_one_letter_code       
;KVFERCELARTLKRLGMDGYRGISLANWMCLAKWESGYNTRATNYNAGDRSTDYGIFQINSRYWCNDGKTPGAVNACHLS
CSALLQDNIADAVACAKRVVRDPQGIRAWVAWRNRCQNRDVRQYVQGCGV
;
_entity_poly.pdbx_seq_one_letter_code_can   
;KVFERCELARTLKRLGMDGYRGISLANWMCLAKWESGYNTRATNYNAGDRSTDYGIFQINSRYWCNDGKTPGAVNACHLS
CSALLQDNIADAVACAKRVVRDPQGIRAWVAWRNRCQNRDVRQYVQGCGV
;
_entity_poly.pdbx_strand_id                 A 
_entity_poly.pdbx_target_identifier         ? 
# 
loop_
_pdbx_entity_nonpoly.entity_id 
_pdbx_entity_nonpoly.name 
_pdbx_entity_nonpoly.comp_id 
3 'CHLORIDE ION' CL  
4 'SODIUM ION'   NA  
5 water          HOH 
# 
loop_
_entity_poly_seq.entity_id 
_entity_poly_seq.num 
_entity_poly_seq.mon_id 
_entity_poly_seq.hetero 
1 1   LYS n 
1 2   VAL n 
1 3   PHE n 
1 4   GLU n 
1 5   ARG n 
1 6   CYS n 
1 7   GLU n 
1 8   LEU n 
1 9   ALA n 
1 10  ARG n 
1 11  THR n 
1 12  LEU n 
1 13  LYS n 
1 14  ARG n 
1 15  LEU n 
1 16  GLY n 
1 17  MET n 
1 18  ASP n 
1 19  GLY n 
1 20  TYR n 
1 21  ARG n 
1 22  GLY n 
1 23  ILE n 
1 24  SER n 
1 25  LEU n 
1 26  ALA n 
1 27  ASN n 
1 28  TRP n 
1 29  MET n 
1 30  CYS n 
1 31  LEU n 
1 32  ALA n 
1 33  LYS n 
1 34  TRP n 
1 35  GLU n 
1 36  SER n 
1 37  GLY n 
1 38  TYR n 
1 39  ASN n 
1 40  THR n 
1 41  ARG n 
1 42  ALA n 
1 43  THR n 
1 44  ASN n 
1 45  TYR n 
1 46  ASN n 
1 47  ALA n 
1 48  GLY n 
1 49  ASP n 
1 50  ARG n 
1 51  SER n 
1 52  THR n 
1 53  ASP n 
1 54  TYR n 
1 55  GLY n 
1 56  ILE n 
1 57  PHE n 
1 58  GLN n 
1 59  ILE n 
1 60  ASN n 
1 61  SER n 
1 62  ARG n 
1 63  TYR n 
1 64  TRP n 
1 65  CYS n 
1 66  ASN n 
1 67  ASP n 
1 68  GLY n 
1 69  LYS n 
1 70  THR n 
1 71  PRO n 
1 72  GLY n 
1 73  ALA n 
1 74  VAL n 
1 75  ASN n 
1 76  ALA n 
1 77  CYS n 
1 78  HIS n 
1 79  LEU n 
1 80  SER n 
1 81  CYS n 
1 82  SER n 
1 83  ALA n 
1 84  LEU n 
1 85  LEU n 
1 86  GLN n 
1 87  ASP n 
1 88  ASN n 
1 89  ILE n 
1 90  ALA n 
1 91  ASP n 
1 92  ALA n 
1 93  VAL n 
1 94  ALA n 
1 95  CYS n 
1 96  ALA n 
1 97  LYS n 
1 98  ARG n 
1 99  VAL n 
1 100 VAL n 
1 101 ARG n 
1 102 ASP n 
1 103 PRO n 
1 104 GLN n 
1 105 GLY n 
1 106 ILE n 
1 107 ARG n 
1 108 ALA n 
1 109 TRP n 
1 110 VAL n 
1 111 ALA n 
1 112 TRP n 
1 113 ARG n 
1 114 ASN n 
1 115 ARG n 
1 116 CYS n 
1 117 GLN n 
1 118 ASN n 
1 119 ARG n 
1 120 ASP n 
1 121 VAL n 
1 122 ARG n 
1 123 GLN n 
1 124 TYR n 
1 125 VAL n 
1 126 GLN n 
1 127 GLY n 
1 128 CYS n 
1 129 GLY n 
1 130 VAL n 
# 
_entity_src_gen.entity_id                          1 
_entity_src_gen.pdbx_src_id                        1 
_entity_src_gen.pdbx_alt_source_flag               sample 
_entity_src_gen.pdbx_seq_type                      'Biological sequence' 
_entity_src_gen.pdbx_beg_seq_num                   1 
_entity_src_gen.pdbx_end_seq_num                   130 
_entity_src_gen.gene_src_common_name               Human 
_entity_src_gen.gene_src_genus                     ? 
_entity_src_gen.pdbx_gene_src_gene                 'LYZ, LZM' 
_entity_src_gen.gene_src_species                   ? 
_entity_src_gen.gene_src_strain                    ? 
_entity_src_gen.gene_src_tissue                    ? 
_entity_src_gen.gene_src_tissue_fraction           ? 
_entity_src_gen.gene_src_details                   ? 
_entity_src_gen.pdbx_gene_src_fragment             ? 
_entity_src_gen.pdbx_gene_src_scientific_name      'Homo sapiens' 
_entity_src_gen.pdbx_gene_src_ncbi_taxonomy_id     9606 
_entity_src_gen.pdbx_gene_src_variant              ? 
_entity_src_gen.pdbx_gene_src_cell_line            ? 
_entity_src_gen.pdbx_gene_src_atcc                 ? 
_entity_src_gen.pdbx_gene_src_organ                ? 
_entity_src_gen.pdbx_gene_src_organelle            ? 
_entity_src_gen.pdbx_gene_src_cell                 ? 
_entity_src_gen.pdbx_gene_src_cellular_location    ? 
_entity_src_gen.host_org_common_name               ? 
_entity_src_gen.pdbx_host_org_scientific_name      'Mus musculus' 
_entity_src_gen.pdbx_host_org_ncbi_taxonomy_id     10090 
_entity_src_gen.host_org_genus                     ? 
_entity_src_gen.pdbx_host_org_gene                 ? 
_entity_src_gen.pdbx_host_org_organ                ? 
_entity_src_gen.host_org_species                   ? 
_entity_src_gen.pdbx_host_org_tissue               ? 
_entity_src_gen.pdbx_host_org_tissue_fraction      ? 
_entity_src_gen.pdbx_host_org_strain               ? 
_entity_src_gen.pdbx_host_org_variant              ? 
_entity_src_gen.pdbx_host_org_cell_line            ? 
_entity_src_gen.pdbx_host_org_atcc                 ? 
_entity_src_gen.pdbx_host_org_culture_collection   ? 
_entity_src_gen.pdbx_host_org_cell                 ? 
_entity_src_gen.pdbx_host_org_organelle            ? 
_entity_src_gen.pdbx_host_org_cellular_location    ? 
_entity_src_gen.pdbx_host_org_vector_type          ? 
_entity_src_gen.pdbx_host_org_vector               ? 
_entity_src_gen.host_org_details                   ? 
_entity_src_gen.expression_system_id               ? 
_entity_src_gen.plasmid_name                       ? 
_entity_src_gen.plasmid_details                    ? 
_entity_src_gen.pdbx_description                   ? 
# 
_pdbx_entity_branch.entity_id   2 
_pdbx_entity_branch.type        oligosaccharide 
# 
loop_
_pdbx_entity_branch_descriptor.ordinal 
_pdbx_entity_branch_descriptor.entity_id 
_pdbx_entity_branch_descriptor.descriptor 
_pdbx_entity_branch_descriptor.type 
_pdbx_entity_branch_descriptor.program 
_pdbx_entity_branch_descriptor.program_version 
1 2 'WURCS=2.0/3,4,3/[a2112h-1b_1-4_1*OCCC][a2112h-1a_1-5][a2112h-1b_1-4]/1-2-3-2/a3-b1_b3-c1_c3-d1' WURCS  PDB2Glycan 1.1.0 
2 2 '[][propyl]{[(1+1)][b-D-Galf]{[(3+1)][a-D-Galp]{[(3+1)][b-D-Galf]{[(3+1)][a-D-Galp]{}}}}}'       LINUCS PDB-CARE   ?     
# 
loop_
_pdbx_entity_branch_link.link_id 
_pdbx_entity_branch_link.entity_id 
_pdbx_entity_branch_link.entity_branch_list_num_1 
_pdbx_entity_branch_link.comp_id_1 
_pdbx_entity_branch_link.atom_id_1 
_pdbx_entity_branch_link.leaving_atom_id_1 
_pdbx_entity_branch_link.entity_branch_list_num_2 
_pdbx_entity_branch_link.comp_id_2 
_pdbx_entity_branch_link.atom_id_2 
_pdbx_entity_branch_link.leaving_atom_id_2 
_pdbx_entity_branch_link.value_order 
_pdbx_entity_branch_link.details 
1 2 2 GLA C1 O1 1 TVG O3 HO3 sing ? 
2 2 3 GZL C1 O1 2 GLA O3 HO3 sing ? 
3 2 4 GLA C1 O1 3 GZL O3 HO3 sing ? 
# 
loop_
_chem_comp.id 
_chem_comp.type 
_chem_comp.mon_nstd_flag 
_chem_comp.name 
_chem_comp.pdbx_synonyms 
_chem_comp.formula 
_chem_comp.formula_weight 
ALA 'L-peptide linking'           y ALANINE                           ? 'C3 H7 N O2'     89.093  
ARG 'L-peptide linking'           y ARGININE                          ? 'C6 H15 N4 O2 1' 175.209 
ASN 'L-peptide linking'           y ASPARAGINE                        ? 'C4 H8 N2 O3'    132.118 
ASP 'L-peptide linking'           y 'ASPARTIC ACID'                   ? 'C4 H7 N O4'     133.103 
CL  non-polymer                   . 'CHLORIDE ION'                    ? 'Cl -1'          35.453  
CYS 'L-peptide linking'           y CYSTEINE                          ? 'C3 H7 N O2 S'   121.158 
GLA 'D-saccharide, alpha linking' . alpha-D-galactopyranose           
'alpha-D-galactose; D-galactose; galactose; ALPHA D-GALACTOSE' 'C6 H12 O6'      180.156 
GLN 'L-peptide linking'           y GLUTAMINE                         ? 'C5 H10 N2 O3'   146.144 
GLU 'L-peptide linking'           y 'GLUTAMIC ACID'                   ? 'C5 H9 N O4'     147.129 
GLY 'peptide linking'             y GLYCINE                           ? 'C2 H5 N O2'     75.067  
GZL 'D-saccharide, beta linking'  . beta-D-galactofuranose            'beta-D-galactose; D-galactose; galactose' 'C6 H12 O6'      
180.156 
HIS 'L-peptide linking'           y HISTIDINE                         ? 'C6 H10 N3 O2 1' 156.162 
HOH non-polymer                   . WATER                             ? 'H2 O'           18.015  
ILE 'L-peptide linking'           y ISOLEUCINE                        ? 'C6 H13 N O2'    131.173 
LEU 'L-peptide linking'           y LEUCINE                           ? 'C6 H13 N O2'    131.173 
LYS 'L-peptide linking'           y LYSINE                            ? 'C6 H15 N2 O2 1' 147.195 
MET 'L-peptide linking'           y METHIONINE                        ? 'C5 H11 N O2 S'  149.211 
NA  non-polymer                   . 'SODIUM ION'                      ? 'Na 1'           22.990  
PHE 'L-peptide linking'           y PHENYLALANINE                     ? 'C9 H11 N O2'    165.189 
PRO 'L-peptide linking'           y PROLINE                           ? 'C5 H9 N O2'     115.130 
SER 'L-peptide linking'           y SERINE                            ? 'C3 H7 N O3'     105.093 
THR 'L-peptide linking'           y THREONINE                         ? 'C4 H9 N O3'     119.119 
TRP 'L-peptide linking'           y TRYPTOPHAN                        ? 'C11 H12 N2 O2'  204.225 
TVG D-saccharide                  n 'propyl beta-D-galactofuranoside' ? 'C9 H18 O6'      222.236 
TYR 'L-peptide linking'           y TYROSINE                          ? 'C9 H11 N O3'    181.189 
VAL 'L-peptide linking'           y VALINE                            ? 'C5 H11 N O2'    117.146 
# 
loop_
_pdbx_chem_comp_identifier.comp_id 
_pdbx_chem_comp_identifier.type 
_pdbx_chem_comp_identifier.program 
_pdbx_chem_comp_identifier.program_version 
_pdbx_chem_comp_identifier.identifier 
GLA 'CONDENSED IUPAC CARBOHYDRATE SYMBOL' GMML     1.0 DGalpa              
GLA 'COMMON NAME'                         GMML     1.0 a-D-galactopyranose 
GLA 'IUPAC CARBOHYDRATE SYMBOL'           PDB-CARE 1.0 a-D-Galp            
GLA 'SNFG CARBOHYDRATE SYMBOL'            GMML     1.0 Gal                 
GZL 'CONDENSED IUPAC CARBOHYDRATE SYMBOL' GMML     1.0 DGalfb              
GZL 'COMMON NAME'                         GMML     1.0 b-D-galactofuranose 
GZL 'IUPAC CARBOHYDRATE SYMBOL'           PDB-CARE 1.0 b-D-Galf            
GZL 'SNFG CARBOHYDRATE SYMBOL'            GMML     1.0 Gal                 
# 
loop_
_pdbx_poly_seq_scheme.asym_id 
_pdbx_poly_seq_scheme.entity_id 
_pdbx_poly_seq_scheme.seq_id 
_pdbx_poly_seq_scheme.mon_id 
_pdbx_poly_seq_scheme.ndb_seq_num 
_pdbx_poly_seq_scheme.pdb_seq_num 
_pdbx_poly_seq_scheme.auth_seq_num 
_pdbx_poly_seq_scheme.pdb_mon_id 
_pdbx_poly_seq_scheme.auth_mon_id 
_pdbx_poly_seq_scheme.pdb_strand_id 
_pdbx_poly_seq_scheme.pdb_ins_code 
_pdbx_poly_seq_scheme.hetero 
A 1 1   LYS 1   1   1   LYS LYS A . n 
A 1 2   VAL 2   2   2   VAL VAL A . n 
A 1 3   PHE 3   3   3   PHE PHE A . n 
A 1 4   GLU 4   4   4   GLU GLU A . n 
A 1 5   ARG 5   5   5   ARG ARG A . n 
A 1 6   CYS 6   6   6   CYS CYS A . n 
A 1 7   GLU 7   7   7   GLU GLU A . n 
A 1 8   LEU 8   8   8   LEU LEU A . n 
A 1 9   ALA 9   9   9   ALA ALA A . n 
A 1 10  ARG 10  10  10  ARG ARG A . n 
A 1 11  THR 11  11  11  THR THR A . n 
A 1 12  LEU 12  12  12  LEU LEU A . n 
A 1 13  LYS 13  13  13  LYS LYS A . n 
A 1 14  ARG 14  14  14  ARG ARG A . n 
A 1 15  LEU 15  15  15  LEU LEU A . n 
A 1 16  GLY 16  16  16  GLY GLY A . n 
A 1 17  MET 17  17  17  MET MET A . n 
A 1 18  ASP 18  18  18  ASP ASP A . n 
A 1 19  GLY 19  19  19  GLY GLY A . n 
A 1 20  TYR 20  20  20  TYR TYR A . n 
A 1 21  ARG 21  21  21  ARG ARG A . n 
A 1 22  GLY 22  22  22  GLY GLY A . n 
A 1 23  ILE 23  23  23  ILE ILE A . n 
A 1 24  SER 24  24  24  SER SER A . n 
A 1 25  LEU 25  25  25  LEU LEU A . n 
A 1 26  ALA 26  26  26  ALA ALA A . n 
A 1 27  ASN 27  27  27  ASN ASN A . n 
A 1 28  TRP 28  28  28  TRP TRP A . n 
A 1 29  MET 29  29  29  MET MET A . n 
A 1 30  CYS 30  30  30  CYS CYS A . n 
A 1 31  LEU 31  31  31  LEU LEU A . n 
A 1 32  ALA 32  32  32  ALA ALA A . n 
A 1 33  LYS 33  33  33  LYS LYS A . n 
A 1 34  TRP 34  34  34  TRP TRP A . n 
A 1 35  GLU 35  35  35  GLU GLU A . n 
A 1 36  SER 36  36  36  SER SER A . n 
A 1 37  GLY 37  37  37  GLY GLY A . n 
A 1 38  TYR 38  38  38  TYR TYR A . n 
A 1 39  ASN 39  39  39  ASN ASN A . n 
A 1 40  THR 40  40  40  THR THR A . n 
A 1 41  ARG 41  41  41  ARG ARG A . n 
A 1 42  ALA 42  42  42  ALA ALA A . n 
A 1 43  THR 43  43  43  THR THR A . n 
A 1 44  ASN 44  44  44  ASN ASN A . n 
A 1 45  TYR 45  45  45  TYR TYR A . n 
A 1 46  ASN 46  46  46  ASN ASN A . n 
A 1 47  ALA 47  47  47  ALA ALA A . n 
A 1 48  GLY 48  48  48  GLY GLY A . n 
A 1 49  ASP 49  49  49  ASP ASP A . n 
A 1 50  ARG 50  50  50  ARG ARG A . n 
A 1 51  SER 51  51  51  SER SER A . n 
A 1 52  THR 52  52  52  THR THR A . n 
A 1 53  ASP 53  53  53  ASP ASP A . n 
A 1 54  TYR 54  54  54  TYR TYR A . n 
A 1 55  GLY 55  55  55  GLY GLY A . n 
A 1 56  ILE 56  56  56  ILE ILE A . n 
A 1 57  PHE 57  57  57  PHE PHE A . n 
A 1 58  GLN 58  58  58  GLN GLN A . n 
A 1 59  ILE 59  59  59  ILE ILE A . n 
A 1 60  ASN 60  60  60  ASN ASN A . n 
A 1 61  SER 61  61  61  SER SER A . n 
A 1 62  ARG 62  62  62  ARG ARG A . n 
A 1 63  TYR 63  63  63  TYR TYR A . n 
A 1 64  TRP 64  64  64  TRP TRP A . n 
A 1 65  CYS 65  65  65  CYS CYS A . n 
A 1 66  ASN 66  66  66  ASN ASN A . n 
A 1 67  ASP 67  67  67  ASP ASP A . n 
A 1 68  GLY 68  68  68  GLY GLY A . n 
A 1 69  LYS 69  69  69  LYS LYS A . n 
A 1 70  THR 70  70  70  THR THR A . n 
A 1 71  PRO 71  71  71  PRO PRO A . n 
A 1 72  GLY 72  72  72  GLY GLY A . n 
A 1 73  ALA 73  73  73  ALA ALA A . n 
A 1 74  VAL 74  74  74  VAL VAL A . n 
A 1 75  ASN 75  75  75  ASN ASN A . n 
A 1 76  ALA 76  76  76  ALA ALA A . n 
A 1 77  CYS 77  77  77  CYS CYS A . n 
A 1 78  HIS 78  78  78  HIS HIS A . n 
A 1 79  LEU 79  79  79  LEU LEU A . n 
A 1 80  SER 80  80  80  SER SER A . n 
A 1 81  CYS 81  81  81  CYS CYS A . n 
A 1 82  SER 82  82  82  SER SER A . n 
A 1 83  ALA 83  83  83  ALA ALA A . n 
A 1 84  LEU 84  84  84  LEU LEU A . n 
A 1 85  LEU 85  85  85  LEU LEU A . n 
A 1 86  GLN 86  86  86  GLN GLN A . n 
A 1 87  ASP 87  87  87  ASP ASP A . n 
A 1 88  ASN 88  88  88  ASN ASN A . n 
A 1 89  ILE 89  89  89  ILE ILE A . n 
A 1 90  ALA 90  90  90  ALA ALA A . n 
A 1 91  ASP 91  91  91  ASP ASP A . n 
A 1 92  ALA 92  92  92  ALA ALA A . n 
A 1 93  VAL 93  93  93  VAL VAL A . n 
A 1 94  ALA 94  94  94  ALA ALA A . n 
A 1 95  CYS 95  95  95  CYS CYS A . n 
A 1 96  ALA 96  96  96  ALA ALA A . n 
A 1 97  LYS 97  97  97  LYS LYS A . n 
A 1 98  ARG 98  98  98  ARG ARG A . n 
A 1 99  VAL 99  99  99  VAL VAL A . n 
A 1 100 VAL 100 100 100 VAL VAL A . n 
A 1 101 ARG 101 101 101 ARG ARG A . n 
A 1 102 ASP 102 102 102 ASP ASP A . n 
A 1 103 PRO 103 103 103 PRO PRO A . n 
A 1 104 GLN 104 104 104 GLN GLN A . n 
A 1 105 GLY 105 105 105 GLY GLY A . n 
A 1 106 ILE 106 106 106 ILE ILE A . n 
A 1 107 ARG 107 107 107 ARG ARG A . n 
A 1 108 ALA 108 108 108 ALA ALA A . n 
A 1 109 TRP 109 109 109 TRP TRP A . n 
A 1 110 VAL 110 110 110 VAL VAL A . n 
A 1 111 ALA 111 111 111 ALA ALA A . n 
A 1 112 TRP 112 112 112 TRP TRP A . n 
A 1 113 ARG 113 113 113 ARG ARG A . n 
A 1 114 ASN 114 114 114 ASN ASN A . n 
A 1 115 ARG 115 115 115 ARG ARG A . n 
A 1 116 CYS 116 116 116 CYS CYS A . n 
A 1 117 GLN 117 117 117 GLN GLN A . n 
A 1 118 ASN 118 118 118 ASN ASN A . n 
A 1 119 ARG 119 119 119 ARG ARG A . n 
A 1 120 ASP 120 120 120 ASP ASP A . n 
A 1 121 VAL 121 121 121 VAL VAL A . n 
A 1 122 ARG 122 122 122 ARG ARG A . n 
A 1 123 GLN 123 123 123 GLN GLN A . n 
A 1 124 TYR 124 124 124 TYR TYR A . n 
A 1 125 VAL 125 125 125 VAL VAL A . n 
A 1 126 GLN 126 126 126 GLN GLN A . n 
A 1 127 GLY 127 127 127 GLY GLY A . n 
A 1 128 CYS 128 128 128 CYS CYS A . n 
A 1 129 GLY 129 129 129 GLY GLY A . n 
A 1 130 VAL 130 130 130 VAL VAL A . n 
# 
loop_
_pdbx_branch_scheme.asym_id 
_pdbx_branch_scheme.entity_id 
_pdbx_branch_scheme.mon_id 
_pdbx_branch_scheme.num 
_pdbx_branch_scheme.pdb_asym_id 
_pdbx_branch_scheme.pdb_mon_id 
_pdbx_branch_scheme.pdb_seq_num 
_pdbx_branch_scheme.auth_asym_id 
_pdbx_branch_scheme.auth_mon_id 
_pdbx_branch_scheme.auth_seq_num 
_pdbx_branch_scheme.hetero 
B 2 TVG 1 B TVG 1 A KTS 135 n 
B 2 GLA 2 B GLA 2 A KTS 135 n 
B 2 GZL 3 B GZL 3 A KTS 135 n 
B 2 GLA 4 B GLA 4 A KTS 135 n 
# 
loop_
_pdbx_nonpoly_scheme.asym_id 
_pdbx_nonpoly_scheme.entity_id 
_pdbx_nonpoly_scheme.mon_id 
_pdbx_nonpoly_scheme.ndb_seq_num 
_pdbx_nonpoly_scheme.pdb_seq_num 
_pdbx_nonpoly_scheme.auth_seq_num 
_pdbx_nonpoly_scheme.pdb_mon_id 
_pdbx_nonpoly_scheme.auth_mon_id 
_pdbx_nonpoly_scheme.pdb_strand_id 
_pdbx_nonpoly_scheme.pdb_ins_code 
C 3 CL  1   201 131 CL  CL  A . 
D 3 CL  1   202 132 CL  CL  A . 
E 3 CL  1   203 133 CL  CL  A . 
F 4 NA  1   204 134 NA  NA  A . 
G 5 HOH 1   301 275 HOH HOH A . 
G 5 HOH 2   302 207 HOH HOH A . 
G 5 HOH 3   303 294 HOH HOH A . 
G 5 HOH 4   304 193 HOH HOH A . 
G 5 HOH 5   305 138 HOH HOH A . 
G 5 HOH 6   306 196 HOH HOH A . 
G 5 HOH 7   307 169 HOH HOH A . 
G 5 HOH 8   308 199 HOH HOH A . 
G 5 HOH 9   309 224 HOH HOH A . 
G 5 HOH 10  310 291 HOH HOH A . 
G 5 HOH 11  311 285 HOH HOH A . 
G 5 HOH 12  312 159 HOH HOH A . 
G 5 HOH 13  313 160 HOH HOH A . 
G 5 HOH 14  314 258 HOH HOH A . 
G 5 HOH 15  315 205 HOH HOH A . 
G 5 HOH 16  316 172 HOH HOH A . 
G 5 HOH 17  317 283 HOH HOH A . 
G 5 HOH 18  318 223 HOH HOH A . 
G 5 HOH 19  319 279 HOH HOH A . 
G 5 HOH 20  320 200 HOH HOH A . 
G 5 HOH 21  321 147 HOH HOH A . 
G 5 HOH 22  322 150 HOH HOH A . 
G 5 HOH 23  323 142 HOH HOH A . 
G 5 HOH 24  324 164 HOH HOH A . 
G 5 HOH 25  325 179 HOH HOH A . 
G 5 HOH 26  326 232 HOH HOH A . 
G 5 HOH 27  327 270 HOH HOH A . 
G 5 HOH 28  328 276 HOH HOH A . 
G 5 HOH 29  329 176 HOH HOH A . 
G 5 HOH 30  330 203 HOH HOH A . 
G 5 HOH 31  331 139 HOH HOH A . 
G 5 HOH 32  332 211 HOH HOH A . 
G 5 HOH 33  333 231 HOH HOH A . 
G 5 HOH 34  334 189 HOH HOH A . 
G 5 HOH 35  335 234 HOH HOH A . 
G 5 HOH 36  336 253 HOH HOH A . 
G 5 HOH 37  337 192 HOH HOH A . 
G 5 HOH 38  338 154 HOH HOH A . 
G 5 HOH 39  339 227 HOH HOH A . 
G 5 HOH 40  340 255 HOH HOH A . 
G 5 HOH 41  341 204 HOH HOH A . 
G 5 HOH 42  342 217 HOH HOH A . 
G 5 HOH 43  343 155 HOH HOH A . 
G 5 HOH 44  344 171 HOH HOH A . 
G 5 HOH 45  345 163 HOH HOH A . 
G 5 HOH 46  346 222 HOH HOH A . 
G 5 HOH 47  347 252 HOH HOH A . 
G 5 HOH 48  348 288 HOH HOH A . 
G 5 HOH 49  349 161 HOH HOH A . 
G 5 HOH 50  350 195 HOH HOH A . 
G 5 HOH 51  351 145 HOH HOH A . 
G 5 HOH 52  352 182 HOH HOH A . 
G 5 HOH 53  353 144 HOH HOH A . 
G 5 HOH 54  354 174 HOH HOH A . 
G 5 HOH 55  355 266 HOH HOH A . 
G 5 HOH 56  356 151 HOH HOH A . 
G 5 HOH 57  357 168 HOH HOH A . 
G 5 HOH 58  358 156 HOH HOH A . 
G 5 HOH 59  359 241 HOH HOH A . 
G 5 HOH 60  360 190 HOH HOH A . 
G 5 HOH 61  361 249 HOH HOH A . 
G 5 HOH 62  362 197 HOH HOH A . 
G 5 HOH 63  363 236 HOH HOH A . 
G 5 HOH 64  364 264 HOH HOH A . 
G 5 HOH 65  365 208 HOH HOH A . 
G 5 HOH 66  366 281 HOH HOH A . 
G 5 HOH 67  367 244 HOH HOH A . 
G 5 HOH 68  368 184 HOH HOH A . 
G 5 HOH 69  369 248 HOH HOH A . 
G 5 HOH 70  370 149 HOH HOH A . 
G 5 HOH 71  371 221 HOH HOH A . 
G 5 HOH 72  372 158 HOH HOH A . 
G 5 HOH 73  373 175 HOH HOH A . 
G 5 HOH 74  374 140 HOH HOH A . 
G 5 HOH 75  375 218 HOH HOH A . 
G 5 HOH 76  376 286 HOH HOH A . 
G 5 HOH 77  377 212 HOH HOH A . 
G 5 HOH 78  378 263 HOH HOH A . 
G 5 HOH 79  379 238 HOH HOH A . 
G 5 HOH 80  380 143 HOH HOH A . 
G 5 HOH 81  381 187 HOH HOH A . 
G 5 HOH 82  382 198 HOH HOH A . 
G 5 HOH 83  383 274 HOH HOH A . 
G 5 HOH 84  384 256 HOH HOH A . 
G 5 HOH 85  385 167 HOH HOH A . 
G 5 HOH 86  386 153 HOH HOH A . 
G 5 HOH 87  387 177 HOH HOH A . 
G 5 HOH 88  388 230 HOH HOH A . 
G 5 HOH 89  389 180 HOH HOH A . 
G 5 HOH 90  390 243 HOH HOH A . 
G 5 HOH 91  391 137 HOH HOH A . 
G 5 HOH 92  392 247 HOH HOH A . 
G 5 HOH 93  393 157 HOH HOH A . 
G 5 HOH 94  394 268 HOH HOH A . 
G 5 HOH 95  395 183 HOH HOH A . 
G 5 HOH 96  396 214 HOH HOH A . 
G 5 HOH 97  397 292 HOH HOH A . 
G 5 HOH 98  398 186 HOH HOH A . 
G 5 HOH 99  399 136 HOH HOH A . 
G 5 HOH 100 400 202 HOH HOH A . 
G 5 HOH 101 401 148 HOH HOH A . 
G 5 HOH 102 402 265 HOH HOH A . 
G 5 HOH 103 403 194 HOH HOH A . 
G 5 HOH 104 404 191 HOH HOH A . 
G 5 HOH 105 405 262 HOH HOH A . 
G 5 HOH 106 406 206 HOH HOH A . 
G 5 HOH 107 407 240 HOH HOH A . 
G 5 HOH 108 408 146 HOH HOH A . 
G 5 HOH 109 409 178 HOH HOH A . 
G 5 HOH 110 410 215 HOH HOH A . 
G 5 HOH 111 411 201 HOH HOH A . 
G 5 HOH 112 412 267 HOH HOH A . 
G 5 HOH 113 413 209 HOH HOH A . 
G 5 HOH 114 414 229 HOH HOH A . 
G 5 HOH 115 415 173 HOH HOH A . 
G 5 HOH 116 416 185 HOH HOH A . 
G 5 HOH 117 417 166 HOH HOH A . 
G 5 HOH 118 418 233 HOH HOH A . 
G 5 HOH 119 419 219 HOH HOH A . 
G 5 HOH 120 420 293 HOH HOH A . 
G 5 HOH 121 421 235 HOH HOH A . 
G 5 HOH 122 422 165 HOH HOH A . 
G 5 HOH 123 423 220 HOH HOH A . 
G 5 HOH 124 424 246 HOH HOH A . 
G 5 HOH 125 425 290 HOH HOH A . 
G 5 HOH 126 426 152 HOH HOH A . 
G 5 HOH 127 427 245 HOH HOH A . 
G 5 HOH 128 428 216 HOH HOH A . 
G 5 HOH 129 429 181 HOH HOH A . 
G 5 HOH 130 430 213 HOH HOH A . 
G 5 HOH 131 431 271 HOH HOH A . 
G 5 HOH 132 432 162 HOH HOH A . 
G 5 HOH 133 433 289 HOH HOH A . 
G 5 HOH 134 434 141 HOH HOH A . 
G 5 HOH 135 435 269 HOH HOH A . 
G 5 HOH 136 436 287 HOH HOH A . 
G 5 HOH 137 437 284 HOH HOH A . 
G 5 HOH 138 438 188 HOH HOH A . 
G 5 HOH 139 439 260 HOH HOH A . 
G 5 HOH 140 440 237 HOH HOH A . 
G 5 HOH 141 441 225 HOH HOH A . 
G 5 HOH 142 442 278 HOH HOH A . 
G 5 HOH 143 443 210 HOH HOH A . 
G 5 HOH 144 444 239 HOH HOH A . 
G 5 HOH 145 445 257 HOH HOH A . 
G 5 HOH 146 446 277 HOH HOH A . 
G 5 HOH 147 447 254 HOH HOH A . 
G 5 HOH 148 448 170 HOH HOH A . 
G 5 HOH 149 449 261 HOH HOH A . 
G 5 HOH 150 450 251 HOH HOH A . 
G 5 HOH 151 451 273 HOH HOH A . 
G 5 HOH 152 452 295 HOH HOH A . 
G 5 HOH 153 453 226 HOH HOH A . 
G 5 HOH 154 454 242 HOH HOH A . 
G 5 HOH 155 455 272 HOH HOH A . 
G 5 HOH 156 456 259 HOH HOH A . 
G 5 HOH 157 457 250 HOH HOH A . 
G 5 HOH 158 458 228 HOH HOH A . 
G 5 HOH 159 459 282 HOH HOH A . 
G 5 HOH 160 460 280 HOH HOH A . 
# 
loop_
_software.citation_id 
_software.classification 
_software.compiler_name 
_software.compiler_version 
_software.contact_author 
_software.contact_author_email 
_software.date 
_software.description 
_software.dependencies 
_software.hardware 
_software.language 
_software.location 
_software.mods 
_software.name 
_software.os 
_software.os_version 
_software.type 
_software.version 
_software.pdbx_ordinal 
? refinement       ? ? ? ? ? ? ? ? ? ? ? PHENIX ? ? ? '(1.10.1_2155)' 1 
? 'data reduction' ? ? ? ? ? ? ? ? ? ? ? XDS    ? ? ? .               2 
? 'data scaling'   ? ? ? ? ? ? ? ? ? ? ? XSCALE ? ? ? .               3 
? phasing          ? ? ? ? ? ? ? ? ? ? ? MOLREP ? ? ? .               4 
# 
_cell.angle_alpha                  90.00 
_cell.angle_alpha_esd              ? 
_cell.angle_beta                   90.00 
_cell.angle_beta_esd               ? 
_cell.angle_gamma                  90.00 
_cell.angle_gamma_esd              ? 
_cell.entry_id                     5LSH 
_cell.details                      ? 
_cell.formula_units_Z              ? 
_cell.length_a                     33.108 
_cell.length_a_esd                 ? 
_cell.length_b                     56.040 
_cell.length_b_esd                 ? 
_cell.length_c                     60.531 
_cell.length_c_esd                 ? 
_cell.volume                       ? 
_cell.volume_esd                   ? 
_cell.Z_PDB                        4 
_cell.reciprocal_angle_alpha       ? 
_cell.reciprocal_angle_beta        ? 
_cell.reciprocal_angle_gamma       ? 
_cell.reciprocal_angle_alpha_esd   ? 
_cell.reciprocal_angle_beta_esd    ? 
_cell.reciprocal_angle_gamma_esd   ? 
_cell.reciprocal_length_a          ? 
_cell.reciprocal_length_b          ? 
_cell.reciprocal_length_c          ? 
_cell.reciprocal_length_a_esd      ? 
_cell.reciprocal_length_b_esd      ? 
_cell.reciprocal_length_c_esd      ? 
_cell.pdbx_unique_axis             ? 
# 
_symmetry.entry_id                         5LSH 
_symmetry.cell_setting                     ? 
_symmetry.Int_Tables_number                19 
_symmetry.space_group_name_Hall            ? 
_symmetry.space_group_name_H-M             'P 21 21 21' 
_symmetry.pdbx_full_space_group_name_H-M   ? 
# 
_exptl.absorpt_coefficient_mu     ? 
_exptl.absorpt_correction_T_max   ? 
_exptl.absorpt_correction_T_min   ? 
_exptl.absorpt_correction_type    ? 
_exptl.absorpt_process_details    ? 
_exptl.entry_id                   5LSH 
_exptl.crystals_number            1 
_exptl.details                    ? 
_exptl.method                     'X-RAY DIFFRACTION' 
_exptl.method_details             ? 
# 
_exptl_crystal.colour                      ? 
_exptl_crystal.density_diffrn              ? 
_exptl_crystal.density_Matthews            1.91 
_exptl_crystal.density_method              ? 
_exptl_crystal.density_percent_sol         35.51 
_exptl_crystal.description                 ? 
_exptl_crystal.F_000                       ? 
_exptl_crystal.id                          1 
_exptl_crystal.preparation                 ? 
_exptl_crystal.size_max                    ? 
_exptl_crystal.size_mid                    ? 
_exptl_crystal.size_min                    ? 
_exptl_crystal.size_rad                    ? 
_exptl_crystal.colour_lustre               ? 
_exptl_crystal.colour_modifier             ? 
_exptl_crystal.colour_primary              ? 
_exptl_crystal.density_meas                ? 
_exptl_crystal.density_meas_esd            ? 
_exptl_crystal.density_meas_gt             ? 
_exptl_crystal.density_meas_lt             ? 
_exptl_crystal.density_meas_temp           ? 
_exptl_crystal.density_meas_temp_esd       ? 
_exptl_crystal.density_meas_temp_gt        ? 
_exptl_crystal.density_meas_temp_lt        ? 
_exptl_crystal.pdbx_crystal_image_url      ? 
_exptl_crystal.pdbx_crystal_image_format   ? 
_exptl_crystal.pdbx_mosaicity              ? 
_exptl_crystal.pdbx_mosaicity_esd          ? 
# 
_exptl_crystal_grow.apparatus       ? 
_exptl_crystal_grow.atmosphere      ? 
_exptl_crystal_grow.crystal_id      1 
_exptl_crystal_grow.details         ? 
_exptl_crystal_grow.method          'VAPOR DIFFUSION, HANGING DROP' 
_exptl_crystal_grow.method_ref      ? 
_exptl_crystal_grow.pH              ? 
_exptl_crystal_grow.pressure        ? 
_exptl_crystal_grow.pressure_esd    ? 
_exptl_crystal_grow.seeding         ? 
_exptl_crystal_grow.seeding_ref     ? 
_exptl_crystal_grow.temp            291 
_exptl_crystal_grow.temp_details    ? 
_exptl_crystal_grow.temp_esd        ? 
_exptl_crystal_grow.time            ? 
_exptl_crystal_grow.pdbx_details    '0.8 M NaCl, 25 mM NaOAc, pH 5.4' 
_exptl_crystal_grow.pdbx_pH_range   ? 
# 
_diffrn.ambient_environment    ? 
_diffrn.ambient_temp           100 
_diffrn.ambient_temp_details   ? 
_diffrn.ambient_temp_esd       ? 
_diffrn.crystal_id             1 
_diffrn.crystal_support        ? 
_diffrn.crystal_treatment      ? 
_diffrn.details                ? 
_diffrn.id                     1 
_diffrn.ambient_pressure       ? 
_diffrn.ambient_pressure_esd   ? 
_diffrn.ambient_pressure_gt    ? 
_diffrn.ambient_pressure_lt    ? 
_diffrn.ambient_temp_gt        ? 
_diffrn.ambient_temp_lt        ? 
# 
_diffrn_detector.details                      ? 
_diffrn_detector.detector                     PIXEL 
_diffrn_detector.diffrn_id                    1 
_diffrn_detector.type                         'DECTRIS PILATUS3 6M' 
_diffrn_detector.area_resol_mean              ? 
_diffrn_detector.dtime                        ? 
_diffrn_detector.pdbx_frames_total            ? 
_diffrn_detector.pdbx_collection_time_total   ? 
_diffrn_detector.pdbx_collection_date         2015-10-24 
# 
_diffrn_radiation.collimation                      ? 
_diffrn_radiation.diffrn_id                        1 
_diffrn_radiation.filter_edge                      ? 
_diffrn_radiation.inhomogeneity                    ? 
_diffrn_radiation.monochromator                    ? 
_diffrn_radiation.polarisn_norm                    ? 
_diffrn_radiation.polarisn_ratio                   ? 
_diffrn_radiation.probe                            ? 
_diffrn_radiation.type                             ? 
_diffrn_radiation.xray_symbol                      ? 
_diffrn_radiation.wavelength_id                    1 
_diffrn_radiation.pdbx_monochromatic_or_laue_m_l   M 
_diffrn_radiation.pdbx_wavelength_list             ? 
_diffrn_radiation.pdbx_wavelength                  ? 
_diffrn_radiation.pdbx_diffrn_protocol             'SINGLE WAVELENGTH' 
_diffrn_radiation.pdbx_analyzer                    ? 
_diffrn_radiation.pdbx_scattering_type             x-ray 
# 
_diffrn_radiation_wavelength.id           1 
_diffrn_radiation_wavelength.wavelength   0.9762 
_diffrn_radiation_wavelength.wt           1.0 
# 
_diffrn_source.current                     ? 
_diffrn_source.details                     ? 
_diffrn_source.diffrn_id                   1 
_diffrn_source.power                       ? 
_diffrn_source.size                        ? 
_diffrn_source.source                      SYNCHROTRON 
_diffrn_source.target                      ? 
_diffrn_source.type                        'PETRA III, EMBL c/o DESY BEAMLINE P13 (MX1)' 
_diffrn_source.voltage                     ? 
_diffrn_source.take-off_angle              ? 
_diffrn_source.pdbx_wavelength_list        0.9762 
_diffrn_source.pdbx_wavelength             ? 
_diffrn_source.pdbx_synchrotron_beamline   'P13 (MX1)' 
_diffrn_source.pdbx_synchrotron_site       'PETRA III, EMBL c/o DESY' 
# 
_reflns.B_iso_Wilson_estimate            9.8 
_reflns.entry_id                         5LSH 
_reflns.data_reduction_details           ? 
_reflns.data_reduction_method            ? 
_reflns.d_resolution_high                1.061 
_reflns.d_resolution_low                 30.265 
_reflns.details                          ? 
_reflns.limit_h_max                      ? 
_reflns.limit_h_min                      ? 
_reflns.limit_k_max                      ? 
_reflns.limit_k_min                      ? 
_reflns.limit_l_max                      ? 
_reflns.limit_l_min                      ? 
_reflns.number_all                       ? 
_reflns.number_obs                       47721 
_reflns.observed_criterion               ? 
_reflns.observed_criterion_F_max         ? 
_reflns.observed_criterion_F_min         ? 
_reflns.observed_criterion_I_max         ? 
_reflns.observed_criterion_I_min         ? 
_reflns.observed_criterion_sigma_F       ? 
_reflns.observed_criterion_sigma_I       ? 
_reflns.percent_possible_obs             92 
_reflns.R_free_details                   ? 
_reflns.Rmerge_F_all                     ? 
_reflns.Rmerge_F_obs                     ? 
_reflns.Friedel_coverage                 ? 
_reflns.number_gt                        ? 
_reflns.threshold_expression             ? 
_reflns.pdbx_redundancy                  11.9 
_reflns.pdbx_Rmerge_I_obs                0.072 
_reflns.pdbx_Rmerge_I_all                ? 
_reflns.pdbx_Rsym_value                  ? 
_reflns.pdbx_netI_over_av_sigmaI         ? 
_reflns.pdbx_netI_over_sigmaI            17.06 
_reflns.pdbx_res_netI_over_av_sigmaI_2   ? 
_reflns.pdbx_res_netI_over_sigmaI_2      ? 
_reflns.pdbx_chi_squared                 ? 
_reflns.pdbx_scaling_rejects             ? 
_reflns.pdbx_d_res_high_opt              ? 
_reflns.pdbx_d_res_low_opt               ? 
_reflns.pdbx_d_res_opt_method            ? 
_reflns.phase_calculation_details        ? 
_reflns.pdbx_Rrim_I_all                  ? 
_reflns.pdbx_Rpim_I_all                  ? 
_reflns.pdbx_d_opt                       ? 
_reflns.pdbx_number_measured_all         ? 
_reflns.pdbx_diffrn_id                   1 
_reflns.pdbx_ordinal                     1 
_reflns.pdbx_CC_half                     1 
_reflns.pdbx_R_split                     ? 
# 
_reflns_shell.d_res_high                  1.061 
_reflns_shell.d_res_low                   1.099 
_reflns_shell.meanI_over_sigI_all         ? 
_reflns_shell.meanI_over_sigI_obs         1.52 
_reflns_shell.number_measured_all         ? 
_reflns_shell.number_measured_obs         ? 
_reflns_shell.number_possible             ? 
_reflns_shell.number_unique_all           ? 
_reflns_shell.number_unique_obs           ? 
_reflns_shell.percent_possible_all        69 
_reflns_shell.percent_possible_obs        ? 
_reflns_shell.Rmerge_F_all                ? 
_reflns_shell.Rmerge_F_obs                ? 
_reflns_shell.Rmerge_I_all                ? 
_reflns_shell.Rmerge_I_obs                ? 
_reflns_shell.meanI_over_sigI_gt          ? 
_reflns_shell.meanI_over_uI_all           ? 
_reflns_shell.meanI_over_uI_gt            ? 
_reflns_shell.number_measured_gt          ? 
_reflns_shell.number_unique_gt            ? 
_reflns_shell.percent_possible_gt         ? 
_reflns_shell.Rmerge_F_gt                 ? 
_reflns_shell.Rmerge_I_gt                 ? 
_reflns_shell.pdbx_redundancy             9.8 
_reflns_shell.pdbx_Rsym_value             ? 
_reflns_shell.pdbx_chi_squared            ? 
_reflns_shell.pdbx_netI_over_sigmaI_all   ? 
_reflns_shell.pdbx_netI_over_sigmaI_obs   ? 
_reflns_shell.pdbx_Rrim_I_all             ? 
_reflns_shell.pdbx_Rpim_I_all             ? 
_reflns_shell.pdbx_rejects                ? 
_reflns_shell.pdbx_ordinal                1 
_reflns_shell.pdbx_diffrn_id              1 
_reflns_shell.pdbx_CC_half                0.633 
_reflns_shell.pdbx_R_split                ? 
# 
_refine.aniso_B[1][1]                            ? 
_refine.aniso_B[1][2]                            ? 
_refine.aniso_B[1][3]                            ? 
_refine.aniso_B[2][2]                            ? 
_refine.aniso_B[2][3]                            ? 
_refine.aniso_B[3][3]                            ? 
_refine.B_iso_max                                ? 
_refine.B_iso_mean                               ? 
_refine.B_iso_min                                ? 
_refine.correlation_coeff_Fo_to_Fc               ? 
_refine.correlation_coeff_Fo_to_Fc_free          ? 
_refine.details                                  ? 
_refine.diff_density_max                         ? 
_refine.diff_density_max_esd                     ? 
_refine.diff_density_min                         ? 
_refine.diff_density_min_esd                     ? 
_refine.diff_density_rms                         ? 
_refine.diff_density_rms_esd                     ? 
_refine.entry_id                                 5LSH 
_refine.pdbx_refine_id                           'X-RAY DIFFRACTION' 
_refine.ls_abs_structure_details                 ? 
_refine.ls_abs_structure_Flack                   ? 
_refine.ls_abs_structure_Flack_esd               ? 
_refine.ls_abs_structure_Rogers                  ? 
_refine.ls_abs_structure_Rogers_esd              ? 
_refine.ls_d_res_high                            1.061 
_refine.ls_d_res_low                             30.265 
_refine.ls_extinction_coef                       ? 
_refine.ls_extinction_coef_esd                   ? 
_refine.ls_extinction_expression                 ? 
_refine.ls_extinction_method                     ? 
_refine.ls_goodness_of_fit_all                   ? 
_refine.ls_goodness_of_fit_all_esd               ? 
_refine.ls_goodness_of_fit_obs                   ? 
_refine.ls_goodness_of_fit_obs_esd               ? 
_refine.ls_hydrogen_treatment                    ? 
_refine.ls_matrix_type                           ? 
_refine.ls_number_constraints                    ? 
_refine.ls_number_parameters                     ? 
_refine.ls_number_reflns_all                     ? 
_refine.ls_number_reflns_obs                     47421 
_refine.ls_number_reflns_R_free                  2372 
_refine.ls_number_reflns_R_work                  ? 
_refine.ls_number_restraints                     ? 
_refine.ls_percent_reflns_obs                    91.68 
_refine.ls_percent_reflns_R_free                 5.00 
_refine.ls_R_factor_all                          ? 
_refine.ls_R_factor_obs                          0.1813 
_refine.ls_R_factor_R_free                       0.2032 
_refine.ls_R_factor_R_free_error                 ? 
_refine.ls_R_factor_R_free_error_details         ? 
_refine.ls_R_factor_R_work                       0.1801 
_refine.ls_R_Fsqd_factor_obs                     ? 
_refine.ls_R_I_factor_obs                        ? 
_refine.ls_redundancy_reflns_all                 ? 
_refine.ls_redundancy_reflns_obs                 ? 
_refine.ls_restrained_S_all                      ? 
_refine.ls_restrained_S_obs                      ? 
_refine.ls_shift_over_esd_max                    ? 
_refine.ls_shift_over_esd_mean                   ? 
_refine.ls_structure_factor_coef                 ? 
_refine.ls_weighting_details                     ? 
_refine.ls_weighting_scheme                      ? 
_refine.ls_wR_factor_all                         ? 
_refine.ls_wR_factor_obs                         ? 
_refine.ls_wR_factor_R_free                      ? 
_refine.ls_wR_factor_R_work                      ? 
_refine.occupancy_max                            ? 
_refine.occupancy_min                            ? 
_refine.solvent_model_details                    ? 
_refine.solvent_model_param_bsol                 ? 
_refine.solvent_model_param_ksol                 ? 
_refine.ls_R_factor_gt                           ? 
_refine.ls_goodness_of_fit_gt                    ? 
_refine.ls_goodness_of_fit_ref                   ? 
_refine.ls_shift_over_su_max                     ? 
_refine.ls_shift_over_su_max_lt                  ? 
_refine.ls_shift_over_su_mean                    ? 
_refine.ls_shift_over_su_mean_lt                 ? 
_refine.pdbx_ls_sigma_I                          ? 
_refine.pdbx_ls_sigma_F                          1.35 
_refine.pdbx_ls_sigma_Fsqd                       ? 
_refine.pdbx_data_cutoff_high_absF               ? 
_refine.pdbx_data_cutoff_high_rms_absF           ? 
_refine.pdbx_data_cutoff_low_absF                ? 
_refine.pdbx_isotropic_thermal_model             ? 
_refine.pdbx_ls_cross_valid_method               'FREE R-VALUE' 
_refine.pdbx_method_to_determine_struct          'MOLECULAR REPLACEMENT' 
_refine.pdbx_starting_model                      1REX 
_refine.pdbx_stereochemistry_target_values       ? 
_refine.pdbx_R_Free_selection_details            ? 
_refine.pdbx_stereochem_target_val_spec_case     ? 
_refine.pdbx_overall_ESU_R                       ? 
_refine.pdbx_overall_ESU_R_Free                  ? 
_refine.pdbx_solvent_vdw_probe_radii             1.11 
_refine.pdbx_solvent_ion_probe_radii             ? 
_refine.pdbx_solvent_shrinkage_radii             0.90 
_refine.pdbx_real_space_R                        ? 
_refine.pdbx_density_correlation                 ? 
_refine.pdbx_pd_number_of_powder_patterns        ? 
_refine.pdbx_pd_number_of_points                 ? 
_refine.pdbx_pd_meas_number_of_points            ? 
_refine.pdbx_pd_proc_ls_prof_R_factor            ? 
_refine.pdbx_pd_proc_ls_prof_wR_factor           ? 
_refine.pdbx_pd_Marquardt_correlation_coeff      ? 
_refine.pdbx_pd_Fsqrd_R_factor                   ? 
_refine.pdbx_pd_ls_matrix_band_width             ? 
_refine.pdbx_overall_phase_error                 22.07 
_refine.pdbx_overall_SU_R_free_Cruickshank_DPI   ? 
_refine.pdbx_overall_SU_R_free_Blow_DPI          ? 
_refine.pdbx_overall_SU_R_Blow_DPI               ? 
_refine.pdbx_TLS_residual_ADP_flag               ? 
_refine.pdbx_diffrn_id                           1 
_refine.overall_SU_B                             ? 
_refine.overall_SU_ML                            0.13 
_refine.overall_SU_R_Cruickshank_DPI             ? 
_refine.overall_SU_R_free                        ? 
_refine.overall_FOM_free_R_set                   ? 
_refine.overall_FOM_work_R_set                   ? 
_refine.pdbx_average_fsc_overall                 ? 
_refine.pdbx_average_fsc_work                    ? 
_refine.pdbx_average_fsc_free                    ? 
# 
_refine_hist.pdbx_refine_id                   'X-RAY DIFFRACTION' 
_refine_hist.cycle_id                         LAST 
_refine_hist.pdbx_number_atoms_protein        1029 
_refine_hist.pdbx_number_atoms_nucleic_acid   0 
_refine_hist.pdbx_number_atoms_ligand         52 
_refine_hist.number_atoms_solvent             160 
_refine_hist.number_atoms_total               1241 
_refine_hist.d_res_high                       1.061 
_refine_hist.d_res_low                        30.265 
# 
loop_
_refine_ls_restr.pdbx_refine_id 
_refine_ls_restr.criterion 
_refine_ls_restr.dev_ideal 
_refine_ls_restr.dev_ideal_target 
_refine_ls_restr.number 
_refine_ls_restr.rejects 
_refine_ls_restr.type 
_refine_ls_restr.weight 
_refine_ls_restr.pdbx_restraint_function 
'X-RAY DIFFRACTION' ? 0.013  ? 1288 ? f_bond_d           ? ? 
'X-RAY DIFFRACTION' ? 1.569  ? 1773 ? f_angle_d          ? ? 
'X-RAY DIFFRACTION' ? 27.705 ? 544  ? f_dihedral_angle_d ? ? 
'X-RAY DIFFRACTION' ? 0.105  ? 205  ? f_chiral_restr     ? ? 
'X-RAY DIFFRACTION' ? 0.009  ? 220  ? f_plane_restr      ? ? 
# 
loop_
_refine_ls_shell.pdbx_refine_id 
_refine_ls_shell.d_res_high 
_refine_ls_shell.d_res_low 
_refine_ls_shell.number_reflns_all 
_refine_ls_shell.number_reflns_obs 
_refine_ls_shell.number_reflns_R_free 
_refine_ls_shell.number_reflns_R_work 
_refine_ls_shell.percent_reflns_obs 
_refine_ls_shell.percent_reflns_R_free 
_refine_ls_shell.R_factor_all 
_refine_ls_shell.R_factor_obs 
_refine_ls_shell.R_factor_R_free 
_refine_ls_shell.R_factor_R_free_error 
_refine_ls_shell.R_factor_R_work 
_refine_ls_shell.redundancy_reflns_all 
_refine_ls_shell.redundancy_reflns_obs 
_refine_ls_shell.wR_factor_all 
_refine_ls_shell.wR_factor_obs 
_refine_ls_shell.wR_factor_R_free 
_refine_ls_shell.wR_factor_R_work 
_refine_ls_shell.pdbx_total_number_of_bins_used 
_refine_ls_shell.pdbx_phase_error 
_refine_ls_shell.pdbx_fsc_work 
_refine_ls_shell.pdbx_fsc_free 
'X-RAY DIFFRACTION' 1.0610 1.0827  . . 83  1579 55.00 . . . 0.3208 . 0.3418 . . . . . . . . . . 
'X-RAY DIFFRACTION' 1.0827 1.1062  . . 130 2479 87.00 . . . 0.3480 . 0.3007 . . . . . . . . . . 
'X-RAY DIFFRACTION' 1.1062 1.1320  . . 133 2528 89.00 . . . 0.2714 . 0.2600 . . . . . . . . . . 
'X-RAY DIFFRACTION' 1.1320 1.1603  . . 135 2560 90.00 . . . 0.2698 . 0.2385 . . . . . . . . . . 
'X-RAY DIFFRACTION' 1.1603 1.1917  . . 138 2625 92.00 . . . 0.2689 . 0.2280 . . . . . . . . . . 
'X-RAY DIFFRACTION' 1.1917 1.2267  . . 141 2670 93.00 . . . 0.2489 . 0.2173 . . . . . . . . . . 
'X-RAY DIFFRACTION' 1.2267 1.2663  . . 140 2664 93.00 . . . 0.2383 . 0.2110 . . . . . . . . . . 
'X-RAY DIFFRACTION' 1.2663 1.3116  . . 141 2673 94.00 . . . 0.2224 . 0.1979 . . . . . . . . . . 
'X-RAY DIFFRACTION' 1.3116 1.3641  . . 143 2694 94.00 . . . 0.2198 . 0.1921 . . . . . . . . . . 
'X-RAY DIFFRACTION' 1.3641 1.4262  . . 144 2735 95.00 . . . 0.1949 . 0.1866 . . . . . . . . . . 
'X-RAY DIFFRACTION' 1.4262 1.5014  . . 142 2758 95.00 . . . 0.1955 . 0.1741 . . . . . . . . . . 
'X-RAY DIFFRACTION' 1.5014 1.5954  . . 145 2742 95.00 . . . 0.2077 . 0.1697 . . . . . . . . . . 
'X-RAY DIFFRACTION' 1.5954 1.7186  . . 146 2778 96.00 . . . 0.2237 . 0.1675 . . . . . . . . . . 
'X-RAY DIFFRACTION' 1.7186 1.8915  . . 146 2784 96.00 . . . 0.1879 . 0.1823 . . . . . . . . . . 
'X-RAY DIFFRACTION' 1.8915 2.1652  . . 151 2831 96.00 . . . 0.1982 . 0.1691 . . . . . . . . . . 
'X-RAY DIFFRACTION' 2.1652 2.7276  . . 152 2873 97.00 . . . 0.2038 . 0.1711 . . . . . . . . . . 
'X-RAY DIFFRACTION' 2.7276 30.2778 . . 162 3076 99.00 . . . 0.1694 . 0.1576 . . . . . . . . . . 
# 
_struct.entry_id                     5LSH 
_struct.title                        
'human lysozyme in complex with a tetrasaccharide fragment of the O-chain of LPS from Klebsiella pneumoniae' 
_struct.pdbx_model_details           ? 
_struct.pdbx_formula_weight          ? 
_struct.pdbx_formula_weight_method   ? 
_struct.pdbx_model_type_details      ? 
_struct.pdbx_CASP_flag               N 
# 
_struct_keywords.entry_id        5LSH 
_struct_keywords.text            'lectin, complex, LPS, O-chain, sugar binding protein' 
_struct_keywords.pdbx_keywords   'SUGAR BINDING PROTEIN' 
# 
loop_
_struct_asym.id 
_struct_asym.pdbx_blank_PDB_chainid_flag 
_struct_asym.pdbx_modified 
_struct_asym.entity_id 
_struct_asym.details 
A N N 1 ? 
B N N 2 ? 
C N N 3 ? 
D N N 3 ? 
E N N 3 ? 
F N N 4 ? 
G N N 5 ? 
# 
_struct_ref.id                         1 
_struct_ref.db_name                    UNP 
_struct_ref.db_code                    LYSC_HUMAN 
_struct_ref.pdbx_db_accession          P61626 
_struct_ref.pdbx_db_isoform            ? 
_struct_ref.entity_id                  1 
_struct_ref.pdbx_seq_one_letter_code   
;KVFERCELARTLKRLGMDGYRGISLANWMCLAKWESGYNTRATNYNAGDRSTDYGIFQINSRYWCNDGKTPGAVNACHLS
CSALLQDNIADAVACAKRVVRDPQGIRAWVAWRNRCQNRDVRQYVQGCGV
;
_struct_ref.pdbx_align_begin           19 
# 
_struct_ref_seq.align_id                      1 
_struct_ref_seq.ref_id                        1 
_struct_ref_seq.pdbx_PDB_id_code              5LSH 
_struct_ref_seq.pdbx_strand_id                A 
_struct_ref_seq.seq_align_beg                 1 
_struct_ref_seq.pdbx_seq_align_beg_ins_code   ? 
_struct_ref_seq.seq_align_end                 130 
_struct_ref_seq.pdbx_seq_align_end_ins_code   ? 
_struct_ref_seq.pdbx_db_accession             P61626 
_struct_ref_seq.db_align_beg                  19 
_struct_ref_seq.pdbx_db_align_beg_ins_code    ? 
_struct_ref_seq.db_align_end                  148 
_struct_ref_seq.pdbx_db_align_end_ins_code    ? 
_struct_ref_seq.pdbx_auth_seq_align_beg       1 
_struct_ref_seq.pdbx_auth_seq_align_end       130 
# 
_pdbx_struct_assembly.id                   1 
_pdbx_struct_assembly.details              author_and_software_defined_assembly 
_pdbx_struct_assembly.method_details       PISA 
_pdbx_struct_assembly.oligomeric_details   monomeric 
_pdbx_struct_assembly.oligomeric_count     1 
# 
loop_
_pdbx_struct_assembly_prop.biol_id 
_pdbx_struct_assembly_prop.type 
_pdbx_struct_assembly_prop.value 
_pdbx_struct_assembly_prop.details 
1 'ABSA (A^2)' 350  ? 
1 MORE         -22  ? 
1 'SSA (A^2)'  6930 ? 
# 
_pdbx_struct_assembly_gen.assembly_id       1 
_pdbx_struct_assembly_gen.oper_expression   1 
_pdbx_struct_assembly_gen.asym_id_list      A,B,C,D,E,F,G 
# 
_pdbx_struct_oper_list.id                   1 
_pdbx_struct_oper_list.type                 'identity operation' 
_pdbx_struct_oper_list.name                 1_555 
_pdbx_struct_oper_list.symmetry_operation   x,y,z 
_pdbx_struct_oper_list.matrix[1][1]         1.0000000000 
_pdbx_struct_oper_list.matrix[1][2]         0.0000000000 
_pdbx_struct_oper_list.matrix[1][3]         0.0000000000 
_pdbx_struct_oper_list.vector[1]            0.0000000000 
_pdbx_struct_oper_list.matrix[2][1]         0.0000000000 
_pdbx_struct_oper_list.matrix[2][2]         1.0000000000 
_pdbx_struct_oper_list.matrix[2][3]         0.0000000000 
_pdbx_struct_oper_list.vector[2]            0.0000000000 
_pdbx_struct_oper_list.matrix[3][1]         0.0000000000 
_pdbx_struct_oper_list.matrix[3][2]         0.0000000000 
_pdbx_struct_oper_list.matrix[3][3]         1.0000000000 
_pdbx_struct_oper_list.vector[3]            0.0000000000 
# 
loop_
_struct_conf.conf_type_id 
_struct_conf.id 
_struct_conf.pdbx_PDB_helix_id 
_struct_conf.beg_label_comp_id 
_struct_conf.beg_label_asym_id 
_struct_conf.beg_label_seq_id 
_struct_conf.pdbx_beg_PDB_ins_code 
_struct_conf.end_label_comp_id 
_struct_conf.end_label_asym_id 
_struct_conf.end_label_seq_id 
_struct_conf.pdbx_end_PDB_ins_code 
_struct_conf.beg_auth_comp_id 
_struct_conf.beg_auth_asym_id 
_struct_conf.beg_auth_seq_id 
_struct_conf.end_auth_comp_id 
_struct_conf.end_auth_asym_id 
_struct_conf.end_auth_seq_id 
_struct_conf.pdbx_PDB_helix_class 
_struct_conf.details 
_struct_conf.pdbx_PDB_helix_length 
HELX_P HELX_P1 AA1 GLU A 4   ? LEU A 15  ? GLU A 4   LEU A 15  1 ? 12 
HELX_P HELX_P2 AA2 GLY A 19  ? ILE A 23  ? GLY A 19  ILE A 23  5 ? 5  
HELX_P HELX_P3 AA3 SER A 24  ? GLY A 37  ? SER A 24  GLY A 37  1 ? 14 
HELX_P HELX_P4 AA4 SER A 80  ? GLN A 86  ? SER A 80  GLN A 86  5 ? 7  
HELX_P HELX_P5 AA5 ILE A 89  ? ARG A 101 ? ILE A 89  ARG A 101 1 ? 13 
HELX_P HELX_P6 AA6 GLN A 104 ? ALA A 108 ? GLN A 104 ALA A 108 5 ? 5  
HELX_P HELX_P7 AA7 TRP A 109 ? CYS A 116 ? TRP A 109 CYS A 116 1 ? 8  
HELX_P HELX_P8 AA8 VAL A 121 ? VAL A 125 ? VAL A 121 VAL A 125 5 ? 5  
# 
_struct_conf_type.id          HELX_P 
_struct_conf_type.criteria    ? 
_struct_conf_type.reference   ? 
# 
loop_
_struct_conn.id 
_struct_conn.conn_type_id 
_struct_conn.pdbx_leaving_atom_flag 
_struct_conn.pdbx_PDB_id 
_struct_conn.ptnr1_label_asym_id 
_struct_conn.ptnr1_label_comp_id 
_struct_conn.ptnr1_label_seq_id 
_struct_conn.ptnr1_label_atom_id 
_struct_conn.pdbx_ptnr1_label_alt_id 
_struct_conn.pdbx_ptnr1_PDB_ins_code 
_struct_conn.pdbx_ptnr1_standard_comp_id 
_struct_conn.ptnr1_symmetry 
_struct_conn.ptnr2_label_asym_id 
_struct_conn.ptnr2_label_comp_id 
_struct_conn.ptnr2_label_seq_id 
_struct_conn.ptnr2_label_atom_id 
_struct_conn.pdbx_ptnr2_label_alt_id 
_struct_conn.pdbx_ptnr2_PDB_ins_code 
_struct_conn.ptnr1_auth_asym_id 
_struct_conn.ptnr1_auth_comp_id 
_struct_conn.ptnr1_auth_seq_id 
_struct_conn.ptnr2_auth_asym_id 
_struct_conn.ptnr2_auth_comp_id 
_struct_conn.ptnr2_auth_seq_id 
_struct_conn.ptnr2_symmetry 
_struct_conn.pdbx_ptnr3_label_atom_id 
_struct_conn.pdbx_ptnr3_label_seq_id 
_struct_conn.pdbx_ptnr3_label_comp_id 
_struct_conn.pdbx_ptnr3_label_asym_id 
_struct_conn.pdbx_ptnr3_label_alt_id 
_struct_conn.pdbx_ptnr3_PDB_ins_code 
_struct_conn.details 
_struct_conn.pdbx_dist_value 
_struct_conn.pdbx_value_order 
_struct_conn.pdbx_role 
disulf1 disulf ?    ? A CYS 6   SG ? ? ? 1_555 A CYS 128 SG ? ? A CYS 6   A CYS 128 1_555 ? ? ? ? ? ? ? 2.088 ?    ? 
disulf2 disulf ?    ? A CYS 30  SG ? ? ? 1_555 A CYS 116 SG ? ? A CYS 30  A CYS 116 1_555 ? ? ? ? ? ? ? 2.086 ?    ? 
disulf3 disulf ?    ? A CYS 65  SG ? ? ? 1_555 A CYS 81  SG ? ? A CYS 65  A CYS 81  1_555 ? ? ? ? ? ? ? 2.048 ?    ? 
disulf4 disulf ?    ? A CYS 77  SG ? ? ? 1_555 A CYS 95  SG ? ? A CYS 77  A CYS 95  1_555 ? ? ? ? ? ? ? 2.045 ?    ? 
covale1 covale both ? B TVG .   O3 A ? ? 1_555 B GLA .   C1 A ? B TVG 1   B GLA 2   1_555 ? ? ? ? ? ? ? 1.436 sing ? 
covale2 covale both ? B TVG .   O3 B ? ? 1_555 B GLA .   C1 B ? B TVG 1   B GLA 2   1_555 ? ? ? ? ? ? ? 1.426 sing ? 
covale3 covale both ? B GLA .   O3 A ? ? 1_555 B GZL .   C1 A ? B GLA 2   B GZL 3   1_555 ? ? ? ? ? ? ? 1.418 sing ? 
covale4 covale both ? B GLA .   O3 B ? ? 1_555 B GZL .   C1 B ? B GLA 2   B GZL 3   1_555 ? ? ? ? ? ? ? 1.416 sing ? 
covale5 covale both ? B GZL .   O3 A ? ? 1_555 B GLA .   C1 A ? B GZL 3   B GLA 4   1_555 ? ? ? ? ? ? ? 1.445 sing ? 
covale6 covale both ? B GZL .   O3 B ? ? 1_555 B GLA .   C1 B ? B GZL 3   B GLA 4   1_555 ? ? ? ? ? ? ? 1.433 sing ? 
metalc1 metalc ?    ? A THR 11  O  ? ? ? 1_555 F NA  .   NA ? ? A THR 11  A NA  204 4_456 ? ? ? ? ? ? ? 2.945 ?    ? 
metalc2 metalc ?    ? A GLY 127 O  ? ? ? 1_555 F NA  .   NA ? ? A GLY 127 A NA  204 1_555 ? ? ? ? ? ? ? 2.692 ?    ? 
metalc3 metalc ?    ? F NA  .   NA ? ? ? 1_555 G HOH .   O  ? ? A NA  204 A HOH 448 4_556 ? ? ? ? ? ? ? 2.795 ?    ? 
# 
loop_
_struct_conn_type.id 
_struct_conn_type.criteria 
_struct_conn_type.reference 
disulf ? ? 
covale ? ? 
metalc ? ? 
# 
loop_
_pdbx_struct_conn_angle.id 
_pdbx_struct_conn_angle.ptnr1_label_atom_id 
_pdbx_struct_conn_angle.ptnr1_label_alt_id 
_pdbx_struct_conn_angle.ptnr1_label_asym_id 
_pdbx_struct_conn_angle.ptnr1_label_comp_id 
_pdbx_struct_conn_angle.ptnr1_label_seq_id 
_pdbx_struct_conn_angle.ptnr1_auth_atom_id 
_pdbx_struct_conn_angle.ptnr1_auth_asym_id 
_pdbx_struct_conn_angle.ptnr1_auth_comp_id 
_pdbx_struct_conn_angle.ptnr1_auth_seq_id 
_pdbx_struct_conn_angle.ptnr1_PDB_ins_code 
_pdbx_struct_conn_angle.ptnr1_symmetry 
_pdbx_struct_conn_angle.ptnr2_label_atom_id 
_pdbx_struct_conn_angle.ptnr2_label_alt_id 
_pdbx_struct_conn_angle.ptnr2_label_asym_id 
_pdbx_struct_conn_angle.ptnr2_label_comp_id 
_pdbx_struct_conn_angle.ptnr2_label_seq_id 
_pdbx_struct_conn_angle.ptnr2_auth_atom_id 
_pdbx_struct_conn_angle.ptnr2_auth_asym_id 
_pdbx_struct_conn_angle.ptnr2_auth_comp_id 
_pdbx_struct_conn_angle.ptnr2_auth_seq_id 
_pdbx_struct_conn_angle.ptnr2_PDB_ins_code 
_pdbx_struct_conn_angle.ptnr2_symmetry 
_pdbx_struct_conn_angle.ptnr3_label_atom_id 
_pdbx_struct_conn_angle.ptnr3_label_alt_id 
_pdbx_struct_conn_angle.ptnr3_label_asym_id 
_pdbx_struct_conn_angle.ptnr3_label_comp_id 
_pdbx_struct_conn_angle.ptnr3_label_seq_id 
_pdbx_struct_conn_angle.ptnr3_auth_atom_id 
_pdbx_struct_conn_angle.ptnr3_auth_asym_id 
_pdbx_struct_conn_angle.ptnr3_auth_comp_id 
_pdbx_struct_conn_angle.ptnr3_auth_seq_id 
_pdbx_struct_conn_angle.ptnr3_PDB_ins_code 
_pdbx_struct_conn_angle.ptnr3_symmetry 
_pdbx_struct_conn_angle.value 
_pdbx_struct_conn_angle.value_esd 
1 O ? A THR 11  ? A THR 11  ? 1_555 NA ? F NA . ? A NA 204 ? 4_456 O ? A GLY 127 ? A GLY 127 ? 1_555 57.2 ? 
2 O ? A THR 11  ? A THR 11  ? 1_555 NA ? F NA . ? A NA 204 ? 4_456 O ? G HOH .   ? A HOH 448 ? 4_556 58.5 ? 
3 O ? A GLY 127 ? A GLY 127 ? 1_555 NA ? F NA . ? A NA 204 ? 4_456 O ? G HOH .   ? A HOH 448 ? 4_556 8.3  ? 
# 
loop_
_pdbx_modification_feature.ordinal 
_pdbx_modification_feature.label_comp_id 
_pdbx_modification_feature.label_asym_id 
_pdbx_modification_feature.label_seq_id 
_pdbx_modification_feature.label_alt_id 
_pdbx_modification_feature.modified_residue_label_comp_id 
_pdbx_modification_feature.modified_residue_label_asym_id 
_pdbx_modification_feature.modified_residue_label_seq_id 
_pdbx_modification_feature.modified_residue_label_alt_id 
_pdbx_modification_feature.auth_comp_id 
_pdbx_modification_feature.auth_asym_id 
_pdbx_modification_feature.auth_seq_id 
_pdbx_modification_feature.PDB_ins_code 
_pdbx_modification_feature.symmetry 
_pdbx_modification_feature.modified_residue_auth_comp_id 
_pdbx_modification_feature.modified_residue_auth_asym_id 
_pdbx_modification_feature.modified_residue_auth_seq_id 
_pdbx_modification_feature.modified_residue_PDB_ins_code 
_pdbx_modification_feature.modified_residue_symmetry 
_pdbx_modification_feature.comp_id_linking_atom 
_pdbx_modification_feature.modified_residue_id_linking_atom 
_pdbx_modification_feature.modified_residue_id 
_pdbx_modification_feature.ref_pcm_id 
_pdbx_modification_feature.ref_comp_id 
_pdbx_modification_feature.type 
_pdbx_modification_feature.category 
1 CYS A 6  ? CYS A 128 ? CYS A 6  ? 1_555 CYS A 128 ? 1_555 SG SG . . . None 'Disulfide bridge' 
2 CYS A 30 ? CYS A 116 ? CYS A 30 ? 1_555 CYS A 116 ? 1_555 SG SG . . . None 'Disulfide bridge' 
3 CYS A 65 ? CYS A 81  ? CYS A 65 ? 1_555 CYS A 81  ? 1_555 SG SG . . . None 'Disulfide bridge' 
4 CYS A 77 ? CYS A 95  ? CYS A 77 ? 1_555 CYS A 95  ? 1_555 SG SG . . . None 'Disulfide bridge' 
# 
_struct_sheet.id               AA1 
_struct_sheet.type             ? 
_struct_sheet.number_strands   3 
_struct_sheet.details          ? 
# 
loop_
_struct_sheet_order.sheet_id 
_struct_sheet_order.range_id_1 
_struct_sheet_order.range_id_2 
_struct_sheet_order.offset 
_struct_sheet_order.sense 
AA1 1 2 ? anti-parallel 
AA1 2 3 ? anti-parallel 
# 
loop_
_struct_sheet_range.sheet_id 
_struct_sheet_range.id 
_struct_sheet_range.beg_label_comp_id 
_struct_sheet_range.beg_label_asym_id 
_struct_sheet_range.beg_label_seq_id 
_struct_sheet_range.pdbx_beg_PDB_ins_code 
_struct_sheet_range.end_label_comp_id 
_struct_sheet_range.end_label_asym_id 
_struct_sheet_range.end_label_seq_id 
_struct_sheet_range.pdbx_end_PDB_ins_code 
_struct_sheet_range.beg_auth_comp_id 
_struct_sheet_range.beg_auth_asym_id 
_struct_sheet_range.beg_auth_seq_id 
_struct_sheet_range.end_auth_comp_id 
_struct_sheet_range.end_auth_asym_id 
_struct_sheet_range.end_auth_seq_id 
AA1 1 THR A 43 ? TYR A 45 ? THR A 43 TYR A 45 
AA1 2 THR A 52 ? TYR A 54 ? THR A 52 TYR A 54 
AA1 3 ILE A 59 ? ASN A 60 ? ILE A 59 ASN A 60 
# 
loop_
_pdbx_struct_sheet_hbond.sheet_id 
_pdbx_struct_sheet_hbond.range_id_1 
_pdbx_struct_sheet_hbond.range_id_2 
_pdbx_struct_sheet_hbond.range_1_label_atom_id 
_pdbx_struct_sheet_hbond.range_1_label_comp_id 
_pdbx_struct_sheet_hbond.range_1_label_asym_id 
_pdbx_struct_sheet_hbond.range_1_label_seq_id 
_pdbx_struct_sheet_hbond.range_1_PDB_ins_code 
_pdbx_struct_sheet_hbond.range_1_auth_atom_id 
_pdbx_struct_sheet_hbond.range_1_auth_comp_id 
_pdbx_struct_sheet_hbond.range_1_auth_asym_id 
_pdbx_struct_sheet_hbond.range_1_auth_seq_id 
_pdbx_struct_sheet_hbond.range_2_label_atom_id 
_pdbx_struct_sheet_hbond.range_2_label_comp_id 
_pdbx_struct_sheet_hbond.range_2_label_asym_id 
_pdbx_struct_sheet_hbond.range_2_label_seq_id 
_pdbx_struct_sheet_hbond.range_2_PDB_ins_code 
_pdbx_struct_sheet_hbond.range_2_auth_atom_id 
_pdbx_struct_sheet_hbond.range_2_auth_comp_id 
_pdbx_struct_sheet_hbond.range_2_auth_asym_id 
_pdbx_struct_sheet_hbond.range_2_auth_seq_id 
AA1 1 2 N ASN A 44 ? N ASN A 44 O ASP A 53 ? O ASP A 53 
AA1 2 3 N TYR A 54 ? N TYR A 54 O ILE A 59 ? O ILE A 59 
# 
_pdbx_entry_details.entry_id                   5LSH 
_pdbx_entry_details.compound_details           ? 
_pdbx_entry_details.source_details             ? 
_pdbx_entry_details.nonpolymer_details         ? 
_pdbx_entry_details.sequence_details           ? 
_pdbx_entry_details.has_ligand_of_interest     ? 
_pdbx_entry_details.has_protein_modification   Y 
# 
loop_
_pdbx_validate_close_contact.id 
_pdbx_validate_close_contact.PDB_model_num 
_pdbx_validate_close_contact.auth_atom_id_1 
_pdbx_validate_close_contact.auth_asym_id_1 
_pdbx_validate_close_contact.auth_comp_id_1 
_pdbx_validate_close_contact.auth_seq_id_1 
_pdbx_validate_close_contact.PDB_ins_code_1 
_pdbx_validate_close_contact.label_alt_id_1 
_pdbx_validate_close_contact.auth_atom_id_2 
_pdbx_validate_close_contact.auth_asym_id_2 
_pdbx_validate_close_contact.auth_comp_id_2 
_pdbx_validate_close_contact.auth_seq_id_2 
_pdbx_validate_close_contact.PDB_ins_code_2 
_pdbx_validate_close_contact.label_alt_id_2 
_pdbx_validate_close_contact.dist 
1 1 O   A HOH 302 ? ? O A HOH 383 ? ? 1.90 
2 1 O   A HOH 303 ? ? O A HOH 339 ? ? 1.93 
3 1 O   A HOH 309 ? ? O A HOH 383 ? ? 2.09 
4 1 NE2 A GLN 126 ? ? O A HOH 301 ? ? 2.13 
5 1 O   A HOH 309 ? ? O A HOH 340 ? ? 2.15 
6 1 OE2 A GLU 35  ? B O A HOH 302 ? ? 2.15 
7 1 OG1 A THR 43  ? A O A HOH 303 ? ? 2.17 
# 
_pdbx_validate_rmsd_bond.id                        1 
_pdbx_validate_rmsd_bond.PDB_model_num             1 
_pdbx_validate_rmsd_bond.auth_atom_id_1            CD 
_pdbx_validate_rmsd_bond.auth_asym_id_1            A 
_pdbx_validate_rmsd_bond.auth_comp_id_1            GLU 
_pdbx_validate_rmsd_bond.auth_seq_id_1             4 
_pdbx_validate_rmsd_bond.PDB_ins_code_1            ? 
_pdbx_validate_rmsd_bond.label_alt_id_1            ? 
_pdbx_validate_rmsd_bond.auth_atom_id_2            OE2 
_pdbx_validate_rmsd_bond.auth_asym_id_2            A 
_pdbx_validate_rmsd_bond.auth_comp_id_2            GLU 
_pdbx_validate_rmsd_bond.auth_seq_id_2             4 
_pdbx_validate_rmsd_bond.PDB_ins_code_2            ? 
_pdbx_validate_rmsd_bond.label_alt_id_2            ? 
_pdbx_validate_rmsd_bond.bond_value                1.323 
_pdbx_validate_rmsd_bond.bond_target_value         1.252 
_pdbx_validate_rmsd_bond.bond_deviation            0.071 
_pdbx_validate_rmsd_bond.bond_standard_deviation   0.011 
_pdbx_validate_rmsd_bond.linker_flag               N 
# 
_pdbx_validate_torsion.id              1 
_pdbx_validate_torsion.PDB_model_num   1 
_pdbx_validate_torsion.auth_comp_id    CYS 
_pdbx_validate_torsion.auth_asym_id    A 
_pdbx_validate_torsion.auth_seq_id     116 
_pdbx_validate_torsion.PDB_ins_code    ? 
_pdbx_validate_torsion.label_alt_id    ? 
_pdbx_validate_torsion.phi             -132.60 
_pdbx_validate_torsion.psi             -37.62 
# 
loop_
_chem_comp_atom.comp_id 
_chem_comp_atom.atom_id 
_chem_comp_atom.type_symbol 
_chem_comp_atom.pdbx_aromatic_flag 
_chem_comp_atom.pdbx_stereo_config 
_chem_comp_atom.pdbx_ordinal 
ALA N    N  N N 1   
ALA CA   C  N S 2   
ALA C    C  N N 3   
ALA O    O  N N 4   
ALA CB   C  N N 5   
ALA OXT  O  N N 6   
ALA H    H  N N 7   
ALA H2   H  N N 8   
ALA HA   H  N N 9   
ALA HB1  H  N N 10  
ALA HB2  H  N N 11  
ALA HB3  H  N N 12  
ALA HXT  H  N N 13  
ARG N    N  N N 14  
ARG CA   C  N S 15  
ARG C    C  N N 16  
ARG O    O  N N 17  
ARG CB   C  N N 18  
ARG CG   C  N N 19  
ARG CD   C  N N 20  
ARG NE   N  N N 21  
ARG CZ   C  N N 22  
ARG NH1  N  N N 23  
ARG NH2  N  N N 24  
ARG OXT  O  N N 25  
ARG H    H  N N 26  
ARG H2   H  N N 27  
ARG HA   H  N N 28  
ARG HB2  H  N N 29  
ARG HB3  H  N N 30  
ARG HG2  H  N N 31  
ARG HG3  H  N N 32  
ARG HD2  H  N N 33  
ARG HD3  H  N N 34  
ARG HE   H  N N 35  
ARG HH11 H  N N 36  
ARG HH12 H  N N 37  
ARG HH21 H  N N 38  
ARG HH22 H  N N 39  
ARG HXT  H  N N 40  
ASN N    N  N N 41  
ASN CA   C  N S 42  
ASN C    C  N N 43  
ASN O    O  N N 44  
ASN CB   C  N N 45  
ASN CG   C  N N 46  
ASN OD1  O  N N 47  
ASN ND2  N  N N 48  
ASN OXT  O  N N 49  
ASN H    H  N N 50  
ASN H2   H  N N 51  
ASN HA   H  N N 52  
ASN HB2  H  N N 53  
ASN HB3  H  N N 54  
ASN HD21 H  N N 55  
ASN HD22 H  N N 56  
ASN HXT  H  N N 57  
ASP N    N  N N 58  
ASP CA   C  N S 59  
ASP C    C  N N 60  
ASP O    O  N N 61  
ASP CB   C  N N 62  
ASP CG   C  N N 63  
ASP OD1  O  N N 64  
ASP OD2  O  N N 65  
ASP OXT  O  N N 66  
ASP H    H  N N 67  
ASP H2   H  N N 68  
ASP HA   H  N N 69  
ASP HB2  H  N N 70  
ASP HB3  H  N N 71  
ASP HD2  H  N N 72  
ASP HXT  H  N N 73  
CL  CL   CL N N 74  
CYS N    N  N N 75  
CYS CA   C  N R 76  
CYS C    C  N N 77  
CYS O    O  N N 78  
CYS CB   C  N N 79  
CYS SG   S  N N 80  
CYS OXT  O  N N 81  
CYS H    H  N N 82  
CYS H2   H  N N 83  
CYS HA   H  N N 84  
CYS HB2  H  N N 85  
CYS HB3  H  N N 86  
CYS HG   H  N N 87  
CYS HXT  H  N N 88  
GLA C1   C  N S 89  
GLA C2   C  N R 90  
GLA C3   C  N S 91  
GLA C4   C  N R 92  
GLA C5   C  N R 93  
GLA C6   C  N N 94  
GLA O1   O  N N 95  
GLA O2   O  N N 96  
GLA O3   O  N N 97  
GLA O4   O  N N 98  
GLA O5   O  N N 99  
GLA O6   O  N N 100 
GLA H1   H  N N 101 
GLA H2   H  N N 102 
GLA H3   H  N N 103 
GLA H4   H  N N 104 
GLA H5   H  N N 105 
GLA H61  H  N N 106 
GLA H62  H  N N 107 
GLA HO1  H  N N 108 
GLA HO2  H  N N 109 
GLA HO3  H  N N 110 
GLA HO4  H  N N 111 
GLA HO6  H  N N 112 
GLN N    N  N N 113 
GLN CA   C  N S 114 
GLN C    C  N N 115 
GLN O    O  N N 116 
GLN CB   C  N N 117 
GLN CG   C  N N 118 
GLN CD   C  N N 119 
GLN OE1  O  N N 120 
GLN NE2  N  N N 121 
GLN OXT  O  N N 122 
GLN H    H  N N 123 
GLN H2   H  N N 124 
GLN HA   H  N N 125 
GLN HB2  H  N N 126 
GLN HB3  H  N N 127 
GLN HG2  H  N N 128 
GLN HG3  H  N N 129 
GLN HE21 H  N N 130 
GLN HE22 H  N N 131 
GLN HXT  H  N N 132 
GLU N    N  N N 133 
GLU CA   C  N S 134 
GLU C    C  N N 135 
GLU O    O  N N 136 
GLU CB   C  N N 137 
GLU CG   C  N N 138 
GLU CD   C  N N 139 
GLU OE1  O  N N 140 
GLU OE2  O  N N 141 
GLU OXT  O  N N 142 
GLU H    H  N N 143 
GLU H2   H  N N 144 
GLU HA   H  N N 145 
GLU HB2  H  N N 146 
GLU HB3  H  N N 147 
GLU HG2  H  N N 148 
GLU HG3  H  N N 149 
GLU HE2  H  N N 150 
GLU HXT  H  N N 151 
GLY N    N  N N 152 
GLY CA   C  N N 153 
GLY C    C  N N 154 
GLY O    O  N N 155 
GLY OXT  O  N N 156 
GLY H    H  N N 157 
GLY H2   H  N N 158 
GLY HA2  H  N N 159 
GLY HA3  H  N N 160 
GLY HXT  H  N N 161 
GZL C6   C  N N 162 
GZL C5   C  N S 163 
GZL C4   C  N S 164 
GZL C3   C  N S 165 
GZL C2   C  N R 166 
GZL O6   O  N N 167 
GZL O5   O  N N 168 
GZL O4   O  N N 169 
GZL O3   O  N N 170 
GZL C1   C  N R 171 
GZL O2   O  N N 172 
GZL O1   O  N N 173 
GZL H61  H  N N 174 
GZL H62  H  N N 175 
GZL HO6  H  N N 176 
GZL H5   H  N N 177 
GZL H4   H  N N 178 
GZL HO5  H  N N 179 
GZL H3   H  N N 180 
GZL HO3  H  N N 181 
GZL H2   H  N N 182 
GZL H1   H  N N 183 
GZL HO2  H  N N 184 
GZL HO1  H  N N 185 
HIS N    N  N N 186 
HIS CA   C  N S 187 
HIS C    C  N N 188 
HIS O    O  N N 189 
HIS CB   C  N N 190 
HIS CG   C  Y N 191 
HIS ND1  N  Y N 192 
HIS CD2  C  Y N 193 
HIS CE1  C  Y N 194 
HIS NE2  N  Y N 195 
HIS OXT  O  N N 196 
HIS H    H  N N 197 
HIS H2   H  N N 198 
HIS HA   H  N N 199 
HIS HB2  H  N N 200 
HIS HB3  H  N N 201 
HIS HD1  H  N N 202 
HIS HD2  H  N N 203 
HIS HE1  H  N N 204 
HIS HE2  H  N N 205 
HIS HXT  H  N N 206 
HOH O    O  N N 207 
HOH H1   H  N N 208 
HOH H2   H  N N 209 
ILE N    N  N N 210 
ILE CA   C  N S 211 
ILE C    C  N N 212 
ILE O    O  N N 213 
ILE CB   C  N S 214 
ILE CG1  C  N N 215 
ILE CG2  C  N N 216 
ILE CD1  C  N N 217 
ILE OXT  O  N N 218 
ILE H    H  N N 219 
ILE H2   H  N N 220 
ILE HA   H  N N 221 
ILE HB   H  N N 222 
ILE HG12 H  N N 223 
ILE HG13 H  N N 224 
ILE HG21 H  N N 225 
ILE HG22 H  N N 226 
ILE HG23 H  N N 227 
ILE HD11 H  N N 228 
ILE HD12 H  N N 229 
ILE HD13 H  N N 230 
ILE HXT  H  N N 231 
LEU N    N  N N 232 
LEU CA   C  N S 233 
LEU C    C  N N 234 
LEU O    O  N N 235 
LEU CB   C  N N 236 
LEU CG   C  N N 237 
LEU CD1  C  N N 238 
LEU CD2  C  N N 239 
LEU OXT  O  N N 240 
LEU H    H  N N 241 
LEU H2   H  N N 242 
LEU HA   H  N N 243 
LEU HB2  H  N N 244 
LEU HB3  H  N N 245 
LEU HG   H  N N 246 
LEU HD11 H  N N 247 
LEU HD12 H  N N 248 
LEU HD13 H  N N 249 
LEU HD21 H  N N 250 
LEU HD22 H  N N 251 
LEU HD23 H  N N 252 
LEU HXT  H  N N 253 
LYS N    N  N N 254 
LYS CA   C  N S 255 
LYS C    C  N N 256 
LYS O    O  N N 257 
LYS CB   C  N N 258 
LYS CG   C  N N 259 
LYS CD   C  N N 260 
LYS CE   C  N N 261 
LYS NZ   N  N N 262 
LYS OXT  O  N N 263 
LYS H    H  N N 264 
LYS H2   H  N N 265 
LYS HA   H  N N 266 
LYS HB2  H  N N 267 
LYS HB3  H  N N 268 
LYS HG2  H  N N 269 
LYS HG3  H  N N 270 
LYS HD2  H  N N 271 
LYS HD3  H  N N 272 
LYS HE2  H  N N 273 
LYS HE3  H  N N 274 
LYS HZ1  H  N N 275 
LYS HZ2  H  N N 276 
LYS HZ3  H  N N 277 
LYS HXT  H  N N 278 
MET N    N  N N 279 
MET CA   C  N S 280 
MET C    C  N N 281 
MET O    O  N N 282 
MET CB   C  N N 283 
MET CG   C  N N 284 
MET SD   S  N N 285 
MET CE   C  N N 286 
MET OXT  O  N N 287 
MET H    H  N N 288 
MET H2   H  N N 289 
MET HA   H  N N 290 
MET HB2  H  N N 291 
MET HB3  H  N N 292 
MET HG2  H  N N 293 
MET HG3  H  N N 294 
MET HE1  H  N N 295 
MET HE2  H  N N 296 
MET HE3  H  N N 297 
MET HXT  H  N N 298 
NA  NA   NA N N 299 
PHE N    N  N N 300 
PHE CA   C  N S 301 
PHE C    C  N N 302 
PHE O    O  N N 303 
PHE CB   C  N N 304 
PHE CG   C  Y N 305 
PHE CD1  C  Y N 306 
PHE CD2  C  Y N 307 
PHE CE1  C  Y N 308 
PHE CE2  C  Y N 309 
PHE CZ   C  Y N 310 
PHE OXT  O  N N 311 
PHE H    H  N N 312 
PHE H2   H  N N 313 
PHE HA   H  N N 314 
PHE HB2  H  N N 315 
PHE HB3  H  N N 316 
PHE HD1  H  N N 317 
PHE HD2  H  N N 318 
PHE HE1  H  N N 319 
PHE HE2  H  N N 320 
PHE HZ   H  N N 321 
PHE HXT  H  N N 322 
PRO N    N  N N 323 
PRO CA   C  N S 324 
PRO C    C  N N 325 
PRO O    O  N N 326 
PRO CB   C  N N 327 
PRO CG   C  N N 328 
PRO CD   C  N N 329 
PRO OXT  O  N N 330 
PRO H    H  N N 331 
PRO HA   H  N N 332 
PRO HB2  H  N N 333 
PRO HB3  H  N N 334 
PRO HG2  H  N N 335 
PRO HG3  H  N N 336 
PRO HD2  H  N N 337 
PRO HD3  H  N N 338 
PRO HXT  H  N N 339 
SER N    N  N N 340 
SER CA   C  N S 341 
SER C    C  N N 342 
SER O    O  N N 343 
SER CB   C  N N 344 
SER OG   O  N N 345 
SER OXT  O  N N 346 
SER H    H  N N 347 
SER H2   H  N N 348 
SER HA   H  N N 349 
SER HB2  H  N N 350 
SER HB3  H  N N 351 
SER HG   H  N N 352 
SER HXT  H  N N 353 
THR N    N  N N 354 
THR CA   C  N S 355 
THR C    C  N N 356 
THR O    O  N N 357 
THR CB   C  N R 358 
THR OG1  O  N N 359 
THR CG2  C  N N 360 
THR OXT  O  N N 361 
THR H    H  N N 362 
THR H2   H  N N 363 
THR HA   H  N N 364 
THR HB   H  N N 365 
THR HG1  H  N N 366 
THR HG21 H  N N 367 
THR HG22 H  N N 368 
THR HG23 H  N N 369 
THR HXT  H  N N 370 
TRP N    N  N N 371 
TRP CA   C  N S 372 
TRP C    C  N N 373 
TRP O    O  N N 374 
TRP CB   C  N N 375 
TRP CG   C  Y N 376 
TRP CD1  C  Y N 377 
TRP CD2  C  Y N 378 
TRP NE1  N  Y N 379 
TRP CE2  C  Y N 380 
TRP CE3  C  Y N 381 
TRP CZ2  C  Y N 382 
TRP CZ3  C  Y N 383 
TRP CH2  C  Y N 384 
TRP OXT  O  N N 385 
TRP H    H  N N 386 
TRP H2   H  N N 387 
TRP HA   H  N N 388 
TRP HB2  H  N N 389 
TRP HB3  H  N N 390 
TRP HD1  H  N N 391 
TRP HE1  H  N N 392 
TRP HE3  H  N N 393 
TRP HZ2  H  N N 394 
TRP HZ3  H  N N 395 
TRP HH2  H  N N 396 
TRP HXT  H  N N 397 
TVG O3   O  N N 398 
TVG C3   C  N R 399 
TVG C2   C  N R 400 
TVG O2   O  N N 401 
TVG C1   C  N R 402 
TVG O1   O  N N 403 
TVG O4   O  N N 404 
TVG C4   C  N S 405 
TVG C5   C  N R 406 
TVG O5   O  N N 407 
TVG C6   C  N N 408 
TVG O6   O  N N 409 
TVG C7   C  N N 410 
TVG C8   C  N N 411 
TVG C9   C  N N 412 
TVG H3   H  N N 413 
TVG H2   H  N N 414 
TVG HO2  H  N N 415 
TVG H1   H  N N 416 
TVG H4   H  N N 417 
TVG H5   H  N N 418 
TVG HO5  H  N N 419 
TVG H61  H  N N 420 
TVG H62  H  N N 421 
TVG HO6  H  N N 422 
TVG H71  H  N N 423 
TVG H72  H  N N 424 
TVG H82  H  N N 425 
TVG H81  H  N N 426 
TVG H91  H  N N 427 
TVG H92  H  N N 428 
TVG H93  H  N N 429 
TVG HO3  H  N N 430 
TYR N    N  N N 431 
TYR CA   C  N S 432 
TYR C    C  N N 433 
TYR O    O  N N 434 
TYR CB   C  N N 435 
TYR CG   C  Y N 436 
TYR CD1  C  Y N 437 
TYR CD2  C  Y N 438 
TYR CE1  C  Y N 439 
TYR CE2  C  Y N 440 
TYR CZ   C  Y N 441 
TYR OH   O  N N 442 
TYR OXT  O  N N 443 
TYR H    H  N N 444 
TYR H2   H  N N 445 
TYR HA   H  N N 446 
TYR HB2  H  N N 447 
TYR HB3  H  N N 448 
TYR HD1  H  N N 449 
TYR HD2  H  N N 450 
TYR HE1  H  N N 451 
TYR HE2  H  N N 452 
TYR HH   H  N N 453 
TYR HXT  H  N N 454 
VAL N    N  N N 455 
VAL CA   C  N S 456 
VAL C    C  N N 457 
VAL O    O  N N 458 
VAL CB   C  N N 459 
VAL CG1  C  N N 460 
VAL CG2  C  N N 461 
VAL OXT  O  N N 462 
VAL H    H  N N 463 
VAL H2   H  N N 464 
VAL HA   H  N N 465 
VAL HB   H  N N 466 
VAL HG11 H  N N 467 
VAL HG12 H  N N 468 
VAL HG13 H  N N 469 
VAL HG21 H  N N 470 
VAL HG22 H  N N 471 
VAL HG23 H  N N 472 
VAL HXT  H  N N 473 
# 
loop_
_chem_comp_bond.comp_id 
_chem_comp_bond.atom_id_1 
_chem_comp_bond.atom_id_2 
_chem_comp_bond.value_order 
_chem_comp_bond.pdbx_aromatic_flag 
_chem_comp_bond.pdbx_stereo_config 
_chem_comp_bond.pdbx_ordinal 
ALA N   CA   sing N N 1   
ALA N   H    sing N N 2   
ALA N   H2   sing N N 3   
ALA CA  C    sing N N 4   
ALA CA  CB   sing N N 5   
ALA CA  HA   sing N N 6   
ALA C   O    doub N N 7   
ALA C   OXT  sing N N 8   
ALA CB  HB1  sing N N 9   
ALA CB  HB2  sing N N 10  
ALA CB  HB3  sing N N 11  
ALA OXT HXT  sing N N 12  
ARG N   CA   sing N N 13  
ARG N   H    sing N N 14  
ARG N   H2   sing N N 15  
ARG CA  C    sing N N 16  
ARG CA  CB   sing N N 17  
ARG CA  HA   sing N N 18  
ARG C   O    doub N N 19  
ARG C   OXT  sing N N 20  
ARG CB  CG   sing N N 21  
ARG CB  HB2  sing N N 22  
ARG CB  HB3  sing N N 23  
ARG CG  CD   sing N N 24  
ARG CG  HG2  sing N N 25  
ARG CG  HG3  sing N N 26  
ARG CD  NE   sing N N 27  
ARG CD  HD2  sing N N 28  
ARG CD  HD3  sing N N 29  
ARG NE  CZ   sing N N 30  
ARG NE  HE   sing N N 31  
ARG CZ  NH1  sing N N 32  
ARG CZ  NH2  doub N N 33  
ARG NH1 HH11 sing N N 34  
ARG NH1 HH12 sing N N 35  
ARG NH2 HH21 sing N N 36  
ARG NH2 HH22 sing N N 37  
ARG OXT HXT  sing N N 38  
ASN N   CA   sing N N 39  
ASN N   H    sing N N 40  
ASN N   H2   sing N N 41  
ASN CA  C    sing N N 42  
ASN CA  CB   sing N N 43  
ASN CA  HA   sing N N 44  
ASN C   O    doub N N 45  
ASN C   OXT  sing N N 46  
ASN CB  CG   sing N N 47  
ASN CB  HB2  sing N N 48  
ASN CB  HB3  sing N N 49  
ASN CG  OD1  doub N N 50  
ASN CG  ND2  sing N N 51  
ASN ND2 HD21 sing N N 52  
ASN ND2 HD22 sing N N 53  
ASN OXT HXT  sing N N 54  
ASP N   CA   sing N N 55  
ASP N   H    sing N N 56  
ASP N   H2   sing N N 57  
ASP CA  C    sing N N 58  
ASP CA  CB   sing N N 59  
ASP CA  HA   sing N N 60  
ASP C   O    doub N N 61  
ASP C   OXT  sing N N 62  
ASP CB  CG   sing N N 63  
ASP CB  HB2  sing N N 64  
ASP CB  HB3  sing N N 65  
ASP CG  OD1  doub N N 66  
ASP CG  OD2  sing N N 67  
ASP OD2 HD2  sing N N 68  
ASP OXT HXT  sing N N 69  
CYS N   CA   sing N N 70  
CYS N   H    sing N N 71  
CYS N   H2   sing N N 72  
CYS CA  C    sing N N 73  
CYS CA  CB   sing N N 74  
CYS CA  HA   sing N N 75  
CYS C   O    doub N N 76  
CYS C   OXT  sing N N 77  
CYS CB  SG   sing N N 78  
CYS CB  HB2  sing N N 79  
CYS CB  HB3  sing N N 80  
CYS SG  HG   sing N N 81  
CYS OXT HXT  sing N N 82  
GLA C1  C2   sing N N 83  
GLA C1  O1   sing N N 84  
GLA C1  O5   sing N N 85  
GLA C1  H1   sing N N 86  
GLA C2  C3   sing N N 87  
GLA C2  O2   sing N N 88  
GLA C2  H2   sing N N 89  
GLA C3  C4   sing N N 90  
GLA C3  O3   sing N N 91  
GLA C3  H3   sing N N 92  
GLA C4  C5   sing N N 93  
GLA C4  O4   sing N N 94  
GLA C4  H4   sing N N 95  
GLA C5  C6   sing N N 96  
GLA C5  O5   sing N N 97  
GLA C5  H5   sing N N 98  
GLA C6  O6   sing N N 99  
GLA C6  H61  sing N N 100 
GLA C6  H62  sing N N 101 
GLA O1  HO1  sing N N 102 
GLA O2  HO2  sing N N 103 
GLA O3  HO3  sing N N 104 
GLA O4  HO4  sing N N 105 
GLA O6  HO6  sing N N 106 
GLN N   CA   sing N N 107 
GLN N   H    sing N N 108 
GLN N   H2   sing N N 109 
GLN CA  C    sing N N 110 
GLN CA  CB   sing N N 111 
GLN CA  HA   sing N N 112 
GLN C   O    doub N N 113 
GLN C   OXT  sing N N 114 
GLN CB  CG   sing N N 115 
GLN CB  HB2  sing N N 116 
GLN CB  HB3  sing N N 117 
GLN CG  CD   sing N N 118 
GLN CG  HG2  sing N N 119 
GLN CG  HG3  sing N N 120 
GLN CD  OE1  doub N N 121 
GLN CD  NE2  sing N N 122 
GLN NE2 HE21 sing N N 123 
GLN NE2 HE22 sing N N 124 
GLN OXT HXT  sing N N 125 
GLU N   CA   sing N N 126 
GLU N   H    sing N N 127 
GLU N   H2   sing N N 128 
GLU CA  C    sing N N 129 
GLU CA  CB   sing N N 130 
GLU CA  HA   sing N N 131 
GLU C   O    doub N N 132 
GLU C   OXT  sing N N 133 
GLU CB  CG   sing N N 134 
GLU CB  HB2  sing N N 135 
GLU CB  HB3  sing N N 136 
GLU CG  CD   sing N N 137 
GLU CG  HG2  sing N N 138 
GLU CG  HG3  sing N N 139 
GLU CD  OE1  doub N N 140 
GLU CD  OE2  sing N N 141 
GLU OE2 HE2  sing N N 142 
GLU OXT HXT  sing N N 143 
GLY N   CA   sing N N 144 
GLY N   H    sing N N 145 
GLY N   H2   sing N N 146 
GLY CA  C    sing N N 147 
GLY CA  HA2  sing N N 148 
GLY CA  HA3  sing N N 149 
GLY C   O    doub N N 150 
GLY C   OXT  sing N N 151 
GLY OXT HXT  sing N N 152 
GZL C6  C5   sing N N 153 
GZL C6  O6   sing N N 154 
GZL C5  C4   sing N N 155 
GZL C5  O5   sing N N 156 
GZL C5  H5   sing N N 157 
GZL C4  C3   sing N N 158 
GZL C4  O4   sing N N 159 
GZL C3  C2   sing N N 160 
GZL C3  O3   sing N N 161 
GZL C3  H3   sing N N 162 
GZL C2  C1   sing N N 163 
GZL C2  O2   sing N N 164 
GZL C2  H2   sing N N 165 
GZL O4  C1   sing N N 166 
GZL C6  H61  sing N N 167 
GZL C6  H62  sing N N 168 
GZL O6  HO6  sing N N 169 
GZL C4  H4   sing N N 170 
GZL O5  HO5  sing N N 171 
GZL O3  HO3  sing N N 172 
GZL C1  H1   sing N N 173 
GZL O2  HO2  sing N N 174 
GZL C1  O1   sing N N 175 
GZL O1  HO1  sing N N 176 
HIS N   CA   sing N N 177 
HIS N   H    sing N N 178 
HIS N   H2   sing N N 179 
HIS CA  C    sing N N 180 
HIS CA  CB   sing N N 181 
HIS CA  HA   sing N N 182 
HIS C   O    doub N N 183 
HIS C   OXT  sing N N 184 
HIS CB  CG   sing N N 185 
HIS CB  HB2  sing N N 186 
HIS CB  HB3  sing N N 187 
HIS CG  ND1  sing Y N 188 
HIS CG  CD2  doub Y N 189 
HIS ND1 CE1  doub Y N 190 
HIS ND1 HD1  sing N N 191 
HIS CD2 NE2  sing Y N 192 
HIS CD2 HD2  sing N N 193 
HIS CE1 NE2  sing Y N 194 
HIS CE1 HE1  sing N N 195 
HIS NE2 HE2  sing N N 196 
HIS OXT HXT  sing N N 197 
HOH O   H1   sing N N 198 
HOH O   H2   sing N N 199 
ILE N   CA   sing N N 200 
ILE N   H    sing N N 201 
ILE N   H2   sing N N 202 
ILE CA  C    sing N N 203 
ILE CA  CB   sing N N 204 
ILE CA  HA   sing N N 205 
ILE C   O    doub N N 206 
ILE C   OXT  sing N N 207 
ILE CB  CG1  sing N N 208 
ILE CB  CG2  sing N N 209 
ILE CB  HB   sing N N 210 
ILE CG1 CD1  sing N N 211 
ILE CG1 HG12 sing N N 212 
ILE CG1 HG13 sing N N 213 
ILE CG2 HG21 sing N N 214 
ILE CG2 HG22 sing N N 215 
ILE CG2 HG23 sing N N 216 
ILE CD1 HD11 sing N N 217 
ILE CD1 HD12 sing N N 218 
ILE CD1 HD13 sing N N 219 
ILE OXT HXT  sing N N 220 
LEU N   CA   sing N N 221 
LEU N   H    sing N N 222 
LEU N   H2   sing N N 223 
LEU CA  C    sing N N 224 
LEU CA  CB   sing N N 225 
LEU CA  HA   sing N N 226 
LEU C   O    doub N N 227 
LEU C   OXT  sing N N 228 
LEU CB  CG   sing N N 229 
LEU CB  HB2  sing N N 230 
LEU CB  HB3  sing N N 231 
LEU CG  CD1  sing N N 232 
LEU CG  CD2  sing N N 233 
LEU CG  HG   sing N N 234 
LEU CD1 HD11 sing N N 235 
LEU CD1 HD12 sing N N 236 
LEU CD1 HD13 sing N N 237 
LEU CD2 HD21 sing N N 238 
LEU CD2 HD22 sing N N 239 
LEU CD2 HD23 sing N N 240 
LEU OXT HXT  sing N N 241 
LYS N   CA   sing N N 242 
LYS N   H    sing N N 243 
LYS N   H2   sing N N 244 
LYS CA  C    sing N N 245 
LYS CA  CB   sing N N 246 
LYS CA  HA   sing N N 247 
LYS C   O    doub N N 248 
LYS C   OXT  sing N N 249 
LYS CB  CG   sing N N 250 
LYS CB  HB2  sing N N 251 
LYS CB  HB3  sing N N 252 
LYS CG  CD   sing N N 253 
LYS CG  HG2  sing N N 254 
LYS CG  HG3  sing N N 255 
LYS CD  CE   sing N N 256 
LYS CD  HD2  sing N N 257 
LYS CD  HD3  sing N N 258 
LYS CE  NZ   sing N N 259 
LYS CE  HE2  sing N N 260 
LYS CE  HE3  sing N N 261 
LYS NZ  HZ1  sing N N 262 
LYS NZ  HZ2  sing N N 263 
LYS NZ  HZ3  sing N N 264 
LYS OXT HXT  sing N N 265 
MET N   CA   sing N N 266 
MET N   H    sing N N 267 
MET N   H2   sing N N 268 
MET CA  C    sing N N 269 
MET CA  CB   sing N N 270 
MET CA  HA   sing N N 271 
MET C   O    doub N N 272 
MET C   OXT  sing N N 273 
MET CB  CG   sing N N 274 
MET CB  HB2  sing N N 275 
MET CB  HB3  sing N N 276 
MET CG  SD   sing N N 277 
MET CG  HG2  sing N N 278 
MET CG  HG3  sing N N 279 
MET SD  CE   sing N N 280 
MET CE  HE1  sing N N 281 
MET CE  HE2  sing N N 282 
MET CE  HE3  sing N N 283 
MET OXT HXT  sing N N 284 
PHE N   CA   sing N N 285 
PHE N   H    sing N N 286 
PHE N   H2   sing N N 287 
PHE CA  C    sing N N 288 
PHE CA  CB   sing N N 289 
PHE CA  HA   sing N N 290 
PHE C   O    doub N N 291 
PHE C   OXT  sing N N 292 
PHE CB  CG   sing N N 293 
PHE CB  HB2  sing N N 294 
PHE CB  HB3  sing N N 295 
PHE CG  CD1  doub Y N 296 
PHE CG  CD2  sing Y N 297 
PHE CD1 CE1  sing Y N 298 
PHE CD1 HD1  sing N N 299 
PHE CD2 CE2  doub Y N 300 
PHE CD2 HD2  sing N N 301 
PHE CE1 CZ   doub Y N 302 
PHE CE1 HE1  sing N N 303 
PHE CE2 CZ   sing Y N 304 
PHE CE2 HE2  sing N N 305 
PHE CZ  HZ   sing N N 306 
PHE OXT HXT  sing N N 307 
PRO N   CA   sing N N 308 
PRO N   CD   sing N N 309 
PRO N   H    sing N N 310 
PRO CA  C    sing N N 311 
PRO CA  CB   sing N N 312 
PRO CA  HA   sing N N 313 
PRO C   O    doub N N 314 
PRO C   OXT  sing N N 315 
PRO CB  CG   sing N N 316 
PRO CB  HB2  sing N N 317 
PRO CB  HB3  sing N N 318 
PRO CG  CD   sing N N 319 
PRO CG  HG2  sing N N 320 
PRO CG  HG3  sing N N 321 
PRO CD  HD2  sing N N 322 
PRO CD  HD3  sing N N 323 
PRO OXT HXT  sing N N 324 
SER N   CA   sing N N 325 
SER N   H    sing N N 326 
SER N   H2   sing N N 327 
SER CA  C    sing N N 328 
SER CA  CB   sing N N 329 
SER CA  HA   sing N N 330 
SER C   O    doub N N 331 
SER C   OXT  sing N N 332 
SER CB  OG   sing N N 333 
SER CB  HB2  sing N N 334 
SER CB  HB3  sing N N 335 
SER OG  HG   sing N N 336 
SER OXT HXT  sing N N 337 
THR N   CA   sing N N 338 
THR N   H    sing N N 339 
THR N   H2   sing N N 340 
THR CA  C    sing N N 341 
THR CA  CB   sing N N 342 
THR CA  HA   sing N N 343 
THR C   O    doub N N 344 
THR C   OXT  sing N N 345 
THR CB  OG1  sing N N 346 
THR CB  CG2  sing N N 347 
THR CB  HB   sing N N 348 
THR OG1 HG1  sing N N 349 
THR CG2 HG21 sing N N 350 
THR CG2 HG22 sing N N 351 
THR CG2 HG23 sing N N 352 
THR OXT HXT  sing N N 353 
TRP N   CA   sing N N 354 
TRP N   H    sing N N 355 
TRP N   H2   sing N N 356 
TRP CA  C    sing N N 357 
TRP CA  CB   sing N N 358 
TRP CA  HA   sing N N 359 
TRP C   O    doub N N 360 
TRP C   OXT  sing N N 361 
TRP CB  CG   sing N N 362 
TRP CB  HB2  sing N N 363 
TRP CB  HB3  sing N N 364 
TRP CG  CD1  doub Y N 365 
TRP CG  CD2  sing Y N 366 
TRP CD1 NE1  sing Y N 367 
TRP CD1 HD1  sing N N 368 
TRP CD2 CE2  doub Y N 369 
TRP CD2 CE3  sing Y N 370 
TRP NE1 CE2  sing Y N 371 
TRP NE1 HE1  sing N N 372 
TRP CE2 CZ2  sing Y N 373 
TRP CE3 CZ3  doub Y N 374 
TRP CE3 HE3  sing N N 375 
TRP CZ2 CH2  doub Y N 376 
TRP CZ2 HZ2  sing N N 377 
TRP CZ3 CH2  sing Y N 378 
TRP CZ3 HZ3  sing N N 379 
TRP CH2 HH2  sing N N 380 
TRP OXT HXT  sing N N 381 
TVG C8  C9   sing N N 382 
TVG C8  C7   sing N N 383 
TVG C7  O1   sing N N 384 
TVG O1  C1   sing N N 385 
TVG O2  C2   sing N N 386 
TVG C2  C1   sing N N 387 
TVG C2  C3   sing N N 388 
TVG C1  O4   sing N N 389 
TVG O3  C3   sing N N 390 
TVG C3  C4   sing N N 391 
TVG O4  C4   sing N N 392 
TVG C4  C5   sing N N 393 
TVG C5  C6   sing N N 394 
TVG C5  O5   sing N N 395 
TVG C6  O6   sing N N 396 
TVG C3  H3   sing N N 397 
TVG C2  H2   sing N N 398 
TVG O2  HO2  sing N N 399 
TVG C1  H1   sing N N 400 
TVG C4  H4   sing N N 401 
TVG C5  H5   sing N N 402 
TVG O5  HO5  sing N N 403 
TVG C6  H61  sing N N 404 
TVG C6  H62  sing N N 405 
TVG O6  HO6  sing N N 406 
TVG C7  H71  sing N N 407 
TVG C7  H72  sing N N 408 
TVG C8  H82  sing N N 409 
TVG C8  H81  sing N N 410 
TVG C9  H91  sing N N 411 
TVG C9  H92  sing N N 412 
TVG C9  H93  sing N N 413 
TVG O3  HO3  sing N N 414 
TYR N   CA   sing N N 415 
TYR N   H    sing N N 416 
TYR N   H2   sing N N 417 
TYR CA  C    sing N N 418 
TYR CA  CB   sing N N 419 
TYR CA  HA   sing N N 420 
TYR C   O    doub N N 421 
TYR C   OXT  sing N N 422 
TYR CB  CG   sing N N 423 
TYR CB  HB2  sing N N 424 
TYR CB  HB3  sing N N 425 
TYR CG  CD1  doub Y N 426 
TYR CG  CD2  sing Y N 427 
TYR CD1 CE1  sing Y N 428 
TYR CD1 HD1  sing N N 429 
TYR CD2 CE2  doub Y N 430 
TYR CD2 HD2  sing N N 431 
TYR CE1 CZ   doub Y N 432 
TYR CE1 HE1  sing N N 433 
TYR CE2 CZ   sing Y N 434 
TYR CE2 HE2  sing N N 435 
TYR CZ  OH   sing N N 436 
TYR OH  HH   sing N N 437 
TYR OXT HXT  sing N N 438 
VAL N   CA   sing N N 439 
VAL N   H    sing N N 440 
VAL N   H2   sing N N 441 
VAL CA  C    sing N N 442 
VAL CA  CB   sing N N 443 
VAL CA  HA   sing N N 444 
VAL C   O    doub N N 445 
VAL C   OXT  sing N N 446 
VAL CB  CG1  sing N N 447 
VAL CB  CG2  sing N N 448 
VAL CB  HB   sing N N 449 
VAL CG1 HG11 sing N N 450 
VAL CG1 HG12 sing N N 451 
VAL CG1 HG13 sing N N 452 
VAL CG2 HG21 sing N N 453 
VAL CG2 HG22 sing N N 454 
VAL CG2 HG23 sing N N 455 
VAL OXT HXT  sing N N 456 
# 
loop_
_pdbx_entity_branch_list.entity_id 
_pdbx_entity_branch_list.comp_id 
_pdbx_entity_branch_list.num 
_pdbx_entity_branch_list.hetero 
2 TVG 1 n 
2 GLA 2 n 
2 GZL 3 n 
2 GLA 4 n 
# 
_pdbx_initial_refinement_model.id               1 
_pdbx_initial_refinement_model.entity_id_list   ? 
_pdbx_initial_refinement_model.type             'experimental model' 
_pdbx_initial_refinement_model.source_name      PDB 
_pdbx_initial_refinement_model.accession_code   1REX 
_pdbx_initial_refinement_model.details          ? 
# 
_atom_sites.entry_id                    5LSH 
_atom_sites.fract_transf_matrix[1][1]   -0.02144819 
_atom_sites.fract_transf_matrix[1][2]   -0.01692385 
_atom_sites.fract_transf_matrix[1][3]   0.01287790 
_atom_sites.fract_transf_matrix[2][1]   -0.01235935 
_atom_sites.fract_transf_matrix[2][2]   0.01186107 
_atom_sites.fract_transf_matrix[2][3]   -0.00499698 
_atom_sites.fract_transf_matrix[3][1]   -0.00208975 
_atom_sites.fract_transf_matrix[3][2]   -0.00816371 
_atom_sites.fract_transf_matrix[3][3]   -0.01420906 
_atom_sites.fract_transf_vector[1]      0.139271 
_atom_sites.fract_transf_vector[2]      0.265941 
_atom_sites.fract_transf_vector[3]      0.246098 
# 
loop_
_atom_type.symbol 
C  
CL 
N  
NA 
O  
S  
# 
loop_
_atom_site.group_PDB 
_atom_site.id 
_atom_site.type_symbol 
_atom_site.label_atom_id 
_atom_site.label_alt_id 
_atom_site.label_comp_id 
_atom_site.label_asym_id 
_atom_site.label_entity_id 
_atom_site.label_seq_id 
_atom_site.pdbx_PDB_ins_code 
_atom_site.Cartn_x 
_atom_site.Cartn_y 
_atom_site.Cartn_z 
_atom_site.occupancy 
_atom_site.B_iso_or_equiv 
_atom_site.pdbx_formal_charge 
_atom_site.auth_seq_id 
_atom_site.auth_comp_id 
_atom_site.auth_asym_id 
_atom_site.auth_atom_id 
_atom_site.pdbx_PDB_model_num 
ATOM   1    N  N   . LYS A 1 1   ? -13.264 2.377   -4.911  1.00 9.52  ? 1   LYS A N   1 
ATOM   2    C  CA  . LYS A 1 1   ? -13.923 1.086   -4.892  1.00 9.42  ? 1   LYS A CA  1 
ATOM   3    C  C   . LYS A 1 1   ? -13.394 0.251   -3.750  1.00 9.16  ? 1   LYS A C   1 
ATOM   4    O  O   . LYS A 1 1   ? -12.229 0.403   -3.345  1.00 9.52  ? 1   LYS A O   1 
ATOM   5    C  CB  . LYS A 1 1   ? -13.726 0.320   -6.193  1.00 14.43 ? 1   LYS A CB  1 
ATOM   6    C  CG  . LYS A 1 1   ? -12.343 -0.019  -6.541  1.00 13.00 ? 1   LYS A CG  1 
ATOM   7    C  CD  . LYS A 1 1   ? -12.284 -1.022  -7.791  1.00 14.80 ? 1   LYS A CD  1 
ATOM   8    C  CE  . LYS A 1 1   ? -12.604 -2.446  -7.407  1.00 18.38 ? 1   LYS A CE  1 
ATOM   9    N  NZ  . LYS A 1 1   ? -12.874 -3.240  -8.592  1.00 20.76 ? 1   LYS A NZ  1 
ATOM   10   N  N   . VAL A 1 2   ? -14.214 -0.668  -3.282  1.00 8.90  ? 2   VAL A N   1 
ATOM   11   C  CA  . VAL A 1 2   ? -13.787 -1.666  -2.318  1.00 9.23  ? 2   VAL A CA  1 
ATOM   12   C  C   . VAL A 1 2   ? -13.614 -2.969  -3.076  1.00 8.68  ? 2   VAL A C   1 
ATOM   13   O  O   . VAL A 1 2   ? -14.584 -3.526  -3.617  1.00 10.70 ? 2   VAL A O   1 
ATOM   14   C  CB  . VAL A 1 2   ? -14.785 -1.800  -1.162  1.00 11.14 ? 2   VAL A CB  1 
ATOM   15   C  CG1 . VAL A 1 2   ? -14.324 -2.821  -0.226  1.00 13.82 ? 2   VAL A CG1 1 
ATOM   16   C  CG2 . VAL A 1 2   ? -14.934 -0.474  -0.438  1.00 12.56 ? 2   VAL A CG2 1 
ATOM   17   N  N   . PHE A 1 3   ? -12.364 -3.444  -3.184  1.00 8.74  ? 3   PHE A N   1 
ATOM   18   C  CA  . PHE A 1 3   ? -12.104 -4.706  -3.865  1.00 8.16  ? 3   PHE A CA  1 
ATOM   19   C  C   . PHE A 1 3   ? -12.582 -5.854  -3.004  1.00 8.72  ? 3   PHE A C   1 
ATOM   20   O  O   . PHE A 1 3   ? -12.503 -5.813  -1.783  1.00 11.09 ? 3   PHE A O   1 
ATOM   21   C  CB  . PHE A 1 3   ? -10.602 -4.909  -4.058  1.00 9.16  ? 3   PHE A CB  1 
ATOM   22   C  CG  . PHE A 1 3   ? -10.021 -4.176  -5.218  1.00 8.02  ? 3   PHE A CG  1 
ATOM   23   C  CD1 . PHE A 1 3   ? -9.656  -2.846  -5.146  1.00 9.23  ? 3   PHE A CD1 1 
ATOM   24   C  CD2 . PHE A 1 3   ? -9.749  -4.875  -6.400  1.00 8.90  ? 3   PHE A CD2 1 
ATOM   25   C  CE1 . PHE A 1 3   ? -9.067  -2.217  -6.217  1.00 10.89 ? 3   PHE A CE1 1 
ATOM   26   C  CE2 . PHE A 1 3   ? -9.190  -4.235  -7.509  1.00 10.38 ? 3   PHE A CE2 1 
ATOM   27   C  CZ  . PHE A 1 3   ? -8.838  -2.900  -7.415  1.00 9.77  ? 3   PHE A CZ  1 
ATOM   28   N  N   . GLU A 1 4   ? -12.996 -6.917  -3.688  1.00 10.57 ? 4   GLU A N   1 
ATOM   29   C  CA  . GLU A 1 4   ? -13.095 -8.224  -3.060  1.00 10.83 ? 4   GLU A CA  1 
ATOM   30   C  C   . GLU A 1 4   ? -11.704 -8.804  -3.007  1.00 9.51  ? 4   GLU A C   1 
ATOM   31   O  O   . GLU A 1 4   ? -10.884 -8.538  -3.900  1.00 10.32 ? 4   GLU A O   1 
ATOM   32   C  CB  . GLU A 1 4   ? -13.992 -9.117  -3.913  1.00 14.55 ? 4   GLU A CB  1 
ATOM   33   C  CG  . GLU A 1 4   ? -14.258 -10.536 -3.371  1.00 21.31 ? 4   GLU A CG  1 
ATOM   34   C  CD  . GLU A 1 4   ? -13.335 -11.628 -3.966  1.00 23.01 ? 4   GLU A CD  1 
ATOM   35   O  OE1 . GLU A 1 4   ? -13.020 -11.471 -5.223  1.00 16.63 ? 4   GLU A OE1 1 
ATOM   36   O  OE2 . GLU A 1 4   ? -12.978 -12.625 -3.172  1.00 18.13 ? 4   GLU A OE2 1 
ATOM   37   N  N   . ARG A 1 5   ? -11.457 -9.645  -1.999  1.00 10.35 ? 5   ARG A N   1 
ATOM   38   C  CA  . ARG A 1 5   ? -10.127 -10.157 -1.730  1.00 9.03  ? 5   ARG A CA  1 
ATOM   39   C  C   . ARG A 1 5   ? -9.455  -10.768 -2.959  1.00 7.91  ? 5   ARG A C   1 
ATOM   40   O  O   . ARG A 1 5   ? -8.345  -10.368 -3.335  1.00 7.98  ? 5   ARG A O   1 
ATOM   41   C  CB  . ARG A 1 5   ? -10.245 -11.181 -0.601  1.00 11.65 ? 5   ARG A CB  1 
ATOM   42   C  CG  . ARG A 1 5   ? -8.894  -11.860 -0.235  1.00 10.43 ? 5   ARG A CG  1 
ATOM   43   C  CD  . ARG A 1 5   ? -9.071  -12.830 0.915   1.00 12.64 ? 5   ARG A CD  1 
ATOM   44   N  NE  . ARG A 1 5   ? -9.961  -13.957 0.610   1.00 14.98 ? 5   ARG A NE  1 
ATOM   45   C  CZ  . ARG A 1 5   ? -9.557  -15.115 0.093   1.00 13.28 ? 5   ARG A CZ  1 
ATOM   46   N  NH1 . ARG A 1 5   ? -8.280  -15.291 -0.240  1.00 14.08 ? 5   ARG A NH1 1 
ATOM   47   N  NH2 . ARG A 1 5   ? -10.414 -16.092 -0.153  1.00 16.24 ? 5   ARG A NH2 1 
ATOM   48   N  N   . CYS A 1 6   ? -10.079 -11.790 -3.549  1.00 8.54  ? 6   CYS A N   1 
ATOM   49   C  CA  . CYS A 1 6   ? -9.377  -12.493 -4.627  1.00 8.51  ? 6   CYS A CA  1 
ATOM   50   C  C   . CYS A 1 6   ? -9.248  -11.642 -5.887  1.00 8.92  ? 6   CYS A C   1 
ATOM   51   O  O   . CYS A 1 6   ? -8.273  -11.789 -6.634  1.00 8.55  ? 6   CYS A O   1 
ATOM   52   C  CB  . CYS A 1 6   ? -10.032 -13.826 -4.941  1.00 9.84  ? 6   CYS A CB  1 
ATOM   53   S  SG  . CYS A 1 6   ? -9.687  -15.045 -3.662  1.00 11.42 ? 6   CYS A SG  1 
ATOM   54   N  N   . GLU A 1 7   ? -10.239 -10.800 -6.181  1.00 9.01  ? 7   GLU A N   1 
ATOM   55   C  CA  . GLU A 1 7   ? -10.136 -9.804  -7.259  1.00 9.10  ? 7   GLU A CA  1 
ATOM   56   C  C   . GLU A 1 7   ? -8.892  -8.946  -7.059  1.00 7.81  ? 7   GLU A C   1 
ATOM   57   O  O   . GLU A 1 7   ? -8.132  -8.716  -8.006  1.00 8.61  ? 7   GLU A O   1 
ATOM   58   C  CB  . GLU A 1 7   ? -11.410 -8.923  -7.233  1.00 12.34 ? 7   GLU A CB  1 
ATOM   59   C  CG  . GLU A 1 7   ? -11.473 -7.730  -8.179  1.00 15.82 ? 7   GLU A CG  1 
ATOM   60   C  CD  . GLU A 1 7   ? -12.606 -6.663  -7.865  1.00 25.45 ? 7   GLU A CD  1 
ATOM   61   O  OE1 . GLU A 1 7   ? -12.910 -5.908  -8.816  1.00 30.08 ? 7   GLU A OE1 1 
ATOM   62   O  OE2 . GLU A 1 7   ? -13.200 -6.531  -6.742  1.00 15.70 ? 7   GLU A OE2 1 
ATOM   63   N  N   . LEU A 1 8   ? -8.668  -8.480  -5.826  1.00 8.12  ? 8   LEU A N   1 
ATOM   64   C  CA  . LEU A 1 8   ? -7.482  -7.650  -5.582  1.00 6.66  ? 8   LEU A CA  1 
ATOM   65   C  C   . LEU A 1 8   ? -6.208  -8.476  -5.793  1.00 6.39  ? 8   LEU A C   1 
ATOM   66   O  O   . LEU A 1 8   ? -5.235  -7.996  -6.386  1.00 7.33  ? 8   LEU A O   1 
ATOM   67   C  CB  . LEU A 1 8   ? -7.476  -7.124  -4.154  1.00 7.59  ? 8   LEU A CB  1 
ATOM   68   C  CG  . LEU A 1 8   ? -6.306  -6.203  -3.879  1.00 8.06  ? 8   LEU A CG  1 
ATOM   69   C  CD1 . LEU A 1 8   ? -6.156  -5.009  -4.782  1.00 7.69  ? 8   LEU A CD1 1 
ATOM   70   C  CD2 . LEU A 1 8   ? -6.370  -5.765  -2.406  1.00 7.92  ? 8   LEU A CD2 1 
ATOM   71   N  N   . ALA A 1 9   ? -6.202  -9.727  -5.307  1.00 7.01  ? 9   ALA A N   1 
ATOM   72   C  CA  . ALA A 1 9   ? -5.003  -10.525 -5.443  1.00 7.14  ? 9   ALA A CA  1 
ATOM   73   C  C   . ALA A 1 9   ? -4.607  -10.696 -6.903  1.00 7.06  ? 9   ALA A C   1 
ATOM   74   O  O   . ALA A 1 9   ? -3.443  -10.509 -7.274  1.00 7.71  ? 9   ALA A O   1 
ATOM   75   C  CB  . ALA A 1 9   ? -5.181  -11.912 -4.803  1.00 8.19  ? 9   ALA A CB  1 
ATOM   76   N  N   . ARG A 1 10  ? -5.588  -10.985 -7.759  1.00 7.78  ? 10  ARG A N   1 
ATOM   77   C  CA  . ARG A 1 10  ? -5.290  -11.138 -9.183  1.00 7.61  ? 10  ARG A CA  1 
ATOM   78   C  C   . ARG A 1 10  ? -4.859  -9.824  -9.812  1.00 8.86  ? 10  ARG A C   1 
ATOM   79   O  O   . ARG A 1 10  ? -3.994  -9.789  -10.713 1.00 8.98  ? 10  ARG A O   1 
ATOM   80   C  CB  . ARG A 1 10  ? -6.479  -11.717 -9.949  1.00 8.72  ? 10  ARG A CB  1 
ATOM   81   C  CG  . ARG A 1 10  ? -6.729  -13.187 -9.546  1.00 11.02 ? 10  ARG A CG  1 
ATOM   82   C  CD  . ARG A 1 10  ? -7.793  -13.842 -10.436 1.00 12.97 ? 10  ARG A CD  1 
ATOM   83   N  NE  . ARG A 1 10  ? -9.077  -13.224 -10.208 1.00 12.76 ? 10  ARG A NE  1 
ATOM   84   C  CZ  . ARG A 1 10  ? -9.938  -13.590 -9.267  1.00 11.16 ? 10  ARG A CZ  1 
ATOM   85   N  NH1 . ARG A 1 10  ? -9.658  -14.597 -8.468  1.00 11.88 ? 10  ARG A NH1 1 
ATOM   86   N  NH2 . ARG A 1 10  ? -11.073 -12.947 -9.112  1.00 12.06 ? 10  ARG A NH2 1 
ATOM   87   N  N   . THR A 1 11  ? -5.480  -8.716  -9.380  1.00 8.04  ? 11  THR A N   1 
ATOM   88   C  CA  . THR A 1 11  ? -5.144  -7.380  -9.881  1.00 9.33  ? 11  THR A CA  1 
ATOM   89   C  C   . THR A 1 11  ? -3.687  -7.070  -9.563  1.00 7.77  ? 11  THR A C   1 
ATOM   90   O  O   . THR A 1 11  ? -2.929  -6.602  -10.435 1.00 8.79  ? 11  THR A O   1 
ATOM   91   C  CB  . THR A 1 11  ? -6.102  -6.324  -9.303  1.00 8.35  ? 11  THR A CB  1 
ATOM   92   O  OG1 . THR A 1 11  ? -7.449  -6.637  -9.702  1.00 10.39 ? 11  THR A OG1 1 
ATOM   93   C  CG2 . THR A 1 11  ? -5.783  -4.958  -9.817  1.00 11.15 ? 11  THR A CG2 1 
ATOM   94   N  N   . LEU A 1 12  ? -3.299  -7.287  -8.290  1.00 8.07  ? 12  LEU A N   1 
ATOM   95   C  CA  . LEU A 1 12  ? -1.928  -7.028  -7.877  1.00 7.91  ? 12  LEU A CA  1 
ATOM   96   C  C   . LEU A 1 12  ? -0.943  -7.939  -8.597  1.00 8.05  ? 12  LEU A C   1 
ATOM   97   O  O   . LEU A 1 12  ? 0.174   -7.508  -8.935  1.00 8.06  ? 12  LEU A O   1 
ATOM   98   C  CB  . LEU A 1 12  ? -1.780  -7.201  -6.370  1.00 8.13  ? 12  LEU A CB  1 
ATOM   99   C  CG  . LEU A 1 12  ? -2.494  -6.173  -5.517  1.00 6.96  ? 12  LEU A CG  1 
ATOM   100  C  CD1 . LEU A 1 12  ? -2.422  -6.637  -4.048  1.00 8.97  ? 12  LEU A CD1 1 
ATOM   101  C  CD2 . LEU A 1 12  ? -1.922  -4.771  -5.715  1.00 10.18 ? 12  LEU A CD2 1 
ATOM   102  N  N   A LYS A 1 13  ? -1.360  -9.166  -8.893  0.49 8.41  ? 13  LYS A N   1 
ATOM   103  N  N   B LYS A 1 13  ? -1.333  -9.195  -8.824  0.51 8.51  ? 13  LYS A N   1 
ATOM   104  C  CA  A LYS A 1 13  ? -0.446  -10.051 -9.612  0.49 10.04 ? 13  LYS A CA  1 
ATOM   105  C  CA  B LYS A 1 13  ? -0.430  -10.122 -9.504  0.51 8.98  ? 13  LYS A CA  1 
ATOM   106  C  C   A LYS A 1 13  ? -0.204  -9.541  -11.040 0.49 9.66  ? 13  LYS A C   1 
ATOM   107  C  C   B LYS A 1 13  ? -0.144  -9.645  -10.930 0.51 8.22  ? 13  LYS A C   1 
ATOM   108  O  O   A LYS A 1 13  ? 0.941   -9.493  -11.506 0.49 7.80  ? 13  LYS A O   1 
ATOM   109  O  O   B LYS A 1 13  ? 1.005   -9.636  -11.391 0.51 10.00 ? 13  LYS A O   1 
ATOM   110  C  CB  A LYS A 1 13  ? -0.949  -11.498 -9.571  0.49 10.42 ? 13  LYS A CB  1 
ATOM   111  C  CB  B LYS A 1 13  ? -1.064  -11.508 -9.516  0.51 9.77  ? 13  LYS A CB  1 
ATOM   112  C  CG  A LYS A 1 13  ? 0.036   -12.561 -10.173 0.49 11.36 ? 13  LYS A CG  1 
ATOM   113  C  CG  B LYS A 1 13  ? -0.481  -12.448 -10.554 0.51 15.21 ? 13  LYS A CG  1 
ATOM   114  C  CD  A LYS A 1 13  ? 0.801   -13.358 -9.169  0.49 17.30 ? 13  LYS A CD  1 
ATOM   115  C  CD  B LYS A 1 13  ? -0.466  -13.884 -10.063 0.51 11.74 ? 13  LYS A CD  1 
ATOM   116  C  CE  A LYS A 1 13  ? 1.537   -14.535 -9.823  0.49 17.22 ? 13  LYS A CE  1 
ATOM   117  C  CE  B LYS A 1 13  ? -0.404  -14.841 -11.236 0.51 23.34 ? 13  LYS A CE  1 
ATOM   118  N  NZ  A LYS A 1 13  ? 2.635   -14.085 -10.713 0.49 25.55 ? 13  LYS A NZ  1 
ATOM   119  N  NZ  B LYS A 1 13  ? -0.113  -16.235 -10.852 0.51 18.12 ? 13  LYS A NZ  1 
ATOM   120  N  N   A ARG A 1 14  ? -1.256  -9.089  -11.736 0.49 8.52  ? 14  ARG A N   1 
ATOM   121  N  N   B ARG A 1 14  ? -1.185  -9.205  -11.641 0.51 8.78  ? 14  ARG A N   1 
ATOM   122  C  CA  A ARG A 1 14  ? -1.069  -8.583  -13.097 0.49 8.66  ? 14  ARG A CA  1 
ATOM   123  C  CA  B ARG A 1 14  ? -1.002  -8.729  -13.005 0.51 9.83  ? 14  ARG A CA  1 
ATOM   124  C  C   A ARG A 1 14  ? -0.254  -7.315  -13.107 0.49 7.70  ? 14  ARG A C   1 
ATOM   125  C  C   B ARG A 1 14  ? -0.136  -7.487  -13.041 0.51 8.38  ? 14  ARG A C   1 
ATOM   126  O  O   A ARG A 1 14  ? 0.329   -6.947  -14.135 0.49 10.12 ? 14  ARG A O   1 
ATOM   127  O  O   B ARG A 1 14  ? 0.619   -7.303  -14.007 0.51 8.92  ? 14  ARG A O   1 
ATOM   128  C  CB  A ARG A 1 14  ? -2.411  -8.241  -13.723 0.49 10.90 ? 14  ARG A CB  1 
ATOM   129  C  CB  B ARG A 1 14  ? -2.356  -8.449  -13.644 0.51 9.87  ? 14  ARG A CB  1 
ATOM   130  C  CG  A ARG A 1 14  ? -3.284  -9.427  -13.941 0.49 15.48 ? 14  ARG A CG  1 
ATOM   131  C  CG  B ARG A 1 14  ? -3.044  -9.665  -14.202 0.51 9.60  ? 14  ARG A CG  1 
ATOM   132  C  CD  A ARG A 1 14  ? -4.447  -9.069  -14.849 0.49 14.08 ? 14  ARG A CD  1 
ATOM   133  C  CD  B ARG A 1 14  ? -4.350  -9.257  -14.890 0.51 17.24 ? 14  ARG A CD  1 
ATOM   134  N  NE  A ARG A 1 14  ? -5.130  -7.866  -14.420 0.49 23.46 ? 14  ARG A NE  1 
ATOM   135  N  NE  B ARG A 1 14  ? -5.284  -8.604  -13.983 0.51 20.44 ? 14  ARG A NE  1 
ATOM   136  C  CZ  A ARG A 1 14  ? -6.234  -7.857  -13.694 0.49 20.01 ? 14  ARG A CZ  1 
ATOM   137  C  CZ  B ARG A 1 14  ? -6.261  -9.227  -13.334 0.51 24.27 ? 14  ARG A CZ  1 
ATOM   138  N  NH1 A ARG A 1 14  ? -6.767  -6.707  -13.385 0.49 15.01 ? 14  ARG A NH1 1 
ATOM   139  N  NH1 B ARG A 1 14  ? -7.070  -8.542  -12.532 0.51 20.12 ? 14  ARG A NH1 1 
ATOM   140  N  NH2 A ARG A 1 14  ? -6.818  -8.991  -13.309 0.49 25.05 ? 14  ARG A NH2 1 
ATOM   141  N  NH2 B ARG A 1 14  ? -6.437  -10.528 -13.490 0.51 17.60 ? 14  ARG A NH2 1 
ATOM   142  N  N   . LEU A 1 15  ? -0.185  -6.644  -11.967 1.00 9.09  ? 15  LEU A N   1 
ATOM   143  C  CA  . LEU A 1 15  ? 0.585   -5.411  -11.859 1.00 8.90  ? 15  LEU A CA  1 
ATOM   144  C  C   . LEU A 1 15  ? 2.022   -5.666  -11.387 1.00 9.32  ? 15  LEU A C   1 
ATOM   145  O  O   . LEU A 1 15  ? 2.750   -4.704  -11.138 1.00 11.18 ? 15  LEU A O   1 
ATOM   146  C  CB  . LEU A 1 15  ? -0.118  -4.387  -10.956 1.00 9.06  ? 15  LEU A CB  1 
ATOM   147  C  CG  . LEU A 1 15  ? -1.354  -3.780  -11.587 1.00 10.41 ? 15  LEU A CG  1 
ATOM   148  C  CD1 . LEU A 1 15  ? -2.155  -3.071  -10.509 1.00 11.98 ? 15  LEU A CD1 1 
ATOM   149  C  CD2 . LEU A 1 15  ? -1.037  -2.796  -12.731 1.00 12.62 ? 15  LEU A CD2 1 
ATOM   150  N  N   . GLY A 1 16  ? 2.441   -6.912  -11.250 1.00 9.17  ? 16  GLY A N   1 
ATOM   151  C  CA  . GLY A 1 16  ? 3.834   -7.220  -10.970 1.00 10.47 ? 16  GLY A CA  1 
ATOM   152  C  C   . GLY A 1 16  ? 4.231   -7.156  -9.518  1.00 7.66  ? 16  GLY A C   1 
ATOM   153  O  O   . GLY A 1 16  ? 5.420   -7.010  -9.209  1.00 10.86 ? 16  GLY A O   1 
ATOM   154  N  N   A MET A 1 17  ? 3.273   -7.296  -8.600  0.77 8.10  ? 17  MET A N   1 
ATOM   155  N  N   B MET A 1 17  ? 3.266   -7.304  -8.594  0.23 8.10  ? 17  MET A N   1 
ATOM   156  C  CA  A MET A 1 17  ? 3.632   -7.172  -7.188  0.77 7.72  ? 17  MET A CA  1 
ATOM   157  C  CA  B MET A 1 17  ? 3.521   -7.188  -7.156  0.23 8.03  ? 17  MET A CA  1 
ATOM   158  C  C   A MET A 1 17  ? 4.164   -8.458  -6.562  0.77 8.66  ? 17  MET A C   1 
ATOM   159  C  C   B MET A 1 17  ? 4.016   -8.470  -6.493  0.23 9.17  ? 17  MET A C   1 
ATOM   160  O  O   A MET A 1 17  ? 4.843   -8.361  -5.521  0.77 8.89  ? 17  MET A O   1 
ATOM   161  O  O   B MET A 1 17  ? 4.499   -8.400  -5.350  0.23 9.89  ? 17  MET A O   1 
ATOM   162  C  CB  A MET A 1 17  ? 2.432   -6.641  -6.420  0.77 7.55  ? 17  MET A CB  1 
ATOM   163  C  CB  B MET A 1 17  ? 2.260   -6.732  -6.398  0.23 7.52  ? 17  MET A CB  1 
ATOM   164  C  CG  A MET A 1 17  ? 2.153   -5.215  -6.809  0.77 8.12  ? 17  MET A CG  1 
ATOM   165  C  CG  B MET A 1 17  ? 1.782   -5.317  -6.692  0.23 11.00 ? 17  MET A CG  1 
ATOM   166  S  SD  A MET A 1 17  ? 3.350   -4.114  -6.021  0.77 9.12  ? 17  MET A SD  1 
ATOM   167  S  SD  B MET A 1 17  ? 1.391   -4.314  -5.219  0.23 9.64  ? 17  MET A SD  1 
ATOM   168  C  CE  A MET A 1 17  ? 2.376   -3.562  -4.595  0.77 9.70  ? 17  MET A CE  1 
ATOM   169  C  CE  B MET A 1 17  ? 2.979   -3.501  -4.995  0.23 11.23 ? 17  MET A CE  1 
ATOM   170  N  N   . ASP A 1 18  ? 3.883   -9.637  -7.126  1.00 9.47  ? 18  ASP A N   1 
ATOM   171  C  CA  . ASP A 1 18  ? 4.298   -10.863 -6.444  1.00 11.25 ? 18  ASP A CA  1 
ATOM   172  C  C   . ASP A 1 18  ? 5.817   -10.946 -6.450  1.00 9.89  ? 18  ASP A C   1 
ATOM   173  O  O   . ASP A 1 18  ? 6.441   -11.181 -7.505  1.00 12.22 ? 18  ASP A O   1 
ATOM   174  C  CB  . ASP A 1 18  ? 3.715   -12.106 -7.096  1.00 14.52 ? 18  ASP A CB  1 
ATOM   175  C  CG  . ASP A 1 18  ? 3.868   -13.343 -6.234  1.00 15.30 ? 18  ASP A CG  1 
ATOM   176  O  OD1 . ASP A 1 18  ? 4.096   -13.231 -5.003  1.00 13.82 ? 18  ASP A OD1 1 
ATOM   177  O  OD2 . ASP A 1 18  ? 3.727   -14.456 -6.815  1.00 21.93 ? 18  ASP A OD2 1 
ATOM   178  N  N   . GLY A 1 19  ? 6.429   -10.841 -5.280  1.00 9.58  ? 19  GLY A N   1 
ATOM   179  C  CA  . GLY A 1 19  ? 7.868   -10.925 -5.186  1.00 9.82  ? 19  GLY A CA  1 
ATOM   180  C  C   . GLY A 1 19  ? 8.608   -9.655  -5.470  1.00 8.45  ? 19  GLY A C   1 
ATOM   181  O  O   . GLY A 1 19  ? 9.850   -9.672  -5.492  1.00 11.48 ? 19  GLY A O   1 
ATOM   182  N  N   . TYR A 1 20  ? 7.908   -8.518  -5.604  1.00 9.22  ? 20  TYR A N   1 
ATOM   183  C  CA  . TYR A 1 20  ? 8.600   -7.276  -5.887  1.00 9.62  ? 20  TYR A CA  1 
ATOM   184  C  C   . TYR A 1 20  ? 9.486   -6.908  -4.706  1.00 7.78  ? 20  TYR A C   1 
ATOM   185  O  O   . TYR A 1 20  ? 9.021   -6.839  -3.574  1.00 8.12  ? 20  TYR A O   1 
ATOM   186  C  CB  . TYR A 1 20  ? 7.597   -6.150  -6.210  1.00 8.05  ? 20  TYR A CB  1 
ATOM   187  C  CG  . TYR A 1 20  ? 8.330   -4.925  -6.644  1.00 8.94  ? 20  TYR A CG  1 
ATOM   188  C  CD1 . TYR A 1 20  ? 8.766   -4.765  -7.957  1.00 10.68 ? 20  TYR A CD1 1 
ATOM   189  C  CD2 . TYR A 1 20  ? 8.617   -3.909  -5.744  1.00 10.34 ? 20  TYR A CD2 1 
ATOM   190  C  CE1 . TYR A 1 20  ? 9.504   -3.672  -8.339  1.00 12.06 ? 20  TYR A CE1 1 
ATOM   191  C  CE2 . TYR A 1 20  ? 9.376   -2.806  -6.116  1.00 10.08 ? 20  TYR A CE2 1 
ATOM   192  C  CZ  . TYR A 1 20  ? 9.806   -2.691  -7.402  1.00 11.16 ? 20  TYR A CZ  1 
ATOM   193  O  OH  . TYR A 1 20  ? 10.539  -1.584  -7.783  1.00 16.15 ? 20  TYR A OH  1 
ATOM   194  N  N   . ARG A 1 21  ? 10.799  -6.745  -4.969  1.00 9.16  ? 21  ARG A N   1 
ATOM   195  C  CA  A ARG A 1 21  ? 11.833  -6.564  -3.953  0.52 9.78  ? 21  ARG A CA  1 
ATOM   196  C  CA  B ARG A 1 21  ? 11.766  -6.485  -3.905  0.48 9.35  ? 21  ARG A CA  1 
ATOM   197  C  C   . ARG A 1 21  ? 11.600  -7.468  -2.752  1.00 8.79  ? 21  ARG A C   1 
ATOM   198  O  O   . ARG A 1 21  ? 11.740  -7.114  -1.580  1.00 8.76  ? 21  ARG A O   1 
ATOM   199  C  CB  A ARG A 1 21  ? 12.099  -5.114  -3.642  0.52 12.58 ? 21  ARG A CB  1 
ATOM   200  C  CB  B ARG A 1 21  ? 11.759  -5.030  -3.447  0.48 9.44  ? 21  ARG A CB  1 
ATOM   201  C  CG  A ARG A 1 21  ? 12.837  -4.466  -4.831  0.52 11.71 ? 21  ARG A CG  1 
ATOM   202  C  CG  B ARG A 1 21  ? 12.340  -4.142  -4.545  0.48 13.38 ? 21  ARG A CG  1 
ATOM   203  C  CD  A ARG A 1 21  ? 13.166  -3.039  -4.569  0.52 14.08 ? 21  ARG A CD  1 
ATOM   204  C  CD  B ARG A 1 21  ? 13.113  -2.925  -4.094  0.48 17.15 ? 21  ARG A CD  1 
ATOM   205  N  NE  A ARG A 1 21  ? 13.962  -2.854  -3.356  0.52 13.05 ? 21  ARG A NE  1 
ATOM   206  N  NE  B ARG A 1 21  ? 14.361  -3.114  -3.331  0.48 14.12 ? 21  ARG A NE  1 
ATOM   207  C  CZ  A ARG A 1 21  ? 15.261  -3.138  -3.241  0.52 9.37  ? 21  ARG A CZ  1 
ATOM   208  C  CZ  B ARG A 1 21  ? 15.571  -3.424  -3.810  0.48 10.94 ? 21  ARG A CZ  1 
ATOM   209  N  NH1 A ARG A 1 21  ? 15.929  -3.666  -4.259  0.52 11.95 ? 21  ARG A NH1 1 
ATOM   210  N  NH1 B ARG A 1 21  ? 16.607  -3.468  -2.985  0.48 10.54 ? 21  ARG A NH1 1 
ATOM   211  N  NH2 A ARG A 1 21  ? 15.903  -2.906  -2.105  0.52 10.03 ? 21  ARG A NH2 1 
ATOM   212  N  NH2 B ARG A 1 21  ? 15.749  -3.694  -5.092  0.48 12.37 ? 21  ARG A NH2 1 
ATOM   213  N  N   . GLY A 1 22  ? 11.328  -8.708  -3.081  1.00 8.45  ? 22  GLY A N   1 
ATOM   214  C  CA  . GLY A 1 22  ? 11.251  -9.793  -2.140  1.00 9.03  ? 22  GLY A CA  1 
ATOM   215  C  C   . GLY A 1 22  ? 9.960   -9.929  -1.395  1.00 7.60  ? 22  GLY A C   1 
ATOM   216  O  O   . GLY A 1 22  ? 9.892   -10.778 -0.492  1.00 9.52  ? 22  GLY A O   1 
ATOM   217  N  N   . ILE A 1 23  ? 8.913   -9.197  -1.770  1.00 8.18  ? 23  ILE A N   1 
ATOM   218  C  CA  . ILE A 1 23  ? 7.686   -9.129  -0.972  1.00 7.18  ? 23  ILE A CA  1 
ATOM   219  C  C   . ILE A 1 23  ? 6.617   -9.962  -1.650  1.00 8.28  ? 23  ILE A C   1 
ATOM   220  O  O   . ILE A 1 23  ? 6.195   -9.658  -2.774  1.00 8.25  ? 23  ILE A O   1 
ATOM   221  C  CB  . ILE A 1 23  ? 7.195   -7.693  -0.854  1.00 7.19  ? 23  ILE A CB  1 
ATOM   222  C  CG1 . ILE A 1 23  ? 8.277   -6.855  -0.179  1.00 8.04  ? 23  ILE A CG1 1 
ATOM   223  C  CG2 . ILE A 1 23  ? 5.865   -7.642  -0.070  1.00 7.79  ? 23  ILE A CG2 1 
ATOM   224  C  CD1 . ILE A 1 23  ? 8.096   -5.354  -0.441  1.00 9.26  ? 23  ILE A CD1 1 
ATOM   225  N  N   . SER A 1 24  ? 6.180   -11.037 -1.005  1.00 7.50  ? 24  SER A N   1 
ATOM   226  C  CA  . SER A 1 24  ? 5.181   -11.887 -1.627  1.00 7.37  ? 24  SER A CA  1 
ATOM   227  C  C   . SER A 1 24  ? 3.819   -11.193 -1.770  1.00 7.02  ? 24  SER A C   1 
ATOM   228  O  O   . SER A 1 24  ? 3.459   -10.274 -1.028  1.00 6.69  ? 24  SER A O   1 
ATOM   229  C  CB  . SER A 1 24  ? 4.983   -13.151 -0.804  1.00 8.93  ? 24  SER A CB  1 
ATOM   230  O  OG  . SER A 1 24  ? 4.338   -12.845 0.403   1.00 8.70  ? 24  SER A OG  1 
ATOM   231  N  N   A LEU A 1 25  ? 3.019   -11.695 -2.704  0.65 7.82  ? 25  LEU A N   1 
ATOM   232  N  N   B LEU A 1 25  ? 3.023   -11.684 -2.726  0.35 7.80  ? 25  LEU A N   1 
ATOM   233  C  CA  A LEU A 1 25  ? 1.696   -11.147 -2.912  0.65 7.14  ? 25  LEU A CA  1 
ATOM   234  C  CA  B LEU A 1 25  ? 1.672   -11.167 -2.919  0.35 7.22  ? 25  LEU A CA  1 
ATOM   235  C  C   A LEU A 1 25  ? 0.880   -11.156 -1.633  0.65 7.67  ? 25  LEU A C   1 
ATOM   236  C  C   B LEU A 1 25  ? 0.898   -11.141 -1.615  0.35 7.61  ? 25  LEU A C   1 
ATOM   237  O  O   A LEU A 1 25  ? 0.144   -10.208 -1.361  0.65 7.93  ? 25  LEU A O   1 
ATOM   238  O  O   B LEU A 1 25  ? 0.216   -10.160 -1.308  0.35 8.07  ? 25  LEU A O   1 
ATOM   239  C  CB  A LEU A 1 25  ? 1.038   -12.005 -3.991  0.65 9.27  ? 25  LEU A CB  1 
ATOM   240  C  CB  B LEU A 1 25  ? 0.931   -12.051 -3.924  0.35 9.01  ? 25  LEU A CB  1 
ATOM   241  C  CG  A LEU A 1 25  ? -0.358  -11.573 -4.374  0.65 9.09  ? 25  LEU A CG  1 
ATOM   242  C  CG  B LEU A 1 25  ? 0.864   -11.613 -5.383  0.35 15.40 ? 25  LEU A CG  1 
ATOM   243  C  CD1 A LEU A 1 25  ? -0.348  -10.181 -4.870  0.65 10.51 ? 25  LEU A CD1 1 
ATOM   244  C  CD1 B LEU A 1 25  ? -0.025  -12.563 -6.161  0.35 9.83  ? 25  LEU A CD1 1 
ATOM   245  C  CD2 A LEU A 1 25  ? -0.898  -12.472 -5.460  0.65 8.95  ? 25  LEU A CD2 1 
ATOM   246  C  CD2 B LEU A 1 25  ? 0.355   -10.158 -5.554  0.35 7.27  ? 25  LEU A CD2 1 
ATOM   247  N  N   . ALA A 1 26  ? 0.961   -12.232 -0.848  1.00 7.39  ? 26  ALA A N   1 
ATOM   248  C  CA  . ALA A 1 26  ? 0.168   -12.300 0.372   1.00 7.42  ? 26  ALA A CA  1 
ATOM   249  C  C   . ALA A 1 26  ? 0.534   -11.197 1.353   1.00 7.70  ? 26  ALA A C   1 
ATOM   250  O  O   . ALA A 1 26  ? -0.327  -10.745 2.100   1.00 7.73  ? 26  ALA A O   1 
ATOM   251  C  CB  . ALA A 1 26  ? 0.312   -13.665 1.020   1.00 8.66  ? 26  ALA A CB  1 
ATOM   252  N  N   . ASN A 1 27  ? 1.808   -10.787 1.401   1.00 7.09  ? 27  ASN A N   1 
ATOM   253  C  CA  . ASN A 1 27  ? 2.173   -9.652  2.248   1.00 7.69  ? 27  ASN A CA  1 
ATOM   254  C  C   . ASN A 1 27  ? 1.526   -8.356  1.751   1.00 7.34  ? 27  ASN A C   1 
ATOM   255  O  O   . ASN A 1 27  ? 1.067   -7.547  2.570   1.00 7.54  ? 27  ASN A O   1 
ATOM   256  C  CB  . ASN A 1 27  ? 3.699   -9.528  2.297   1.00 8.24  ? 27  ASN A CB  1 
ATOM   257  C  CG  . ASN A 1 27  ? 4.284   -10.428 3.321   1.00 7.56  ? 27  ASN A CG  1 
ATOM   258  O  OD1 . ASN A 1 27  ? 4.181   -10.176 4.512   1.00 9.07  ? 27  ASN A OD1 1 
ATOM   259  N  ND2 . ASN A 1 27  ? 4.858   -11.520 2.883   1.00 9.24  ? 27  ASN A ND2 1 
ATOM   260  N  N   . TRP A 1 28  ? 1.496   -8.118  0.429   1.00 6.98  ? 28  TRP A N   1 
ATOM   261  C  CA  . TRP A 1 28  ? 0.814   -6.925  -0.065  1.00 6.93  ? 28  TRP A CA  1 
ATOM   262  C  C   . TRP A 1 28  ? -0.671  -6.967  0.273   1.00 7.24  ? 28  TRP A C   1 
ATOM   263  O  O   . TRP A 1 28  ? -1.277  -5.926  0.571   1.00 8.35  ? 28  TRP A O   1 
ATOM   264  C  CB  . TRP A 1 28  ? 0.998   -6.779  -1.585  1.00 7.78  ? 28  TRP A CB  1 
ATOM   265  C  CG  . TRP A 1 28  ? 2.374   -6.503  -2.038  1.00 7.79  ? 28  TRP A CG  1 
ATOM   266  C  CD1 . TRP A 1 28  ? 3.178   -7.321  -2.796  1.00 8.68  ? 28  TRP A CD1 1 
ATOM   267  C  CD2 . TRP A 1 28  ? 3.115   -5.311  -1.821  1.00 7.38  ? 28  TRP A CD2 1 
ATOM   268  N  NE1 . TRP A 1 28  ? 4.378   -6.696  -3.048  1.00 8.85  ? 28  TRP A NE1 1 
ATOM   269  C  CE2 . TRP A 1 28  ? 4.355   -5.455  -2.485  1.00 8.19  ? 28  TRP A CE2 1 
ATOM   270  C  CE3 . TRP A 1 28  ? 2.830   -4.106  -1.176  1.00 7.63  ? 28  TRP A CE3 1 
ATOM   271  C  CZ2 . TRP A 1 28  ? 5.303   -4.429  -2.509  1.00 9.63  ? 28  TRP A CZ2 1 
ATOM   272  C  CZ3 . TRP A 1 28  ? 3.752   -3.086  -1.229  1.00 9.55  ? 28  TRP A CZ3 1 
ATOM   273  C  CH2 . TRP A 1 28  ? 4.973   -3.255  -1.890  1.00 9.27  ? 28  TRP A CH2 1 
ATOM   274  N  N   . MET A 1 29  ? -1.290  -8.147  0.160   1.00 6.88  ? 29  MET A N   1 
ATOM   275  C  CA  . MET A 1 29  ? -2.712  -8.295  0.477   1.00 6.96  ? 29  MET A CA  1 
ATOM   276  C  C   . MET A 1 29  ? -2.963  -8.000  1.946   1.00 8.44  ? 29  MET A C   1 
ATOM   277  O  O   . MET A 1 29  ? -3.927  -7.298  2.284   1.00 8.02  ? 29  MET A O   1 
ATOM   278  C  CB  . MET A 1 29  ? -3.127  -9.745  0.184   1.00 7.84  ? 29  MET A CB  1 
ATOM   279  C  CG  . MET A 1 29  ? -3.258  -10.014 -1.296  1.00 8.13  ? 29  MET A CG  1 
ATOM   280  S  SD  . MET A 1 29  ? -4.591  -9.118  -2.120  1.00 8.09  ? 29  MET A SD  1 
ATOM   281  C  CE  . MET A 1 29  ? -5.992  -9.713  -1.226  1.00 10.22 ? 29  MET A CE  1 
ATOM   282  N  N   . CYS A 1 30  ? -2.121  -8.555  2.832   1.00 7.85  ? 30  CYS A N   1 
ATOM   283  C  CA  . CYS A 1 30  ? -2.299  -8.293  4.251   1.00 8.66  ? 30  CYS A CA  1 
ATOM   284  C  C   . CYS A 1 30  ? -2.165  -6.794  4.524   1.00 7.70  ? 30  CYS A C   1 
ATOM   285  O  O   . CYS A 1 30  ? -2.933  -6.220  5.305   1.00 8.93  ? 30  CYS A O   1 
ATOM   286  C  CB  . CYS A 1 30  ? -1.261  -9.125  5.012   1.00 9.77  ? 30  CYS A CB  1 
ATOM   287  S  SG  . CYS A 1 30  ? -1.272  -8.997  6.800   1.00 9.93  ? 30  CYS A SG  1 
ATOM   288  N  N   . LEU A 1 31  ? -1.182  -6.157  3.902   1.00 8.21  ? 31  LEU A N   1 
ATOM   289  C  CA  . LEU A 1 31  ? -1.019  -4.717  4.070   1.00 9.33  ? 31  LEU A CA  1 
ATOM   290  C  C   . LEU A 1 31  ? -2.298  -3.984  3.675   1.00 8.62  ? 31  LEU A C   1 
ATOM   291  O  O   . LEU A 1 31  ? -2.799  -3.118  4.414   1.00 9.15  ? 31  LEU A O   1 
ATOM   292  C  CB  . LEU A 1 31  ? 0.174   -4.210  3.276   1.00 9.43  ? 31  LEU A CB  1 
ATOM   293  C  CG  . LEU A 1 31  ? 0.386   -2.691  3.245   1.00 9.54  ? 31  LEU A CG  1 
ATOM   294  C  CD1 . LEU A 1 31  ? 0.757   -2.191  4.643   1.00 15.09 ? 31  LEU A CD1 1 
ATOM   295  C  CD2 . LEU A 1 31  ? 1.443   -2.279  2.208   1.00 12.58 ? 31  LEU A CD2 1 
ATOM   296  N  N   . ALA A 1 32  ? -2.816  -4.253  2.468   1.00 7.97  ? 32  ALA A N   1 
ATOM   297  C  CA  . ALA A 1 32  ? -4.002  -3.530  1.984   1.00 7.56  ? 32  ALA A CA  1 
ATOM   298  C  C   . ALA A 1 32  ? -5.193  -3.809  2.883   1.00 7.73  ? 32  ALA A C   1 
ATOM   299  O  O   . ALA A 1 32  ? -6.035  -2.922  3.108   1.00 8.64  ? 32  ALA A O   1 
ATOM   300  C  CB  . ALA A 1 32  ? -4.316  -3.921  0.534   1.00 9.71  ? 32  ALA A CB  1 
ATOM   301  N  N   . LYS A 1 33  ? -5.315  -5.052  3.356   1.00 7.90  ? 33  LYS A N   1 
ATOM   302  C  CA  . LYS A 1 33  ? -6.442  -5.389  4.215   1.00 8.50  ? 33  LYS A CA  1 
ATOM   303  C  C   . LYS A 1 33  ? -6.446  -4.503  5.449   1.00 9.40  ? 33  LYS A C   1 
ATOM   304  O  O   . LYS A 1 33  ? -7.483  -3.923  5.810   1.00 9.93  ? 33  LYS A O   1 
ATOM   305  C  CB  . LYS A 1 33  ? -6.399  -6.864  4.590   1.00 9.71  ? 33  LYS A CB  1 
ATOM   306  C  CG  . LYS A 1 33  ? -7.271  -7.214  5.776   1.00 17.90 ? 33  LYS A CG  1 
ATOM   307  C  CD  . LYS A 1 33  ? -8.745  -7.021  5.650   1.00 36.34 ? 33  LYS A CD  1 
ATOM   308  C  CE  . LYS A 1 33  ? -9.365  -8.100  4.829   1.00 40.74 ? 33  LYS A CE  1 
ATOM   309  N  NZ  . LYS A 1 33  ? -10.682 -8.562  5.390   1.00 19.94 ? 33  LYS A NZ  1 
ATOM   310  N  N   . TRP A 1 34  ? -5.299  -4.429  6.136   1.00 9.33  ? 34  TRP A N   1 
ATOM   311  C  CA  . TRP A 1 34  ? -5.273  -3.740  7.398   1.00 10.47 ? 34  TRP A CA  1 
ATOM   312  C  C   . TRP A 1 34  ? -5.210  -2.239  7.228   1.00 9.29  ? 34  TRP A C   1 
ATOM   313  O  O   . TRP A 1 34  ? -5.699  -1.498  8.092   1.00 14.13 ? 34  TRP A O   1 
ATOM   314  C  CB  . TRP A 1 34  ? -4.159  -4.288  8.272   1.00 9.88  ? 34  TRP A CB  1 
ATOM   315  C  CG  . TRP A 1 34  ? -4.461  -5.652  8.714   1.00 11.07 ? 34  TRP A CG  1 
ATOM   316  C  CD1 . TRP A 1 34  ? -3.900  -6.785  8.248   1.00 12.03 ? 34  TRP A CD1 1 
ATOM   317  C  CD2 . TRP A 1 34  ? -5.394  -6.035  9.718   1.00 16.05 ? 34  TRP A CD2 1 
ATOM   318  N  NE1 . TRP A 1 34  ? -4.438  -7.892  8.879   1.00 13.31 ? 34  TRP A NE1 1 
ATOM   319  C  CE2 . TRP A 1 34  ? -5.336  -7.452  9.813   1.00 14.65 ? 34  TRP A CE2 1 
ATOM   320  C  CE3 . TRP A 1 34  ? -6.246  -5.324  10.579  1.00 16.21 ? 34  TRP A CE3 1 
ATOM   321  C  CZ2 . TRP A 1 34  ? -6.123  -8.175  10.723  1.00 21.85 ? 34  TRP A CZ2 1 
ATOM   322  C  CZ3 . TRP A 1 34  ? -7.029  -6.051  11.491  1.00 24.01 ? 34  TRP A CZ3 1 
ATOM   323  C  CH2 . TRP A 1 34  ? -6.956  -7.460  11.551  1.00 25.98 ? 34  TRP A CH2 1 
ATOM   324  N  N   A GLU A 1 35  ? -4.532  -1.772  6.171   0.45 8.89  ? 35  GLU A N   1 
ATOM   325  N  N   B GLU A 1 35  ? -4.622  -1.740  6.171   0.55 9.05  ? 35  GLU A N   1 
ATOM   326  C  CA  A GLU A 1 35  ? -4.434  -0.333  5.911   0.45 7.72  ? 35  GLU A CA  1 
ATOM   327  C  CA  B GLU A 1 35  ? -4.595  -0.291  6.044   0.55 10.36 ? 35  GLU A CA  1 
ATOM   328  C  C   A GLU A 1 35  ? -5.794  0.290   5.589   0.45 8.10  ? 35  GLU A C   1 
ATOM   329  C  C   B GLU A 1 35  ? -5.949  0.267   5.639   0.55 7.70  ? 35  GLU A C   1 
ATOM   330  O  O   A GLU A 1 35  ? -6.133  1.361   6.120   0.45 8.86  ? 35  GLU A O   1 
ATOM   331  O  O   B GLU A 1 35  ? -6.409  1.292   6.159   0.55 9.71  ? 35  GLU A O   1 
ATOM   332  C  CB  A GLU A 1 35  ? -3.439  -0.006  4.791   0.45 9.25  ? 35  GLU A CB  1 
ATOM   333  C  CB  B GLU A 1 35  ? -3.555  0.110   5.027   0.55 8.34  ? 35  GLU A CB  1 
ATOM   334  C  CG  A GLU A 1 35  ? -1.944  -0.209  5.107   0.45 9.42  ? 35  GLU A CG  1 
ATOM   335  C  CG  B GLU A 1 35  ? -2.162  0.064   5.599   0.55 11.63 ? 35  GLU A CG  1 
ATOM   336  C  CD  A GLU A 1 35  ? -1.379  0.753   6.153   0.45 9.96  ? 35  GLU A CD  1 
ATOM   337  C  CD  B GLU A 1 35  ? -1.842  1.223   6.533   0.55 16.89 ? 35  GLU A CD  1 
ATOM   338  O  OE1 A GLU A 1 35  ? -2.013  1.800   6.462   0.45 10.37 ? 35  GLU A OE1 1 
ATOM   339  O  OE1 B GLU A 1 35  ? -0.631  1.480   6.716   0.55 12.80 ? 35  GLU A OE1 1 
ATOM   340  O  OE2 A GLU A 1 35  ? -0.265  0.435   6.650   0.45 13.34 ? 35  GLU A OE2 1 
ATOM   341  O  OE2 B GLU A 1 35  ? -2.768  1.899   7.044   0.55 13.61 ? 35  GLU A OE2 1 
ATOM   342  N  N   . SER A 1 36  ? -6.577  -0.344  4.680   1.00 9.14  ? 36  SER A N   1 
ATOM   343  C  CA  . SER A 1 36  ? -7.760  0.288   4.098   1.00 9.26  ? 36  SER A CA  1 
ATOM   344  C  C   . SER A 1 36  ? -8.965  -0.613  4.009   1.00 9.00  ? 36  SER A C   1 
ATOM   345  O  O   . SER A 1 36  ? -10.014 -0.138  3.562   1.00 9.79  ? 36  SER A O   1 
ATOM   346  C  CB  . SER A 1 36  ? -7.468  0.789   2.672   1.00 8.23  ? 36  SER A CB  1 
ATOM   347  O  OG  . SER A 1 36  ? -7.260  -0.358  1.827   1.00 8.73  ? 36  SER A OG  1 
ATOM   348  N  N   . GLY A 1 37  ? -8.865  -1.890  4.345   1.00 9.30  ? 37  GLY A N   1 
ATOM   349  C  CA  . GLY A 1 37  ? -9.950  -2.791  4.022   1.00 9.88  ? 37  GLY A CA  1 
ATOM   350  C  C   . GLY A 1 37  ? -10.180 -2.886  2.530   1.00 10.22 ? 37  GLY A C   1 
ATOM   351  O  O   . GLY A 1 37  ? -11.322 -3.084  2.091   1.00 11.33 ? 37  GLY A O   1 
ATOM   352  N  N   . TYR A 1 38  ? -9.097  -2.864  1.751   1.00 8.28  ? 38  TYR A N   1 
ATOM   353  C  CA  . TYR A 1 38  ? -9.152  -3.007  0.281   1.00 7.63  ? 38  TYR A CA  1 
ATOM   354  C  C   . TYR A 1 38  ? -9.908  -1.844  -0.394  1.00 8.30  ? 38  TYR A C   1 
ATOM   355  O  O   . TYR A 1 38  ? -10.543 -2.024  -1.459  1.00 9.63  ? 38  TYR A O   1 
ATOM   356  C  CB  . TYR A 1 38  ? -9.741  -4.352  -0.163  1.00 8.55  ? 38  TYR A CB  1 
ATOM   357  C  CG  . TYR A 1 38  ? -9.146  -5.584  0.487   1.00 8.45  ? 38  TYR A CG  1 
ATOM   358  C  CD1 . TYR A 1 38  ? -7.750  -5.761  0.677   1.00 9.01  ? 38  TYR A CD1 1 
ATOM   359  C  CD2 . TYR A 1 38  ? -9.970  -6.616  0.854   1.00 10.00 ? 38  TYR A CD2 1 
ATOM   360  C  CE1 . TYR A 1 38  ? -7.226  -6.960  1.220   1.00 9.04  ? 38  TYR A CE1 1 
ATOM   361  C  CE2 . TYR A 1 38  ? -9.456  -7.811  1.390   1.00 11.53 ? 38  TYR A CE2 1 
ATOM   362  C  CZ  . TYR A 1 38  ? -8.093  -7.949  1.545   1.00 9.18  ? 38  TYR A CZ  1 
ATOM   363  O  OH  . TYR A 1 38  ? -7.572  -9.116  2.064   1.00 11.03 ? 38  TYR A OH  1 
ATOM   364  N  N   . ASN A 1 39  ? -9.890  -0.652  0.203   1.00 9.52  ? 39  ASN A N   1 
ATOM   365  C  CA  . ASN A 1 39  ? -10.700 0.466   -0.256  1.00 9.98  ? 39  ASN A CA  1 
ATOM   366  C  C   . ASN A 1 39  ? -9.808  1.538   -0.874  1.00 8.52  ? 39  ASN A C   1 
ATOM   367  O  O   . ASN A 1 39  ? -9.022  2.158   -0.175  1.00 9.97  ? 39  ASN A O   1 
ATOM   368  C  CB  . ASN A 1 39  ? -11.438 1.039   0.954   1.00 10.66 ? 39  ASN A CB  1 
ATOM   369  C  CG  . ASN A 1 39  ? -12.276 2.238   0.635   1.00 9.52  ? 39  ASN A CG  1 
ATOM   370  O  OD1 . ASN A 1 39  ? -12.485 2.609   -0.515  1.00 10.18 ? 39  ASN A OD1 1 
ATOM   371  N  ND2 . ASN A 1 39  ? -12.756 2.895   1.693   1.00 11.49 ? 39  ASN A ND2 1 
ATOM   372  N  N   . THR A 1 40  ? -9.970  1.805   -2.160  1.00 7.35  ? 40  THR A N   1 
ATOM   373  C  CA  . THR A 1 40  ? -9.111  2.764   -2.818  1.00 7.96  ? 40  THR A CA  1 
ATOM   374  C  C   . THR A 1 40  ? -9.435  4.227   -2.505  1.00 8.48  ? 40  THR A C   1 
ATOM   375  O  O   . THR A 1 40  ? -8.602  5.094   -2.772  1.00 8.71  ? 40  THR A O   1 
ATOM   376  C  CB  . THR A 1 40  ? -9.207  2.607   -4.343  1.00 7.76  ? 40  THR A CB  1 
ATOM   377  O  OG1 . THR A 1 40  ? -10.568 2.860   -4.762  1.00 8.25  ? 40  THR A OG1 1 
ATOM   378  C  CG2 . THR A 1 40  ? -8.830  1.211   -4.794  1.00 9.56  ? 40  THR A CG2 1 
ATOM   379  N  N   . ARG A 1 41  ? -10.638 4.531   -1.991  1.00 7.09  ? 41  ARG A N   1 
ATOM   380  C  CA  . ARG A 1 41  ? -11.004 5.934   -1.836  1.00 10.13 ? 41  ARG A CA  1 
ATOM   381  C  C   . ARG A 1 41  ? -10.664 6.429   -0.400  1.00 12.53 ? 41  ARG A C   1 
ATOM   382  O  O   . ARG A 1 41  ? -10.874 7.608   -0.098  1.00 16.55 ? 41  ARG A O   1 
ATOM   383  C  CB  . ARG A 1 41  ? -12.469 6.202   -2.237  1.00 11.34 ? 41  ARG A CB  1 
ATOM   384  C  CG  . ARG A 1 41  ? -13.458 6.029   -1.105  1.00 10.68 ? 41  ARG A CG  1 
ATOM   385  C  CD  . ARG A 1 41  ? -14.914 6.419   -1.532  1.00 11.92 ? 41  ARG A CD  1 
ATOM   386  N  NE  . ARG A 1 41  ? -15.018 7.746   -2.158  1.00 10.93 ? 41  ARG A NE  1 
ATOM   387  C  CZ  . ARG A 1 41  ? -15.094 8.892   -1.475  1.00 10.12 ? 41  ARG A CZ  1 
ATOM   388  N  NH1 . ARG A 1 41  ? -15.160 10.048  -2.142  1.00 13.18 ? 41  ARG A NH1 1 
ATOM   389  N  NH2 . ARG A 1 41  ? -15.034 8.922   -0.138  1.00 13.00 ? 41  ARG A NH2 1 
ATOM   390  N  N   . ALA A 1 42  ? -10.132 5.556   0.462   1.00 13.40 ? 42  ALA A N   1 
ATOM   391  C  CA  . ALA A 1 42  ? -9.925  5.863   1.879   1.00 13.55 ? 42  ALA A CA  1 
ATOM   392  C  C   . ALA A 1 42  ? -8.882  6.950   2.076   1.00 13.52 ? 42  ALA A C   1 
ATOM   393  O  O   . ALA A 1 42  ? -7.869  6.992   1.411   1.00 10.91 ? 42  ALA A O   1 
ATOM   394  C  CB  . ALA A 1 42  ? -9.459  4.621   2.642   1.00 16.47 ? 42  ALA A CB  1 
ATOM   395  N  N   A THR A 1 43  ? -9.125  7.755   3.078   0.53 13.20 ? 43  THR A N   1 
ATOM   396  N  N   B THR A 1 43  ? -9.112  7.865   3.026   0.47 14.30 ? 43  THR A N   1 
ATOM   397  C  CA  A THR A 1 43  ? -8.153  8.732   3.475   0.53 11.07 ? 43  THR A CA  1 
ATOM   398  C  CA  B THR A 1 43  ? -8.227  9.027   3.248   0.47 13.52 ? 43  THR A CA  1 
ATOM   399  C  C   A THR A 1 43  ? -8.116  8.769   4.974   0.53 9.38  ? 43  THR A C   1 
ATOM   400  C  C   B THR A 1 43  ? -8.217  9.245   4.760   0.47 11.42 ? 43  THR A C   1 
ATOM   401  O  O   A THR A 1 43  ? -9.060  8.422   5.686   0.53 11.58 ? 43  THR A O   1 
ATOM   402  O  O   B THR A 1 43  ? -9.313  9.264   5.325   0.47 9.46  ? 43  THR A O   1 
ATOM   403  C  CB  A THR A 1 43  ? -8.502  10.127  2.984   0.53 10.24 ? 43  THR A CB  1 
ATOM   404  C  CB  B THR A 1 43  ? -8.820  10.250  2.477   0.47 22.42 ? 43  THR A CB  1 
ATOM   405  O  OG1 A THR A 1 43  ? -9.824  10.484  3.438   0.53 15.60 ? 43  THR A OG1 1 
ATOM   406  O  OG1 B THR A 1 43  ? -8.099  10.523  1.259   0.47 21.31 ? 43  THR A OG1 1 
ATOM   407  C  CG2 A THR A 1 43  ? -8.484  10.181  1.459   0.53 16.05 ? 43  THR A CG2 1 
ATOM   408  C  CG2 B THR A 1 43  ? -8.977  11.563  3.320   0.47 8.72  ? 43  THR A CG2 1 
ATOM   409  N  N   . ASN A 1 44  ? -7.021  9.280   5.424   1.00 11.76 ? 44  ASN A N   1 
ATOM   410  C  CA  . ASN A 1 44  ? -6.904  9.448   6.870   1.00 10.91 ? 44  ASN A CA  1 
ATOM   411  C  C   . ASN A 1 44  ? -5.947  10.593  7.127   1.00 10.80 ? 44  ASN A C   1 
ATOM   412  O  O   . ASN A 1 44  ? -4.738  10.459  6.879   1.00 10.87 ? 44  ASN A O   1 
ATOM   413  C  CB  . ASN A 1 44  ? -6.402  8.159   7.515   1.00 14.06 ? 44  ASN A CB  1 
ATOM   414  C  CG  . ASN A 1 44  ? -6.082  8.331   8.997   1.00 28.47 ? 44  ASN A CG  1 
ATOM   415  O  OD1 . ASN A 1 44  ? -6.982  8.376   9.831   1.00 31.67 ? 44  ASN A OD1 1 
ATOM   416  N  ND2 . ASN A 1 44  ? -4.790  8.438   9.324   1.00 25.85 ? 44  ASN A ND2 1 
ATOM   417  N  N   . TYR A 1 45  ? -6.479  11.680  7.682   1.00 11.78 ? 45  TYR A N   1 
ATOM   418  C  CA  . TYR A 1 45  ? -5.658  12.805  8.096   1.00 10.71 ? 45  TYR A CA  1 
ATOM   419  C  C   . TYR A 1 45  ? -4.957  12.464  9.404   1.00 11.97 ? 45  TYR A C   1 
ATOM   420  O  O   . TYR A 1 45  ? -5.576  11.944  10.336  1.00 14.82 ? 45  TYR A O   1 
ATOM   421  C  CB  . TYR A 1 45  ? -6.549  14.033  8.290   1.00 12.62 ? 45  TYR A CB  1 
ATOM   422  C  CG  . TYR A 1 45  ? -5.789  15.248  8.710   1.00 13.27 ? 45  TYR A CG  1 
ATOM   423  C  CD1 . TYR A 1 45  ? -4.789  15.763  7.932   1.00 14.29 ? 45  TYR A CD1 1 
ATOM   424  C  CD2 . TYR A 1 45  ? -6.054  15.873  9.933   1.00 16.01 ? 45  TYR A CD2 1 
ATOM   425  C  CE1 . TYR A 1 45  ? -4.058  16.884  8.323   1.00 16.73 ? 45  TYR A CE1 1 
ATOM   426  C  CE2 . TYR A 1 45  ? -5.335  17.003  10.328  1.00 14.83 ? 45  TYR A CE2 1 
ATOM   427  C  CZ  . TYR A 1 45  ? -4.347  17.492  9.523   1.00 16.70 ? 45  TYR A CZ  1 
ATOM   428  O  OH  . TYR A 1 45  ? -3.612  18.619  9.873   1.00 22.60 ? 45  TYR A OH  1 
ATOM   429  N  N   . ASN A 1 46  ? -3.649  12.723  9.456   1.00 10.85 ? 46  ASN A N   1 
ATOM   430  C  CA  . ASN A 1 46  ? -2.836  12.534  10.653  1.00 11.49 ? 46  ASN A CA  1 
ATOM   431  C  C   . ASN A 1 46  ? -2.654  13.905  11.311  1.00 11.75 ? 46  ASN A C   1 
ATOM   432  O  O   . ASN A 1 46  ? -1.749  14.690  10.962  1.00 12.30 ? 46  ASN A O   1 
ATOM   433  C  CB  . ASN A 1 46  ? -1.493  11.894  10.333  1.00 13.71 ? 46  ASN A CB  1 
ATOM   434  C  CG  . ASN A 1 46  ? -1.667  10.593  9.634   1.00 18.94 ? 46  ASN A CG  1 
ATOM   435  O  OD1 . ASN A 1 46  ? -2.207  9.641   10.206  1.00 25.50 ? 46  ASN A OD1 1 
ATOM   436  N  ND2 . ASN A 1 46  ? -1.274  10.544  8.373   1.00 18.83 ? 46  ASN A ND2 1 
ATOM   437  N  N   . ALA A 1 47  ? -3.529  14.197  12.269  1.00 14.09 ? 47  ALA A N   1 
ATOM   438  C  CA  . ALA A 1 47  ? -3.500  15.510  12.896  1.00 12.89 ? 47  ALA A CA  1 
ATOM   439  C  C   . ALA A 1 47  ? -2.181  15.751  13.608  1.00 12.29 ? 47  ALA A C   1 
ATOM   440  O  O   . ALA A 1 47  ? -1.739  16.904  13.701  1.00 17.30 ? 47  ALA A O   1 
ATOM   441  C  CB  . ALA A 1 47  ? -4.689  15.665  13.854  1.00 20.35 ? 47  ALA A CB  1 
ATOM   442  N  N   . GLY A 1 48  ? -1.521  14.693  14.039  1.00 15.34 ? 48  GLY A N   1 
ATOM   443  C  CA  . GLY A 1 48  ? -0.252  14.848  14.737  1.00 16.95 ? 48  GLY A CA  1 
ATOM   444  C  C   . GLY A 1 48  ? 0.815   15.557  13.927  1.00 12.86 ? 48  GLY A C   1 
ATOM   445  O  O   . GLY A 1 48  ? 1.624   16.298  14.493  1.00 15.42 ? 48  GLY A O   1 
ATOM   446  N  N   . ASP A 1 49  ? 0.873   15.308  12.617  1.00 13.54 ? 49  ASP A N   1 
ATOM   447  C  CA  . ASP A 1 49  ? 1.970   15.817  11.800  1.00 12.29 ? 49  ASP A CA  1 
ATOM   448  C  C   . ASP A 1 49  ? 1.531   16.506  10.523  1.00 9.93  ? 49  ASP A C   1 
ATOM   449  O  O   . ASP A 1 49  ? 2.392   16.858  9.723   1.00 12.59 ? 49  ASP A O   1 
ATOM   450  C  CB  . ASP A 1 49  ? 3.080   14.772  11.543  1.00 15.15 ? 49  ASP A CB  1 
ATOM   451  C  CG  . ASP A 1 49  ? 2.798   13.873  10.322  1.00 16.37 ? 49  ASP A CG  1 
ATOM   452  O  OD1 . ASP A 1 49  ? 1.603   13.689  10.034  1.00 14.50 ? 49  ASP A OD1 1 
ATOM   453  O  OD2 . ASP A 1 49  ? 3.753   13.372  9.626   1.00 19.88 ? 49  ASP A OD2 1 
ATOM   454  N  N   . ARG A 1 50  ? 0.223   16.710  10.332  1.00 9.54  ? 50  ARG A N   1 
ATOM   455  C  CA  A ARG A 1 50  ? -0.407  17.401  9.214   0.51 12.16 ? 50  ARG A CA  1 
ATOM   456  C  CA  B ARG A 1 50  ? -0.288  17.459  9.192   0.49 11.24 ? 50  ARG A CA  1 
ATOM   457  C  C   . ARG A 1 50  ? -0.262  16.698  7.872   1.00 11.18 ? 50  ARG A C   1 
ATOM   458  O  O   . ARG A 1 50  ? -0.561  17.290  6.826   1.00 14.00 ? 50  ARG A O   1 
ATOM   459  C  CB  A ARG A 1 50  ? -0.053  18.885  9.138   0.51 13.94 ? 50  ARG A CB  1 
ATOM   460  C  CB  B ARG A 1 50  ? 0.376   18.837  9.050   0.49 9.68  ? 50  ARG A CB  1 
ATOM   461  C  CG  A ARG A 1 50  ? -0.446  19.657  10.390  0.51 9.14  ? 50  ARG A CG  1 
ATOM   462  C  CG  B ARG A 1 50  ? 0.268   19.676  10.339  0.49 11.43 ? 50  ARG A CG  1 
ATOM   463  C  CD  A ARG A 1 50  ? -0.163  21.120  10.195  0.51 13.36 ? 50  ARG A CD  1 
ATOM   464  C  CD  B ARG A 1 50  ? 1.061   20.977  10.275  0.49 15.84 ? 50  ARG A CD  1 
ATOM   465  N  NE  A ARG A 1 50  ? -0.301  21.864  11.441  0.51 12.21 ? 50  ARG A NE  1 
ATOM   466  N  NE  B ARG A 1 50  ? 0.570   21.895  9.249   0.49 13.05 ? 50  ARG A NE  1 
ATOM   467  C  CZ  A ARG A 1 50  ? -1.451  22.318  11.928  0.51 13.69 ? 50  ARG A CZ  1 
ATOM   468  C  CZ  B ARG A 1 50  ? 1.092   23.100  8.973   0.49 15.94 ? 50  ARG A CZ  1 
ATOM   469  N  NH1 A ARG A 1 50  ? -2.601  22.106  11.290  0.51 13.57 ? 50  ARG A NH1 1 
ATOM   470  N  NH1 B ARG A 1 50  ? 2.160   23.596  9.635   0.49 10.29 ? 50  ARG A NH1 1 
ATOM   471  N  NH2 A ARG A 1 50  ? -1.435  23.002  13.051  0.51 14.00 ? 50  ARG A NH2 1 
ATOM   472  N  NH2 B ARG A 1 50  ? 0.531   23.819  8.008   0.49 19.89 ? 50  ARG A NH2 1 
ATOM   473  N  N   . SER A 1 51  ? 0.112   15.443  7.882   1.00 10.09 ? 51  SER A N   1 
ATOM   474  C  CA  . SER A 1 51  ? 0.117   14.632  6.670   1.00 9.94  ? 51  SER A CA  1 
ATOM   475  C  C   . SER A 1 51  ? -1.192  13.843  6.564   1.00 9.57  ? 51  SER A C   1 
ATOM   476  O  O   . SER A 1 51  ? -1.975  13.740  7.499   1.00 10.30 ? 51  SER A O   1 
ATOM   477  C  CB  . SER A 1 51  ? 1.299   13.659  6.712   1.00 9.97  ? 51  SER A CB  1 
ATOM   478  O  OG  . SER A 1 51  ? 1.075   12.604  7.667   1.00 10.79 ? 51  SER A OG  1 
ATOM   479  N  N   . THR A 1 52  ? -1.386  13.236  5.399   1.00 8.42  ? 52  THR A N   1 
ATOM   480  C  CA  . THR A 1 52  ? -2.568  12.436  5.098   1.00 8.25  ? 52  THR A CA  1 
ATOM   481  C  C   . THR A 1 52  ? -2.133  11.145  4.416   1.00 7.29  ? 52  THR A C   1 
ATOM   482  O  O   . THR A 1 52  ? -1.199  11.147  3.609   1.00 7.98  ? 52  THR A O   1 
ATOM   483  C  CB  . THR A 1 52  ? -3.568  13.224  4.209   1.00 9.18  ? 52  THR A CB  1 
ATOM   484  O  OG1 . THR A 1 52  ? -3.952  14.385  4.937   1.00 9.97  ? 52  THR A OG1 1 
ATOM   485  C  CG2 . THR A 1 52  ? -4.856  12.441  3.911   1.00 8.85  ? 52  THR A CG2 1 
ATOM   486  N  N   . ASP A 1 53  ? -2.834  10.070  4.778   1.00 8.22  ? 53  ASP A N   1 
ATOM   487  C  CA  . ASP A 1 53  ? -2.675  8.781   4.127   1.00 7.91  ? 53  ASP A CA  1 
ATOM   488  C  C   . ASP A 1 53  ? -3.748  8.576   3.068   1.00 7.99  ? 53  ASP A C   1 
ATOM   489  O  O   . ASP A 1 53  ? -4.918  8.842   3.321   1.00 9.44  ? 53  ASP A O   1 
ATOM   490  C  CB  . ASP A 1 53  ? -2.806  7.645   5.149   1.00 9.79  ? 53  ASP A CB  1 
ATOM   491  C  CG  . ASP A 1 53  ? -1.855  7.763   6.337   1.00 11.36 ? 53  ASP A CG  1 
ATOM   492  O  OD1 . ASP A 1 53  ? -0.718  8.242   6.185   1.00 12.39 ? 53  ASP A OD1 1 
ATOM   493  O  OD2 . ASP A 1 53  ? -2.291  7.366   7.441   1.00 18.14 ? 53  ASP A OD2 1 
ATOM   494  N  N   . TYR A 1 54  ? -3.371  8.023   1.905   1.00 7.46  ? 54  TYR A N   1 
ATOM   495  C  CA  . TYR A 1 54  ? -4.272  7.964   0.755   1.00 7.77  ? 54  TYR A CA  1 
ATOM   496  C  C   . TYR A 1 54  ? -4.396  6.558   0.203   1.00 7.28  ? 54  TYR A C   1 
ATOM   497  O  O   . TYR A 1 54  ? -3.377  5.896   -0.123  1.00 7.83  ? 54  TYR A O   1 
ATOM   498  C  CB  . TYR A 1 54  ? -3.744  8.841   -0.370  1.00 7.93  ? 54  TYR A CB  1 
ATOM   499  C  CG  . TYR A 1 54  ? -3.791  10.321  -0.028  1.00 7.50  ? 54  TYR A CG  1 
ATOM   500  C  CD1 . TYR A 1 54  ? -2.749  10.982  0.611   1.00 7.99  ? 54  TYR A CD1 1 
ATOM   501  C  CD2 . TYR A 1 54  ? -4.915  11.047  -0.368  1.00 7.90  ? 54  TYR A CD2 1 
ATOM   502  C  CE1 . TYR A 1 54  ? -2.850  12.343  0.913   1.00 7.74  ? 54  TYR A CE1 1 
ATOM   503  C  CE2 . TYR A 1 54  ? -5.020  12.395  -0.047  1.00 7.85  ? 54  TYR A CE2 1 
ATOM   504  C  CZ  . TYR A 1 54  ? -3.986  13.041  0.565   1.00 8.04  ? 54  TYR A CZ  1 
ATOM   505  O  OH  . TYR A 1 54  ? -4.121  14.405  0.858   1.00 8.91  ? 54  TYR A OH  1 
ATOM   506  N  N   . GLY A 1 55  ? -5.634  6.123   0.017   1.00 7.33  ? 55  GLY A N   1 
ATOM   507  C  CA  . GLY A 1 55  ? -5.919  5.004   -0.866  1.00 7.43  ? 55  GLY A CA  1 
ATOM   508  C  C   . GLY A 1 55  ? -5.741  3.629   -0.235  1.00 6.18  ? 55  GLY A C   1 
ATOM   509  O  O   . GLY A 1 55  ? -5.655  3.435   0.990   1.00 6.98  ? 55  GLY A O   1 
ATOM   510  N  N   . ILE A 1 56  ? -5.638  2.644   -1.128  1.00 7.63  ? 56  ILE A N   1 
ATOM   511  C  CA  . ILE A 1 56  ? -5.698  1.239   -0.699  1.00 7.39  ? 56  ILE A CA  1 
ATOM   512  C  C   . ILE A 1 56  ? -4.501  0.840   0.174   1.00 6.87  ? 56  ILE A C   1 
ATOM   513  O  O   . ILE A 1 56  ? -4.634  -0.045  1.028   1.00 8.32  ? 56  ILE A O   1 
ATOM   514  C  CB  . ILE A 1 56  ? -5.863  0.326   -1.934  1.00 7.59  ? 56  ILE A CB  1 
ATOM   515  C  CG1 . ILE A 1 56  ? -6.357  -1.060  -1.542  1.00 7.88  ? 56  ILE A CG1 1 
ATOM   516  C  CG2 . ILE A 1 56  ? -4.582  0.301   -2.780  1.00 8.95  ? 56  ILE A CG2 1 
ATOM   517  C  CD1 . ILE A 1 56  ? -6.893  -1.840  -2.713  1.00 9.23  ? 56  ILE A CD1 1 
ATOM   518  N  N   . PHE A 1 57  ? -3.344  1.454   -0.031  1.00 7.23  ? 57  PHE A N   1 
ATOM   519  C  CA  . PHE A 1 57  ? -2.183  1.195   0.805   1.00 7.75  ? 57  PHE A CA  1 
ATOM   520  C  C   . PHE A 1 57  ? -1.943  2.318   1.827   1.00 7.30  ? 57  PHE A C   1 
ATOM   521  O  O   . PHE A 1 57  ? -0.925  2.309   2.530   1.00 8.62  ? 57  PHE A O   1 
ATOM   522  C  CB  . PHE A 1 57  ? -0.920  1.018   -0.045  1.00 8.92  ? 57  PHE A CB  1 
ATOM   523  C  CG  . PHE A 1 57  ? -0.953  -0.199  -0.931  1.00 7.95  ? 57  PHE A CG  1 
ATOM   524  C  CD1 . PHE A 1 57  ? -1.106  -1.481  -0.404  1.00 9.63  ? 57  PHE A CD1 1 
ATOM   525  C  CD2 . PHE A 1 57  ? -0.837  -0.067  -2.282  1.00 11.23 ? 57  PHE A CD2 1 
ATOM   526  C  CE1 . PHE A 1 57  ? -1.095  -2.603  -1.213  1.00 11.44 ? 57  PHE A CE1 1 
ATOM   527  C  CE2 . PHE A 1 57  ? -0.859  -1.225  -3.115  1.00 11.92 ? 57  PHE A CE2 1 
ATOM   528  C  CZ  . PHE A 1 57  ? -0.982  -2.465  -2.558  1.00 11.56 ? 57  PHE A CZ  1 
ATOM   529  N  N   . GLN A 1 58  ? -2.840  3.296   1.884   1.00 7.96  ? 58  GLN A N   1 
ATOM   530  C  CA  . GLN A 1 58  ? -2.724  4.366   2.850   1.00 7.42  ? 58  GLN A CA  1 
ATOM   531  C  C   . GLN A 1 58  ? -1.343  4.993   2.784   1.00 8.15  ? 58  GLN A C   1 
ATOM   532  O  O   . GLN A 1 58  ? -0.679  5.176   3.795   1.00 9.28  ? 58  GLN A O   1 
ATOM   533  C  CB  . GLN A 1 58  ? -3.123  3.920   4.257   1.00 8.41  ? 58  GLN A CB  1 
ATOM   534  C  CG  . GLN A 1 58  ? -4.630  3.654   4.336   1.00 8.42  ? 58  GLN A CG  1 
ATOM   535  C  CD  . GLN A 1 58  ? -5.459  4.920   4.323   1.00 8.40  ? 58  GLN A CD  1 
ATOM   536  O  OE1 . GLN A 1 58  ? -5.590  5.598   5.373   1.00 9.93  ? 58  GLN A OE1 1 
ATOM   537  N  NE2 . GLN A 1 58  ? -5.989  5.282   3.166   1.00 9.40  ? 58  GLN A NE2 1 
ATOM   538  N  N   . ILE A 1 59  ? -0.905  5.340   1.582   1.00 7.90  ? 59  ILE A N   1 
ATOM   539  C  CA  . ILE A 1 59  ? 0.396   5.946   1.351   1.00 7.91  ? 59  ILE A CA  1 
ATOM   540  C  C   . ILE A 1 59  ? 0.381   7.402   1.811   1.00 7.64  ? 59  ILE A C   1 
ATOM   541  O  O   . ILE A 1 59  ? -0.564  8.170   1.546   1.00 7.85  ? 59  ILE A O   1 
ATOM   542  C  CB  . ILE A 1 59  ? 0.732   5.807   -0.137  1.00 8.39  ? 59  ILE A CB  1 
ATOM   543  C  CG1 . ILE A 1 59  ? 1.029   4.330   -0.418  1.00 10.20 ? 59  ILE A CG1 1 
ATOM   544  C  CG2 . ILE A 1 59  ? 1.876   6.722   -0.537  1.00 10.28 ? 59  ILE A CG2 1 
ATOM   545  C  CD1 . ILE A 1 59  ? 1.151   3.932   -1.874  1.00 12.50 ? 59  ILE A CD1 1 
ATOM   546  N  N   . ASN A 1 60  ? 1.439   7.801   2.472   1.00 9.00  ? 60  ASN A N   1 
ATOM   547  C  CA  . ASN A 1 60  ? 1.478   9.053   3.202   1.00 8.63  ? 60  ASN A CA  1 
ATOM   548  C  C   . ASN A 1 60  ? 2.105   10.191  2.411   1.00 9.38  ? 60  ASN A C   1 
ATOM   549  O  O   . ASN A 1 60  ? 3.114   10.044  1.719   1.00 10.28 ? 60  ASN A O   1 
ATOM   550  C  CB  . ASN A 1 60  ? 2.236   8.808   4.509   1.00 10.46 ? 60  ASN A CB  1 
ATOM   551  C  CG  . ASN A 1 60  ? 2.271   10.012  5.373   1.00 9.84  ? 60  ASN A CG  1 
ATOM   552  O  OD1 . ASN A 1 60  ? 3.221   10.780  5.303   1.00 10.82 ? 60  ASN A OD1 1 
ATOM   553  N  ND2 . ASN A 1 60  ? 1.215   10.249  6.148   1.00 11.19 ? 60  ASN A ND2 1 
ATOM   554  N  N   . SER A 1 61  ? 1.525   11.373  2.593   1.00 8.28  ? 61  SER A N   1 
ATOM   555  C  CA  . SER A 1 61  ? 1.905   12.562  1.829   1.00 10.53 ? 61  SER A CA  1 
ATOM   556  C  C   . SER A 1 61  ? 3.235   13.202  2.227   1.00 11.73 ? 61  SER A C   1 
ATOM   557  O  O   . SER A 1 61  ? 3.697   14.101  1.509   1.00 12.03 ? 61  SER A O   1 
ATOM   558  C  CB  . SER A 1 61  ? 0.799   13.609  1.926   1.00 8.85  ? 61  SER A CB  1 
ATOM   559  O  OG  . SER A 1 61  ? 0.611   13.971  3.291   1.00 10.20 ? 61  SER A OG  1 
ATOM   560  N  N   . ARG A 1 62  ? 3.850   12.831  3.357   1.00 10.30 ? 62  ARG A N   1 
ATOM   561  C  CA  A ARG A 1 62  ? 5.088   13.509  3.733   0.71 11.32 ? 62  ARG A CA  1 
ATOM   562  C  CA  B ARG A 1 62  ? 5.095   13.486  3.758   0.29 11.54 ? 62  ARG A CA  1 
ATOM   563  C  C   . ARG A 1 62  ? 6.220   13.224  2.763   1.00 11.57 ? 62  ARG A C   1 
ATOM   564  O  O   . ARG A 1 62  ? 6.989   14.133  2.425   1.00 14.73 ? 62  ARG A O   1 
ATOM   565  C  CB  A ARG A 1 62  ? 5.480   13.168  5.169   0.71 13.27 ? 62  ARG A CB  1 
ATOM   566  C  CB  B ARG A 1 62  ? 5.475   13.054  5.178   0.29 13.51 ? 62  ARG A CB  1 
ATOM   567  C  CG  A ARG A 1 62  ? 6.796   13.774  5.600   0.71 12.17 ? 62  ARG A CG  1 
ATOM   568  C  CG  B ARG A 1 62  ? 6.848   13.485  5.652   0.29 15.07 ? 62  ARG A CG  1 
ATOM   569  C  CD  A ARG A 1 62  ? 6.871   13.906  7.132   0.71 15.81 ? 62  ARG A CD  1 
ATOM   570  C  CD  B ARG A 1 62  ? 6.793   14.081  7.058   0.29 17.47 ? 62  ARG A CD  1 
ATOM   571  N  NE  A ARG A 1 62  ? 5.760   14.735  7.614   0.71 17.35 ? 62  ARG A NE  1 
ATOM   572  N  NE  B ARG A 1 62  ? 6.607   15.530  6.993   0.29 22.17 ? 62  ARG A NE  1 
ATOM   573  C  CZ  A ARG A 1 62  ? 5.681   16.053  7.444   0.71 14.87 ? 62  ARG A CZ  1 
ATOM   574  C  CZ  B ARG A 1 62  ? 5.515   16.196  7.364   0.29 16.77 ? 62  ARG A CZ  1 
ATOM   575  N  NH1 A ARG A 1 62  ? 6.659   16.722  6.842   0.71 14.95 ? 62  ARG A NH1 1 
ATOM   576  N  NH1 B ARG A 1 62  ? 4.453   15.572  7.889   0.29 17.83 ? 62  ARG A NH1 1 
ATOM   577  N  NH2 A ARG A 1 62  ? 4.615   16.710  7.887   0.71 16.90 ? 62  ARG A NH2 1 
ATOM   578  N  NH2 B ARG A 1 62  ? 5.501   17.513  7.220   0.29 15.64 ? 62  ARG A NH2 1 
ATOM   579  N  N   . TYR A 1 63  ? 6.352   11.980  2.297   1.00 11.90 ? 63  TYR A N   1 
ATOM   580  C  CA  . TYR A 1 63  ? 7.395   11.646  1.332   1.00 10.89 ? 63  TYR A CA  1 
ATOM   581  C  C   . TYR A 1 63  ? 6.898   11.243  -0.040  1.00 11.89 ? 63  TYR A C   1 
ATOM   582  O  O   . TYR A 1 63  ? 7.673   11.321  -0.997  1.00 12.85 ? 63  TYR A O   1 
ATOM   583  C  CB  . TYR A 1 63  ? 8.275   10.494  1.836   1.00 14.58 ? 63  TYR A CB  1 
ATOM   584  C  CG  . TYR A 1 63  ? 9.257   10.971  2.855   0.63 10.33 ? 63  TYR A CG  1 
ATOM   585  C  CD1 . TYR A 1 63  ? 10.399  11.665  2.488   0.76 14.56 ? 63  TYR A CD1 1 
ATOM   586  C  CD2 . TYR A 1 63  ? 9.013   10.813  4.212   0.81 11.45 ? 63  TYR A CD2 1 
ATOM   587  C  CE1 . TYR A 1 63  ? 11.302  12.134  3.465   0.62 13.51 ? 63  TYR A CE1 1 
ATOM   588  C  CE2 . TYR A 1 63  ? 9.881   11.279  5.182   0.80 13.31 ? 63  TYR A CE2 1 
ATOM   589  C  CZ  . TYR A 1 63  ? 11.023  11.948  4.808   0.63 9.85  ? 63  TYR A CZ  1 
ATOM   590  O  OH  . TYR A 1 63  ? 11.894  12.389  5.791   0.59 14.12 ? 63  TYR A OH  1 
ATOM   591  N  N   . TRP A 1 64  ? 5.678   10.719  -0.156  1.00 10.56 ? 64  TRP A N   1 
ATOM   592  C  CA  . TRP A 1 64  ? 5.390   9.874   -1.315  1.00 11.01 ? 64  TRP A CA  1 
ATOM   593  C  C   . TRP A 1 64  ? 4.546   10.514  -2.410  1.00 10.73 ? 64  TRP A C   1 
ATOM   594  O  O   . TRP A 1 64  ? 4.736   10.193  -3.576  1.00 12.27 ? 64  TRP A O   1 
ATOM   595  C  CB  . TRP A 1 64  ? 4.794   8.529   -0.865  1.00 8.98  ? 64  TRP A CB  1 
ATOM   596  C  CG  . TRP A 1 64  ? 5.712   7.847   0.103   1.00 9.07  ? 64  TRP A CG  1 
ATOM   597  C  CD1 . TRP A 1 64  ? 5.498   7.643   1.434   1.00 11.48 ? 64  TRP A CD1 1 
ATOM   598  C  CD2 . TRP A 1 64  ? 7.051   7.399   -0.155  1.00 9.93  ? 64  TRP A CD2 1 
ATOM   599  N  NE1 . TRP A 1 64  ? 6.616   7.073   2.033   1.00 10.79 ? 64  TRP A NE1 1 
ATOM   600  C  CE2 . TRP A 1 64  ? 7.572   6.913   1.066   1.00 10.90 ? 64  TRP A CE2 1 
ATOM   601  C  CE3 . TRP A 1 64  ? 7.842   7.352   -1.294  1.00 10.12 ? 64  TRP A CE3 1 
ATOM   602  C  CZ2 . TRP A 1 64  ? 8.875   6.406   1.169   1.00 11.41 ? 64  TRP A CZ2 1 
ATOM   603  C  CZ3 . TRP A 1 64  ? 9.149   6.818   -1.179  1.00 10.72 ? 64  TRP A CZ3 1 
ATOM   604  C  CH2 . TRP A 1 64  ? 9.636   6.376   0.038   1.00 12.21 ? 64  TRP A CH2 1 
ATOM   605  N  N   . CYS A 1 65  ? 3.576   11.364  -2.073  1.00 11.67 ? 65  CYS A N   1 
ATOM   606  C  CA  . CYS A 1 65  ? 2.746   12.020  -3.083  1.00 10.15 ? 65  CYS A CA  1 
ATOM   607  C  C   . CYS A 1 65  ? 2.564   13.455  -2.647  1.00 11.18 ? 65  CYS A C   1 
ATOM   608  O  O   . CYS A 1 65  ? 2.782   13.798  -1.481  1.00 10.89 ? 65  CYS A O   1 
ATOM   609  C  CB  . CYS A 1 65  ? 1.373   11.350  -3.219  1.00 10.38 ? 65  CYS A CB  1 
ATOM   610  S  SG  . CYS A 1 65  ? 0.342   11.292  -1.717  1.00 10.31 ? 65  CYS A SG  1 
ATOM   611  N  N   . ASN A 1 66  ? 2.192   14.296  -3.599  1.00 9.78  ? 66  ASN A N   1 
ATOM   612  C  CA  . ASN A 1 66  ? 1.966   15.701  -3.294  1.00 9.61  ? 66  ASN A CA  1 
ATOM   613  C  C   . ASN A 1 66  ? 0.481   16.024  -3.078  1.00 8.54  ? 66  ASN A C   1 
ATOM   614  O  O   . ASN A 1 66  ? -0.339  15.823  -3.987  1.00 8.25  ? 66  ASN A O   1 
ATOM   615  C  CB  . ASN A 1 66  ? 2.512   16.602  -4.390  1.00 11.69 ? 66  ASN A CB  1 
ATOM   616  C  CG  . ASN A 1 66  ? 2.327   18.083  -4.044  1.00 11.69 ? 66  ASN A CG  1 
ATOM   617  O  OD1 . ASN A 1 66  ? 2.641   18.500  -2.934  1.00 12.57 ? 66  ASN A OD1 1 
ATOM   618  N  ND2 . ASN A 1 66  ? 1.830   18.870  -5.003  1.00 12.63 ? 66  ASN A ND2 1 
ATOM   619  N  N   . ASP A 1 67  ? 0.158   16.566  -1.906  1.00 8.89  ? 67  ASP A N   1 
ATOM   620  C  CA  . ASP A 1 67  ? -1.155  17.146  -1.659  1.00 8.79  ? 67  ASP A CA  1 
ATOM   621  C  C   . ASP A 1 67  ? -1.090  18.639  -1.374  1.00 9.77  ? 67  ASP A C   1 
ATOM   622  O  O   . ASP A 1 67  ? -2.138  19.250  -1.131  1.00 10.23 ? 67  ASP A O   1 
ATOM   623  C  CB  . ASP A 1 67  ? -1.968  16.391  -0.608  1.00 9.18  ? 67  ASP A CB  1 
ATOM   624  C  CG  . ASP A 1 67  ? -1.385  16.455  0.820   1.00 8.18  ? 67  ASP A CG  1 
ATOM   625  O  OD1 . ASP A 1 67  ? -0.369  17.191  1.062   1.00 10.06 ? 67  ASP A OD1 1 
ATOM   626  O  OD2 . ASP A 1 67  ? -1.974  15.765  1.695   1.00 9.53  ? 67  ASP A OD2 1 
ATOM   627  N  N   . GLY A 1 68  ? 0.082   19.273  -1.476  1.00 9.41  ? 68  GLY A N   1 
ATOM   628  C  CA  . GLY A 1 68  ? 0.159   20.716  -1.296  1.00 11.01 ? 68  GLY A CA  1 
ATOM   629  C  C   . GLY A 1 68  ? 0.060   21.213  0.124   1.00 11.61 ? 68  GLY A C   1 
ATOM   630  O  O   . GLY A 1 68  ? 0.669   22.237  0.466   1.00 17.33 ? 68  GLY A O   1 
ATOM   631  N  N   . LYS A 1 69  ? -0.669  20.520  0.975   1.00 12.89 ? 69  LYS A N   1 
ATOM   632  C  CA  . LYS A 1 69  ? -0.935  21.032  2.311   1.00 15.13 ? 69  LYS A CA  1 
ATOM   633  C  C   . LYS A 1 69  ? -0.049  20.394  3.381   1.00 14.27 ? 69  LYS A C   1 
ATOM   634  O  O   . LYS A 1 69  ? -0.180  20.765  4.556   1.00 20.53 ? 69  LYS A O   1 
ATOM   635  C  CB  . LYS A 1 69  ? -2.417  20.853  2.650   1.00 14.01 ? 69  LYS A CB  1 
ATOM   636  C  CG  . LYS A 1 69  ? -2.870  19.373  2.636   1.00 14.30 ? 69  LYS A CG  1 
ATOM   637  C  CD  . LYS A 1 69  ? -4.337  19.257  3.048   1.00 16.03 ? 69  LYS A CD  1 
ATOM   638  C  CE  . LYS A 1 69  ? -4.815  17.853  3.142   0.52 18.35 ? 69  LYS A CE  1 
ATOM   639  N  NZ  . LYS A 1 69  ? -6.257  17.686  2.827   0.49 14.73 ? 69  LYS A NZ  1 
ATOM   640  N  N   . THR A 1 70  ? 0.843   19.467  3.036   1.00 12.96 ? 70  THR A N   1 
ATOM   641  C  CA  . THR A 1 70  ? 1.691   18.808  4.032   1.00 13.93 ? 70  THR A CA  1 
ATOM   642  C  C   . THR A 1 70  ? 3.006   19.577  4.154   1.00 13.67 ? 70  THR A C   1 
ATOM   643  O  O   . THR A 1 70  ? 3.760   19.653  3.176   1.00 16.17 ? 70  THR A O   1 
ATOM   644  C  CB  . THR A 1 70  ? 1.952   17.354  3.636   1.00 13.07 ? 70  THR A CB  1 
ATOM   645  O  OG1 . THR A 1 70  ? 0.693   16.664  3.468   1.00 10.63 ? 70  THR A OG1 1 
ATOM   646  C  CG2 . THR A 1 70  ? 2.781   16.640  4.740   1.00 12.16 ? 70  THR A CG2 1 
ATOM   647  N  N   . PRO A 1 71  ? 3.368   20.072  5.341   1.00 14.74 ? 71  PRO A N   1 
ATOM   648  C  CA  . PRO A 1 71  ? 4.517   20.986  5.435   1.00 17.98 ? 71  PRO A CA  1 
ATOM   649  C  C   . PRO A 1 71  ? 5.824   20.259  5.200   1.00 17.41 ? 71  PRO A C   1 
ATOM   650  O  O   . PRO A 1 71  ? 6.041   19.150  5.699   0.90 24.23 ? 71  PRO A O   1 
ATOM   651  C  CB  . PRO A 1 71  ? 4.455   21.489  6.884   1.00 16.32 ? 71  PRO A CB  1 
ATOM   652  C  CG  . PRO A 1 71  ? 3.204   21.089  7.440   1.00 16.77 ? 71  PRO A CG  1 
ATOM   653  C  CD  . PRO A 1 71  ? 2.584   20.014  6.580   1.00 14.93 ? 71  PRO A CD  1 
ATOM   654  N  N   . GLY A 1 72  ? 6.695   20.884  4.418   0.85 17.78 ? 72  GLY A N   1 
ATOM   655  C  CA  . GLY A 1 72  ? 8.013   20.334  4.160   0.85 18.74 ? 72  GLY A CA  1 
ATOM   656  C  C   . GLY A 1 72  ? 8.021   18.975  3.501   0.85 21.46 ? 72  GLY A C   1 
ATOM   657  O  O   . GLY A 1 72  ? 8.995   18.229  3.623   0.85 23.66 ? 72  GLY A O   1 
ATOM   658  N  N   . ALA A 1 73  ? 6.957   18.630  2.796   1.00 20.67 ? 73  ALA A N   1 
ATOM   659  C  CA  . ALA A 1 73  ? 6.841   17.312  2.207   1.00 14.33 ? 73  ALA A CA  1 
ATOM   660  C  C   . ALA A 1 73  ? 7.539   17.246  0.859   1.00 18.45 ? 73  ALA A C   1 
ATOM   661  O  O   . ALA A 1 73  ? 7.770   18.267  0.185   1.00 20.62 ? 73  ALA A O   1 
ATOM   662  C  CB  . ALA A 1 73  ? 5.366   16.996  1.979   1.00 16.80 ? 73  ALA A CB  1 
ATOM   663  N  N   . VAL A 1 74  ? 7.814   16.009  0.441   1.00 17.94 ? 74  VAL A N   1 
ATOM   664  C  CA  . VAL A 1 74  ? 8.285   15.736  -0.906  1.00 15.04 ? 74  VAL A CA  1 
ATOM   665  C  C   . VAL A 1 74  ? 7.325   14.752  -1.591  1.00 15.08 ? 74  VAL A C   1 
ATOM   666  O  O   . VAL A 1 74  ? 6.301   14.352  -1.003  1.00 16.77 ? 74  VAL A O   1 
ATOM   667  C  CB  . VAL A 1 74  ? 9.749   15.253  -0.892  1.00 18.40 ? 74  VAL A CB  1 
ATOM   668  C  CG1 . VAL A 1 74  ? 10.654  16.321  -0.185  1.00 19.76 ? 74  VAL A CG1 1 
ATOM   669  C  CG2 . VAL A 1 74  ? 9.855   13.954  -0.175  1.00 19.92 ? 74  VAL A CG2 1 
ATOM   670  N  N   . ASN A 1 75  ? 7.604   14.434  -2.854  1.00 14.27 ? 75  ASN A N   1 
ATOM   671  C  CA  . ASN A 1 75  ? 6.708   13.698  -3.753  1.00 13.61 ? 75  ASN A CA  1 
ATOM   672  C  C   . ASN A 1 75  ? 7.552   12.682  -4.550  1.00 11.45 ? 75  ASN A C   1 
ATOM   673  O  O   . ASN A 1 75  ? 7.764   12.804  -5.746  1.00 13.87 ? 75  ASN A O   1 
ATOM   674  C  CB  . ASN A 1 75  ? 5.989   14.693  -4.680  1.00 14.29 ? 75  ASN A CB  1 
ATOM   675  C  CG  . ASN A 1 75  ? 5.060   14.028  -5.670  1.00 13.77 ? 75  ASN A CG  1 
ATOM   676  O  OD1 . ASN A 1 75  ? 4.754   12.846  -5.539  1.00 12.95 ? 75  ASN A OD1 1 
ATOM   677  N  ND2 . ASN A 1 75  ? 4.585   14.782  -6.643  1.00 16.90 ? 75  ASN A ND2 1 
ATOM   678  N  N   . ALA A 1 76  ? 7.951   11.608  -3.869  1.00 13.11 ? 76  ALA A N   1 
ATOM   679  C  CA  . ALA A 1 76  ? 8.871   10.654  -4.475  1.00 12.82 ? 76  ALA A CA  1 
ATOM   680  C  C   . ALA A 1 76  ? 8.208   9.800   -5.544  1.00 12.87 ? 76  ALA A C   1 
ATOM   681  O  O   . ALA A 1 76  ? 8.899   9.276   -6.422  1.00 15.22 ? 76  ALA A O   1 
ATOM   682  C  CB  . ALA A 1 76  ? 9.528   9.803   -3.397  1.00 14.81 ? 76  ALA A CB  1 
ATOM   683  N  N   . CYS A 1 77  ? 6.899   9.583   -5.454  1.00 12.17 ? 77  CYS A N   1 
ATOM   684  C  CA  . CYS A 1 77  ? 6.179   8.834   -6.476  1.00 12.53 ? 77  CYS A CA  1 
ATOM   685  C  C   . CYS A 1 77  ? 5.863   9.658   -7.732  1.00 10.00 ? 77  CYS A C   1 
ATOM   686  O  O   . CYS A 1 77  ? 5.341   9.125   -8.693  1.00 13.70 ? 77  CYS A O   1 
ATOM   687  C  CB  . CYS A 1 77  ? 4.917   8.238   -5.854  1.00 10.30 ? 77  CYS A CB  1 
ATOM   688  S  SG  . CYS A 1 77  ? 5.362   7.004   -4.626  1.00 10.78 ? 77  CYS A SG  1 
ATOM   689  N  N   . HIS A 1 78  ? 6.124   10.979  -7.685  1.00 12.83 ? 78  HIS A N   1 
ATOM   690  C  CA  . HIS A 1 78  ? 5.764   11.930  -8.756  1.00 13.82 ? 78  HIS A CA  1 
ATOM   691  C  C   . HIS A 1 78  ? 4.293   11.830  -9.105  1.00 11.76 ? 78  HIS A C   1 
ATOM   692  O  O   . HIS A 1 78  ? 3.912   11.658  -10.263 1.00 14.56 ? 78  HIS A O   1 
ATOM   693  C  CB  . HIS A 1 78  ? 6.592   11.717  -10.024 1.00 16.11 ? 78  HIS A CB  1 
ATOM   694  C  CG  . HIS A 1 78  ? 7.979   11.261  -9.770  0.71 17.45 ? 78  HIS A CG  1 
ATOM   695  N  ND1 . HIS A 1 78  ? 8.842   11.964  -8.964  0.80 21.98 ? 78  HIS A ND1 1 
ATOM   696  C  CD2 . HIS A 1 78  ? 8.662   10.176  -10.212 0.72 20.24 ? 78  HIS A CD2 1 
ATOM   697  C  CE1 . HIS A 1 78  ? 9.999   11.324  -8.907  0.63 22.63 ? 78  HIS A CE1 1 
ATOM   698  N  NE2 . HIS A 1 78  ? 9.918   10.243  -9.663  0.56 24.77 ? 78  HIS A NE2 1 
ATOM   699  N  N   . LEU A 1 79  ? 3.458   11.886  -8.071  1.00 10.33 ? 79  LEU A N   1 
ATOM   700  C  CA  . LEU A 1 79  ? 2.011   11.834  -8.256  1.00 10.79 ? 79  LEU A CA  1 
ATOM   701  C  C   . LEU A 1 79  ? 1.338   12.871  -7.388  1.00 10.23 ? 79  LEU A C   1 
ATOM   702  O  O   . LEU A 1 79  ? 1.768   13.094  -6.252  1.00 10.99 ? 79  LEU A O   1 
ATOM   703  C  CB  . LEU A 1 79  ? 1.476   10.493  -7.746  1.00 10.75 ? 79  LEU A CB  1 
ATOM   704  C  CG  . LEU A 1 79  ? 1.839   9.234   -8.504  1.00 12.23 ? 79  LEU A CG  1 
ATOM   705  C  CD1 . LEU A 1 79  ? 1.390   7.999   -7.760  1.00 12.59 ? 79  LEU A CD1 1 
ATOM   706  C  CD2 . LEU A 1 79  ? 1.220   9.225   -9.906  1.00 13.19 ? 79  LEU A CD2 1 
ATOM   707  N  N   . SER A 1 80  ? 0.252   13.449  -7.890  1.00 9.49  ? 80  SER A N   1 
ATOM   708  C  CA  . SER A 1 80  ? -0.691  14.053  -6.967  1.00 10.27 ? 80  SER A CA  1 
ATOM   709  C  C   . SER A 1 80  ? -1.230  12.936  -6.061  1.00 8.50  ? 80  SER A C   1 
ATOM   710  O  O   . SER A 1 80  ? -1.502  11.808  -6.518  1.00 9.30  ? 80  SER A O   1 
ATOM   711  C  CB  . SER A 1 80  ? -1.841  14.641  -7.800  1.00 10.50 ? 80  SER A CB  1 
ATOM   712  O  OG  . SER A 1 80  ? -2.948  15.034  -6.988  1.00 9.85  ? 80  SER A OG  1 
ATOM   713  N  N   . CYS A 1 81  ? -1.482  13.253  -4.792  1.00 8.20  ? 81  CYS A N   1 
ATOM   714  C  CA  . CYS A 1 81  ? -2.157  12.295  -3.945  1.00 7.83  ? 81  CYS A CA  1 
ATOM   715  C  C   . CYS A 1 81  ? -3.515  11.877  -4.501  1.00 7.80  ? 81  CYS A C   1 
ATOM   716  O  O   . CYS A 1 81  ? -4.009  10.782  -4.180  1.00 8.41  ? 81  CYS A O   1 
ATOM   717  C  CB  . CYS A 1 81  ? -2.227  12.805  -2.499  1.00 8.08  ? 81  CYS A CB  1 
ATOM   718  S  SG  . CYS A 1 81  ? -0.610  13.106  -1.736  1.00 9.14  ? 81  CYS A SG  1 
ATOM   719  N  N   . SER A 1 82  ? -4.147  12.722  -5.341  1.00 8.36  ? 82  SER A N   1 
ATOM   720  C  CA  . SER A 1 82  ? -5.396  12.322  -5.982  1.00 8.33  ? 82  SER A CA  1 
ATOM   721  C  C   . SER A 1 82  ? -5.234  11.014  -6.753  1.00 6.56  ? 82  SER A C   1 
ATOM   722  O  O   . SER A 1 82  ? -6.162  10.224  -6.853  1.00 7.86  ? 82  SER A O   1 
ATOM   723  C  CB  . SER A 1 82  ? -5.826  13.454  -6.925  1.00 10.02 ? 82  SER A CB  1 
ATOM   724  O  OG  . SER A 1 82  ? -7.033  13.132  -7.631  1.00 9.10  ? 82  SER A OG  1 
ATOM   725  N  N   . ALA A 1 83  ? -4.068  10.827  -7.346  1.00 8.07  ? 83  ALA A N   1 
ATOM   726  C  CA  . ALA A 1 83  ? -3.873  9.604   -8.132  1.00 8.30  ? 83  ALA A CA  1 
ATOM   727  C  C   . ALA A 1 83  ? -4.026  8.343   -7.286  1.00 8.24  ? 83  ALA A C   1 
ATOM   728  O  O   . ALA A 1 83  ? -4.285  7.256   -7.836  1.00 8.51  ? 83  ALA A O   1 
ATOM   729  C  CB  . ALA A 1 83  ? -2.462  9.551   -8.731  1.00 9.20  ? 83  ALA A CB  1 
ATOM   730  N  N   . LEU A 1 84  ? -3.788  8.460   -5.987  1.00 6.80  ? 84  LEU A N   1 
ATOM   731  C  CA  . LEU A 1 84  ? -3.847  7.331   -5.059  1.00 7.07  ? 84  LEU A CA  1 
ATOM   732  C  C   . LEU A 1 84  ? -5.280  7.107   -4.579  1.00 8.03  ? 84  LEU A C   1 
ATOM   733  O  O   . LEU A 1 84  ? -5.498  6.243   -3.706  1.00 9.70  ? 84  LEU A O   1 
ATOM   734  C  CB  . LEU A 1 84  ? -2.934  7.541   -3.872  1.00 7.59  ? 84  LEU A CB  1 
ATOM   735  C  CG  . LEU A 1 84  ? -1.469  7.703   -4.280  1.00 9.46  ? 84  LEU A CG  1 
ATOM   736  C  CD1 . LEU A 1 84  ? -0.647  7.934   -3.038  1.00 12.25 ? 84  LEU A CD1 1 
ATOM   737  C  CD2 . LEU A 1 84  ? -1.034  6.475   -5.010  1.00 11.98 ? 84  LEU A CD2 1 
ATOM   738  N  N   . LEU A 1 85  ? -6.269  7.815   -5.147  1.00 7.68  ? 85  LEU A N   1 
ATOM   739  C  CA  . LEU A 1 85  ? -7.671  7.644   -4.764  1.00 7.47  ? 85  LEU A CA  1 
ATOM   740  C  C   . LEU A 1 85  ? -8.496  7.138   -5.944  1.00 8.05  ? 85  LEU A C   1 
ATOM   741  O  O   . LEU A 1 85  ? -9.746  7.111   -5.869  1.00 8.53  ? 85  LEU A O   1 
ATOM   742  C  CB  . LEU A 1 85  ? -8.247  8.967   -4.209  1.00 8.31  ? 85  LEU A CB  1 
ATOM   743  C  CG  . LEU A 1 85  ? -7.550  9.501   -2.964  1.00 8.18  ? 85  LEU A CG  1 
ATOM   744  C  CD1 . LEU A 1 85  ? -8.088  10.907  -2.637  1.00 8.77  ? 85  LEU A CD1 1 
ATOM   745  C  CD2 . LEU A 1 85  ? -7.656  8.495   -1.787  1.00 9.67  ? 85  LEU A CD2 1 
ATOM   746  N  N   . GLN A 1 86  ? -7.840  6.721   -7.021  1.00 8.51  ? 86  GLN A N   1 
ATOM   747  C  CA  . GLN A 1 86  ? -8.522  6.161   -8.183  1.00 8.13  ? 86  GLN A CA  1 
ATOM   748  C  C   . GLN A 1 86  ? -9.031  4.738   -7.913  1.00 8.36  ? 86  GLN A C   1 
ATOM   749  O  O   . GLN A 1 86  ? -8.427  3.967   -7.141  1.00 8.66  ? 86  GLN A O   1 
ATOM   750  C  CB  . GLN A 1 86  ? -7.550  6.140   -9.362  1.00 8.40  ? 86  GLN A CB  1 
ATOM   751  C  CG  . GLN A 1 86  ? -7.140  7.508   -9.875  1.00 9.45  ? 86  GLN A CG  1 
ATOM   752  C  CD  . GLN A 1 86  ? -6.131  7.404   -10.982 1.00 9.41  ? 86  GLN A CD  1 
ATOM   753  O  OE1 . GLN A 1 86  ? -6.493  7.239   -12.169 1.00 11.69 ? 86  GLN A OE1 1 
ATOM   754  N  NE2 . GLN A 1 86  ? -4.855  7.330   -10.619 1.00 10.00 ? 86  GLN A NE2 1 
ATOM   755  N  N   . ASP A 1 87  ? -10.071 4.332   -8.642  1.00 8.93  ? 87  ASP A N   1 
ATOM   756  C  CA  . ASP A 1 87  ? -10.468 2.917   -8.626  1.00 8.77  ? 87  ASP A CA  1 
ATOM   757  C  C   . ASP A 1 87  ? -9.404  2.032   -9.276  1.00 8.85  ? 87  ASP A C   1 
ATOM   758  O  O   . ASP A 1 87  ? -9.218  0.883   -8.854  1.00 10.53 ? 87  ASP A O   1 
ATOM   759  C  CB  . ASP A 1 87  ? -11.788 2.704   -9.383  1.00 9.64  ? 87  ASP A CB  1 
ATOM   760  C  CG  . ASP A 1 87  ? -13.035 3.032   -8.573  1.00 9.75  ? 87  ASP A CG  1 
ATOM   761  O  OD1 . ASP A 1 87  ? -12.935 3.555   -7.441  1.00 10.60 ? 87  ASP A OD1 1 
ATOM   762  O  OD2 . ASP A 1 87  ? -14.117 2.763   -9.106  1.00 11.20 ? 87  ASP A OD2 1 
ATOM   763  N  N   . ASN A 1 88  ? -8.743  2.522   -10.337 1.00 8.60  ? 88  ASN A N   1 
ATOM   764  C  CA  . ASN A 1 88  ? -7.639  1.811   -10.967 1.00 8.20  ? 88  ASN A CA  1 
ATOM   765  C  C   . ASN A 1 88  ? -6.404  2.010   -10.096 1.00 9.06  ? 88  ASN A C   1 
ATOM   766  O  O   . ASN A 1 88  ? -6.004  3.163   -9.831  1.00 10.24 ? 88  ASN A O   1 
ATOM   767  C  CB  . ASN A 1 88  ? -7.381  2.379   -12.347 1.00 10.59 ? 88  ASN A CB  1 
ATOM   768  C  CG  . ASN A 1 88  ? -6.269  1.645   -13.031 1.00 12.93 ? 88  ASN A CG  1 
ATOM   769  O  OD1 . ASN A 1 88  ? -5.141  1.794   -12.670 1.00 13.17 ? 88  ASN A OD1 1 
ATOM   770  N  ND2 . ASN A 1 88  ? -6.599  0.736   -13.921 1.00 15.12 ? 88  ASN A ND2 1 
ATOM   771  N  N   . ILE A 1 89  ? -5.804  0.896   -9.662  1.00 7.51  ? 89  ILE A N   1 
ATOM   772  C  CA  . ILE A 1 89  ? -4.721  0.972   -8.692  1.00 7.67  ? 89  ILE A CA  1 
ATOM   773  C  C   . ILE A 1 89  ? -3.331  0.991   -9.298  1.00 8.17  ? 89  ILE A C   1 
ATOM   774  O  O   . ILE A 1 89  ? -2.337  0.843   -8.579  1.00 8.56  ? 89  ILE A O   1 
ATOM   775  C  CB  . ILE A 1 89  ? -4.830  -0.094  -7.578  1.00 8.16  ? 89  ILE A CB  1 
ATOM   776  C  CG1 . ILE A 1 89  ? -4.682  -1.504  -8.146  1.00 9.27  ? 89  ILE A CG1 1 
ATOM   777  C  CG2 . ILE A 1 89  ? -6.172  0.127   -6.855  1.00 9.63  ? 89  ILE A CG2 1 
ATOM   778  C  CD1 . ILE A 1 89  ? -4.642  -2.598  -7.048  1.00 11.69 ? 89  ILE A CD1 1 
ATOM   779  N  N   . ALA A 1 90  ? -3.201  1.151   -10.610 1.00 8.13  ? 90  ALA A N   1 
ATOM   780  C  CA  . ALA A 1 90  ? -1.875  1.150   -11.216 1.00 8.60  ? 90  ALA A CA  1 
ATOM   781  C  C   . ALA A 1 90  ? -0.958  2.181   -10.588 1.00 8.29  ? 90  ALA A C   1 
ATOM   782  O  O   . ALA A 1 90  ? 0.211   1.863   -10.281 1.00 8.44  ? 90  ALA A O   1 
ATOM   783  C  CB  . ALA A 1 90  ? -1.949  1.363   -12.728 1.00 9.39  ? 90  ALA A CB  1 
ATOM   784  N  N   . ASP A 1 91  ? -1.423  3.426   -10.407 1.00 7.85  ? 91  ASP A N   1 
ATOM   785  C  CA  . ASP A 1 91  ? -0.506  4.422   -9.847  1.00 8.69  ? 91  ASP A CA  1 
ATOM   786  C  C   . ASP A 1 91  ? -0.185  4.125   -8.386  1.00 8.39  ? 91  ASP A C   1 
ATOM   787  O  O   . ASP A 1 91  ? 0.966   4.305   -7.948  1.00 8.92  ? 91  ASP A O   1 
ATOM   788  C  CB  . ASP A 1 91  ? -1.127  5.824   -9.979  1.00 9.46  ? 91  ASP A CB  1 
ATOM   789  C  CG  . ASP A 1 91  ? -1.182  6.322   -11.391 1.00 11.84 ? 91  ASP A CG  1 
ATOM   790  O  OD1 . ASP A 1 91  ? -0.245  6.077   -12.178 1.00 15.90 ? 91  ASP A OD1 1 
ATOM   791  O  OD2 . ASP A 1 91  ? -2.166  7.031   -11.723 1.00 16.20 ? 91  ASP A OD2 1 
ATOM   792  N  N   . ALA A 1 92  ? -1.161  3.658   -7.623  1.00 7.99  ? 92  ALA A N   1 
ATOM   793  C  CA  . ALA A 1 92  ? -0.879  3.254   -6.245  1.00 8.38  ? 92  ALA A CA  1 
ATOM   794  C  C   . ALA A 1 92  ? 0.138   2.143   -6.188  1.00 8.77  ? 92  ALA A C   1 
ATOM   795  O  O   . ALA A 1 92  ? 0.988   2.156   -5.283  1.00 8.33  ? 92  ALA A O   1 
ATOM   796  C  CB  . ALA A 1 92  ? -2.152  2.845   -5.530  1.00 8.72  ? 92  ALA A CB  1 
ATOM   797  N  N   . VAL A 1 93  ? 0.062   1.170   -7.107  1.00 8.06  ? 93  VAL A N   1 
ATOM   798  C  CA  . VAL A 1 93  ? 1.050   0.089   -7.122  1.00 8.49  ? 93  VAL A CA  1 
ATOM   799  C  C   . VAL A 1 93  ? 2.417   0.625   -7.490  1.00 8.01  ? 93  VAL A C   1 
ATOM   800  O  O   . VAL A 1 93  ? 3.422   0.247   -6.879  1.00 8.43  ? 93  VAL A O   1 
ATOM   801  C  CB  . VAL A 1 93  ? 0.545   -1.000  -8.093  1.00 9.28  ? 93  VAL A CB  1 
ATOM   802  C  CG1 . VAL A 1 93  ? 1.702   -1.917  -8.492  1.00 10.62 ? 93  VAL A CG1 1 
ATOM   803  C  CG2 . VAL A 1 93  ? -0.572  -1.785  -7.429  1.00 10.81 ? 93  VAL A CG2 1 
ATOM   804  N  N   . ALA A 1 94  ? 2.498   1.492   -8.508  1.00 8.35  ? 94  ALA A N   1 
ATOM   805  C  CA  . ALA A 1 94  ? 3.797   2.056   -8.844  1.00 9.01  ? 94  ALA A CA  1 
ATOM   806  C  C   . ALA A 1 94  ? 4.382   2.807   -7.670  1.00 9.74  ? 94  ALA A C   1 
ATOM   807  O  O   . ALA A 1 94  ? 5.615   2.741   -7.422  1.00 8.39  ? 94  ALA A O   1 
ATOM   808  C  CB  . ALA A 1 94  ? 3.665   2.993   -10.037 1.00 11.02 ? 94  ALA A CB  1 
ATOM   809  N  N   . CYS A 1 95  ? 3.536   3.504   -6.918  1.00 8.40  ? 95  CYS A N   1 
ATOM   810  C  CA  . CYS A 1 95  ? 4.055   4.227   -5.763  1.00 9.44  ? 95  CYS A CA  1 
ATOM   811  C  C   . CYS A 1 95  ? 4.465   3.279   -4.626  1.00 7.45  ? 95  CYS A C   1 
ATOM   812  O  O   . CYS A 1 95  ? 5.492   3.490   -3.983  1.00 8.82  ? 95  CYS A O   1 
ATOM   813  C  CB  . CYS A 1 95  ? 2.987   5.217   -5.304  1.00 9.90  ? 95  CYS A CB  1 
ATOM   814  S  SG  . CYS A 1 95  ? 3.511   6.377   -4.022  1.00 9.63  ? 95  CYS A SG  1 
ATOM   815  N  N   . ALA A 1 96  ? 3.670   2.253   -4.347  1.00 7.65  ? 96  ALA A N   1 
ATOM   816  C  CA  . ALA A 1 96  ? 4.066   1.272   -3.342  1.00 7.84  ? 96  ALA A CA  1 
ATOM   817  C  C   . ALA A 1 96  ? 5.411   0.630   -3.697  1.00 7.82  ? 96  ALA A C   1 
ATOM   818  O  O   . ALA A 1 96  ? 6.247   0.386   -2.802  1.00 8.49  ? 96  ALA A O   1 
ATOM   819  C  CB  . ALA A 1 96  ? 2.983   0.208   -3.183  1.00 9.00  ? 96  ALA A CB  1 
ATOM   820  N  N   . LYS A 1 97  ? 5.635   0.350   -4.997  1.00 7.93  ? 97  LYS A N   1 
ATOM   821  C  CA  . LYS A 1 97  ? 6.938   -0.176  -5.411  1.00 8.12  ? 97  LYS A CA  1 
ATOM   822  C  C   . LYS A 1 97  ? 8.037   0.831   -5.090  1.00 8.45  ? 97  LYS A C   1 
ATOM   823  O  O   . LYS A 1 97  ? 9.143   0.443   -4.656  1.00 9.47  ? 97  LYS A O   1 
ATOM   824  C  CB  . LYS A 1 97  ? 6.922   -0.490  -6.916  1.00 9.44  ? 97  LYS A CB  1 
ATOM   825  C  CG  . LYS A 1 97  ? 6.076   -1.694  -7.266  1.00 8.58  ? 97  LYS A CG  1 
ATOM   826  C  CD  . LYS A 1 97  ? 5.991   -1.892  -8.793  1.00 9.52  ? 97  LYS A CD  1 
ATOM   827  C  CE  . LYS A 1 97  ? 5.240   -3.141  -9.190  1.00 9.99  ? 97  LYS A CE  1 
ATOM   828  N  NZ  . LYS A 1 97  ? 5.020   -3.202  -10.676 1.00 11.40 ? 97  LYS A NZ  1 
ATOM   829  N  N   . ARG A 1 98  ? 7.783   2.123   -5.338  1.00 9.36  ? 98  ARG A N   1 
ATOM   830  C  CA  . ARG A 1 98  ? 8.771   3.137   -4.990  1.00 7.91  ? 98  ARG A CA  1 
ATOM   831  C  C   . ARG A 1 98  ? 9.054   3.138   -3.488  1.00 8.85  ? 98  ARG A C   1 
ATOM   832  O  O   . ARG A 1 98  ? 10.213  3.264   -3.069  1.00 9.45  ? 98  ARG A O   1 
ATOM   833  C  CB  . ARG A 1 98  ? 8.307   4.518   -5.480  1.00 9.85  ? 98  ARG A CB  1 
ATOM   834  C  CG  . ARG A 1 98  ? 9.170   5.687   -5.002  1.00 9.30  ? 98  ARG A CG  1 
ATOM   835  C  CD  . ARG A 1 98  ? 10.605  5.599   -5.464  1.00 10.80 ? 98  ARG A CD  1 
ATOM   836  N  NE  . ARG A 1 98  ? 11.464  6.659   -4.937  1.00 11.17 ? 98  ARG A NE  1 
ATOM   837  C  CZ  . ARG A 1 98  ? 12.125  6.588   -3.793  1.00 11.61 ? 98  ARG A CZ  1 
ATOM   838  N  NH1 . ARG A 1 98  ? 12.044  5.501   -2.996  1.00 11.66 ? 98  ARG A NH1 1 
ATOM   839  N  NH2 . ARG A 1 98  ? 12.881  7.619   -3.424  1.00 13.99 ? 98  ARG A NH2 1 
ATOM   840  N  N   . VAL A 1 99  ? 8.014   3.062   -2.661  1.00 8.47  ? 99  VAL A N   1 
ATOM   841  C  CA  . VAL A 1 99  ? 8.237   3.053   -1.226  1.00 8.32  ? 99  VAL A CA  1 
ATOM   842  C  C   . VAL A 1 99  ? 9.223   1.968   -0.867  1.00 8.26  ? 99  VAL A C   1 
ATOM   843  O  O   . VAL A 1 99  ? 10.167  2.189   -0.070  1.00 9.49  ? 99  VAL A O   1 
ATOM   844  C  CB  . VAL A 1 99  ? 6.917   2.831   -0.473  1.00 9.04  ? 99  VAL A CB  1 
ATOM   845  C  CG1 . VAL A 1 99  ? 7.193   2.654   1.032   1.00 10.75 ? 99  VAL A CG1 1 
ATOM   846  C  CG2 . VAL A 1 99  ? 6.011   3.996   -0.687  1.00 10.87 ? 99  VAL A CG2 1 
ATOM   847  N  N   . VAL A 1 100 ? 9.012   0.767   -1.414  1.00 8.26  ? 100 VAL A N   1 
ATOM   848  C  CA  . VAL A 1 100 ? 9.806   -0.377  -0.978  1.00 9.23  ? 100 VAL A CA  1 
ATOM   849  C  C   . VAL A 1 100 ? 11.156  -0.468  -1.665  1.00 9.53  ? 100 VAL A C   1 
ATOM   850  O  O   . VAL A 1 100 ? 11.951  -1.341  -1.313  1.00 12.27 ? 100 VAL A O   1 
ATOM   851  C  CB  . VAL A 1 100 ? 9.051   -1.722  -1.014  1.00 8.41  ? 100 VAL A CB  1 
ATOM   852  C  CG1 . VAL A 1 100 ? 7.799   -1.603  -0.141  1.00 8.48  ? 100 VAL A CG1 1 
ATOM   853  C  CG2 . VAL A 1 100 ? 8.717   -2.095  -2.465  1.00 8.50  ? 100 VAL A CG2 1 
ATOM   854  N  N   . ARG A 1 101 ? 11.484  0.454   -2.572  1.00 9.46  ? 101 ARG A N   1 
ATOM   855  C  CA  . ARG A 1 101 ? 12.873  0.608   -3.007  1.00 10.37 ? 101 ARG A CA  1 
ATOM   856  C  C   . ARG A 1 101 ? 13.747  1.270   -1.942  1.00 11.18 ? 101 ARG A C   1 
ATOM   857  O  O   . ARG A 1 101 ? 14.986  1.154   -2.051  1.00 11.17 ? 101 ARG A O   1 
ATOM   858  C  CB  . ARG A 1 101 ? 12.933  1.354   -4.345  1.00 10.19 ? 101 ARG A CB  1 
ATOM   859  C  CG  . ARG A 1 101 ? 12.360  0.515   -5.453  1.00 13.53 ? 101 ARG A CG  1 
ATOM   860  C  CD  . ARG A 1 101 ? 12.710  1.021   -6.839  1.00 11.68 ? 101 ARG A CD  1 
ATOM   861  N  NE  . ARG A 1 101 ? 12.018  2.247   -7.255  1.00 12.45 ? 101 ARG A NE  1 
ATOM   862  C  CZ  . ARG A 1 101 ? 10.832  2.282   -7.842  1.00 12.12 ? 101 ARG A CZ  1 
ATOM   863  N  NH1 . ARG A 1 101 ? 10.131  1.199   -8.009  1.00 12.15 ? 101 ARG A NH1 1 
ATOM   864  N  NH2 . ARG A 1 101 ? 10.334  3.459   -8.212  1.00 13.43 ? 101 ARG A NH2 1 
ATOM   865  N  N   . ASP A 1 102 ? 13.165  1.896   -0.922  1.00 11.06 ? 102 ASP A N   1 
ATOM   866  C  CA  . ASP A 1 102 ? 13.956  2.440   0.190   1.00 9.63  ? 102 ASP A CA  1 
ATOM   867  C  C   . ASP A 1 102 ? 14.380  1.315   1.129   1.00 9.15  ? 102 ASP A C   1 
ATOM   868  O  O   . ASP A 1 102 ? 13.826  0.203   1.101   1.00 10.50 ? 102 ASP A O   1 
ATOM   869  C  CB  . ASP A 1 102 ? 13.205  3.539   0.941   1.00 10.37 ? 102 ASP A CB  1 
ATOM   870  C  CG  . ASP A 1 102 ? 13.396  4.900   0.282   1.00 10.34 ? 102 ASP A CG  1 
ATOM   871  O  OD1 . ASP A 1 102 ? 13.787  4.979   -0.889  1.00 12.35 ? 102 ASP A OD1 1 
ATOM   872  O  OD2 . ASP A 1 102 ? 13.095  5.911   0.941   1.00 12.06 ? 102 ASP A OD2 1 
ATOM   873  N  N   . PRO A 1 103 ? 15.389  1.578   1.962   1.00 9.75  ? 103 PRO A N   1 
ATOM   874  C  CA  . PRO A 1 103 ? 15.967  0.510   2.805   1.00 11.48 ? 103 PRO A CA  1 
ATOM   875  C  C   . PRO A 1 103 ? 14.986  -0.277  3.644   1.00 10.05 ? 103 PRO A C   1 
ATOM   876  O  O   . PRO A 1 103 ? 15.137  -1.508  3.760   1.00 10.19 ? 103 PRO A O   1 
ATOM   877  C  CB  . PRO A 1 103 ? 16.983  1.270   3.676   1.00 14.91 ? 103 PRO A CB  1 
ATOM   878  C  CG  . PRO A 1 103 ? 17.448  2.413   2.768   1.00 12.09 ? 103 PRO A CG  1 
ATOM   879  C  CD  . PRO A 1 103 ? 16.203  2.803   2.018   1.00 11.71 ? 103 PRO A CD  1 
ATOM   880  N  N   A GLN A 1 104 ? 13.964  0.368   4.207   0.41 9.51  ? 104 GLN A N   1 
ATOM   881  N  N   B GLN A 1 104 ? 13.991  0.344   4.228   0.59 9.36  ? 104 GLN A N   1 
ATOM   882  C  CA  A GLN A 1 104 ? 13.028  -0.327  5.091   0.41 10.63 ? 104 GLN A CA  1 
ATOM   883  C  CA  B GLN A 1 104 ? 13.186  -0.465  5.125   0.59 11.64 ? 104 GLN A CA  1 
ATOM   884  C  C   A GLN A 1 104 ? 12.224  -1.382  4.348   0.41 8.51  ? 104 GLN A C   1 
ATOM   885  C  C   B GLN A 1 104 ? 12.175  -1.341  4.384   0.59 8.45  ? 104 GLN A C   1 
ATOM   886  O  O   A GLN A 1 104 ? 11.744  -2.348  4.948   0.41 8.86  ? 104 GLN A O   1 
ATOM   887  O  O   B GLN A 1 104 ? 11.530  -2.175  5.026   0.59 8.88  ? 104 GLN A O   1 
ATOM   888  C  CB  A GLN A 1 104 ? 12.035  0.652   5.705   0.41 10.15 ? 104 GLN A CB  1 
ATOM   889  C  CB  B GLN A 1 104 ? 12.576  0.358   6.264   0.59 11.05 ? 104 GLN A CB  1 
ATOM   890  C  CG  A GLN A 1 104 ? 12.625  1.446   6.818   0.41 12.11 ? 104 GLN A CG  1 
ATOM   891  C  CG  B GLN A 1 104 ? 11.654  1.424   5.813   0.59 13.07 ? 104 GLN A CG  1 
ATOM   892  C  CD  A GLN A 1 104 ? 11.542  2.285   7.448   0.41 19.05 ? 104 GLN A CD  1 
ATOM   893  C  CD  B GLN A 1 104 ? 11.300  2.355   6.965   0.59 15.68 ? 104 GLN A CD  1 
ATOM   894  O  OE1 A GLN A 1 104 ? 10.928  1.873   8.429   0.41 18.20 ? 104 GLN A OE1 1 
ATOM   895  O  OE1 B GLN A 1 104 ? 11.647  2.092   8.128   0.59 20.58 ? 104 GLN A OE1 1 
ATOM   896  N  NE2 A GLN A 1 104 ? 11.255  3.442   6.851   0.41 19.54 ? 104 GLN A NE2 1 
ATOM   897  N  NE2 B GLN A 1 104 ? 10.616  3.456   6.653   0.59 13.51 ? 104 GLN A NE2 1 
ATOM   898  N  N   . GLY A 1 105 ? 12.035  -1.199  3.049   1.00 9.40  ? 105 GLY A N   1 
ATOM   899  C  CA  . GLY A 1 105 ? 11.139  -2.098  2.346   1.00 8.85  ? 105 GLY A CA  1 
ATOM   900  C  C   . GLY A 1 105 ? 9.718   -2.010  2.884   1.00 9.70  ? 105 GLY A C   1 
ATOM   901  O  O   . GLY A 1 105 ? 9.219   -0.939  3.218   1.00 10.15 ? 105 GLY A O   1 
ATOM   902  N  N   A ILE A 1 106 ? 9.129   -3.207  3.023   0.64 8.92  ? 106 ILE A N   1 
ATOM   903  N  N   B ILE A 1 106 ? 9.015   -3.135  2.984   0.36 9.75  ? 106 ILE A N   1 
ATOM   904  C  CA  A ILE A 1 106 ? 7.749   -3.389  3.438   0.64 8.88  ? 106 ILE A CA  1 
ATOM   905  C  CA  B ILE A 1 106 ? 7.629   -3.021  3.448   0.36 9.07  ? 106 ILE A CA  1 
ATOM   906  C  C   A ILE A 1 106 ? 7.550   -2.914  4.891   0.64 10.07 ? 106 ILE A C   1 
ATOM   907  C  C   B ILE A 1 106 ? 7.532   -2.678  4.932   0.36 8.43  ? 106 ILE A C   1 
ATOM   908  O  O   A ILE A 1 106 ? 6.419   -2.637  5.296   0.64 9.77  ? 106 ILE A O   1 
ATOM   909  O  O   B ILE A 1 106 ? 6.459   -2.284  5.412   0.36 8.63  ? 106 ILE A O   1 
ATOM   910  C  CB  A ILE A 1 106 ? 7.342   -4.864  3.215   0.64 9.58  ? 106 ILE A CB  1 
ATOM   911  C  CB  B ILE A 1 106 ? 6.846   -4.297  3.086   0.36 7.75  ? 106 ILE A CB  1 
ATOM   912  C  CG1 A ILE A 1 106 ? 5.833   -5.063  3.325   0.64 10.25 ? 106 ILE A CG1 1 
ATOM   913  C  CG1 B ILE A 1 106 ? 5.336   -4.067  3.214   0.36 7.56  ? 106 ILE A CG1 1 
ATOM   914  C  CG2 A ILE A 1 106 ? 8.082   -5.764  4.180   0.64 9.70  ? 106 ILE A CG2 1 
ATOM   915  C  CG2 B ILE A 1 106 ? 7.371   -5.454  3.916   0.36 9.88  ? 106 ILE A CG2 1 
ATOM   916  C  CD1 A ILE A 1 106 ? 5.019   -4.287  2.296   0.64 9.46  ? 106 ILE A CD1 1 
ATOM   917  C  CD1 B ILE A 1 106 ? 4.493   -5.030  2.471   0.36 7.81  ? 106 ILE A CD1 1 
ATOM   918  N  N   . ARG A 1 107 ? 8.630   -2.801  5.685   1.00 9.65  ? 107 ARG A N   1 
ATOM   919  C  CA  . ARG A 1 107 ? 8.583   -2.303  7.062   1.00 11.27 ? 107 ARG A CA  1 
ATOM   920  C  C   . ARG A 1 107 ? 8.254   -0.820  7.122   1.00 11.52 ? 107 ARG A C   1 
ATOM   921  O  O   . ARG A 1 107 ? 7.990   -0.308  8.206   1.00 11.65 ? 107 ARG A O   1 
ATOM   922  C  CB  . ARG A 1 107 ? 9.918   -2.511  7.773   1.00 12.76 ? 107 ARG A CB  1 
ATOM   923  C  CG  . ARG A 1 107 ? 10.125  -3.980  8.103   1.00 12.28 ? 107 ARG A CG  1 
ATOM   924  C  CD  . ARG A 1 107 ? 11.602  -4.356  8.330   1.00 13.23 ? 107 ARG A CD  1 
ATOM   925  N  NE  . ARG A 1 107 ? 11.680  -5.668  8.976   1.00 15.25 ? 107 ARG A NE  1 
ATOM   926  C  CZ  . ARG A 1 107 ? 11.460  -6.839  8.366   1.00 15.30 ? 107 ARG A CZ  1 
ATOM   927  N  NH1 . ARG A 1 107 ? 11.523  -7.952  9.074   1.00 20.34 ? 107 ARG A NH1 1 
ATOM   928  N  NH2 . ARG A 1 107 ? 11.144  -6.905  7.065   1.00 12.66 ? 107 ARG A NH2 1 
ATOM   929  N  N   . ALA A 1 108 ? 8.257   -0.108  5.999   1.00 11.00 ? 108 ALA A N   1 
ATOM   930  C  CA  . ALA A 1 108 ? 7.847   1.287   6.019   1.00 11.24 ? 108 ALA A CA  1 
ATOM   931  C  C   . ALA A 1 108 ? 6.475   1.455   6.636   1.00 11.22 ? 108 ALA A C   1 
ATOM   932  O  O   . ALA A 1 108 ? 6.202   2.485   7.289   1.00 13.80 ? 108 ALA A O   1 
ATOM   933  C  CB  . ALA A 1 108 ? 7.804   1.841   4.598   1.00 14.49 ? 108 ALA A CB  1 
ATOM   934  N  N   . TRP A 1 109 ? 5.586   0.463   6.468   1.00 10.09 ? 109 TRP A N   1 
ATOM   935  C  CA  . TRP A 1 109 ? 4.252   0.577   7.045   1.00 9.83  ? 109 TRP A CA  1 
ATOM   936  C  C   . TRP A 1 109 ? 4.218   -0.076  8.423   1.00 9.77  ? 109 TRP A C   1 
ATOM   937  O  O   . TRP A 1 109 ? 4.378   -1.302  8.546   1.00 9.46  ? 109 TRP A O   1 
ATOM   938  C  CB  . TRP A 1 109 ? 3.253   -0.101  6.117   1.00 9.94  ? 109 TRP A CB  1 
ATOM   939  C  CG  . TRP A 1 109 ? 2.927   0.576   4.802   1.00 9.25  ? 109 TRP A CG  1 
ATOM   940  C  CD1 . TRP A 1 109 ? 1.863   1.417   4.561   1.00 11.88 ? 109 TRP A CD1 1 
ATOM   941  C  CD2 . TRP A 1 109 ? 3.587   0.401   3.545   1.00 9.15  ? 109 TRP A CD2 1 
ATOM   942  N  NE1 . TRP A 1 109 ? 1.852   1.807   3.254   1.00 10.96 ? 109 TRP A NE1 1 
ATOM   943  C  CE2 . TRP A 1 109 ? 2.876   1.184   2.591   1.00 9.82  ? 109 TRP A CE2 1 
ATOM   944  C  CE3 . TRP A 1 109 ? 4.676   -0.359  3.104   1.00 10.40 ? 109 TRP A CE3 1 
ATOM   945  C  CZ2 . TRP A 1 109 ? 3.223   1.224   1.227   1.00 10.68 ? 109 TRP A CZ2 1 
ATOM   946  C  CZ3 . TRP A 1 109 ? 5.002   -0.314  1.749   1.00 11.39 ? 109 TRP A CZ3 1 
ATOM   947  C  CH2 . TRP A 1 109 ? 4.293   0.481   0.830   1.00 11.02 ? 109 TRP A CH2 1 
ATOM   948  N  N   . VAL A 1 110 ? 3.978   0.726   9.479   1.00 11.37 ? 110 VAL A N   1 
ATOM   949  C  CA  A VAL A 1 110 ? 3.825   0.157   10.819  0.37 12.48 ? 110 VAL A CA  1 
ATOM   950  C  CA  B VAL A 1 110 ? 3.889   0.086   10.788  0.63 12.73 ? 110 VAL A CA  1 
ATOM   951  C  C   . VAL A 1 110 ? 2.747   -0.918  10.832  1.00 12.66 ? 110 VAL A C   1 
ATOM   952  O  O   . VAL A 1 110 ? 2.847   -1.930  11.534  1.00 11.40 ? 110 VAL A O   1 
ATOM   953  C  CB  A VAL A 1 110 ? 3.513   1.288   11.811  0.37 14.23 ? 110 VAL A CB  1 
ATOM   954  C  CB  B VAL A 1 110 ? 3.863   1.080   11.964  0.63 12.04 ? 110 VAL A CB  1 
ATOM   955  C  CG1 A VAL A 1 110 ? 3.349   0.740   13.211  0.37 17.13 ? 110 VAL A CG1 1 
ATOM   956  C  CG1 B VAL A 1 110 ? 2.502   1.789   12.023  0.63 20.48 ? 110 VAL A CG1 1 
ATOM   957  C  CG2 A VAL A 1 110 ? 4.609   2.326   11.749  0.37 17.62 ? 110 VAL A CG2 1 
ATOM   958  C  CG2 B VAL A 1 110 ? 4.221   0.346   13.291  0.63 15.55 ? 110 VAL A CG2 1 
ATOM   959  N  N   . ALA A 1 111 ? 1.666   -0.684  10.088  1.00 10.97 ? 111 ALA A N   1 
ATOM   960  C  CA  . ALA A 1 111 ? 0.586   -1.672  10.088  1.00 12.08 ? 111 ALA A CA  1 
ATOM   961  C  C   . ALA A 1 111 ? 1.083   -3.046  9.623   1.00 9.72  ? 111 ALA A C   1 
ATOM   962  O  O   . ALA A 1 111 ? 0.594   -4.085  10.092  1.00 11.09 ? 111 ALA A O   1 
ATOM   963  C  CB  . ALA A 1 111 ? -0.582  -1.193  9.212   1.00 11.93 ? 111 ALA A CB  1 
ATOM   964  N  N   . TRP A 1 112 ? 2.020   -3.078  8.655   1.00 9.99  ? 112 TRP A N   1 
ATOM   965  C  CA  . TRP A 1 112 ? 2.555   -4.372  8.230   1.00 8.01  ? 112 TRP A CA  1 
ATOM   966  C  C   . TRP A 1 112 ? 3.337   -5.026  9.374   1.00 8.89  ? 112 TRP A C   1 
ATOM   967  O  O   . TRP A 1 112 ? 3.182   -6.215  9.644   1.00 9.27  ? 112 TRP A O   1 
ATOM   968  C  CB  . TRP A 1 112 ? 3.436   -4.192  6.994   1.00 8.47  ? 112 TRP A CB  1 
ATOM   969  C  CG  . TRP A 1 112 ? 3.981   -5.496  6.519   1.00 8.70  ? 112 TRP A CG  1 
ATOM   970  C  CD1 . TRP A 1 112 ? 3.386   -6.363  5.678   1.00 8.95  ? 112 TRP A CD1 1 
ATOM   971  C  CD2 . TRP A 1 112 ? 5.230   -6.089  6.910   1.00 9.04  ? 112 TRP A CD2 1 
ATOM   972  N  NE1 . TRP A 1 112 ? 4.194   -7.467  5.514   1.00 9.82  ? 112 TRP A NE1 1 
ATOM   973  C  CE2 . TRP A 1 112 ? 5.332   -7.320  6.255   1.00 9.00  ? 112 TRP A CE2 1 
ATOM   974  C  CE3 . TRP A 1 112 ? 6.288   -5.661  7.728   1.00 9.52  ? 112 TRP A CE3 1 
ATOM   975  C  CZ2 . TRP A 1 112 ? 6.440   -8.154  6.422   1.00 10.46 ? 112 TRP A CZ2 1 
ATOM   976  C  CZ3 . TRP A 1 112 ? 7.380   -6.478  7.900   1.00 11.64 ? 112 TRP A CZ3 1 
ATOM   977  C  CH2 . TRP A 1 112 ? 7.456   -7.714  7.243   1.00 11.90 ? 112 TRP A CH2 1 
ATOM   978  N  N   . ARG A 1 113 ? 4.150   -4.241  10.095  1.00 9.17  ? 113 ARG A N   1 
ATOM   979  C  CA  A ARG A 1 113 ? 4.847   -4.799  11.256  0.50 9.57  ? 113 ARG A CA  1 
ATOM   980  C  CA  B ARG A 1 113 ? 4.847   -4.799  11.258  0.50 9.56  ? 113 ARG A CA  1 
ATOM   981  C  C   . ARG A 1 113 ? 3.854   -5.322  12.287  1.00 8.87  ? 113 ARG A C   1 
ATOM   982  O  O   . ARG A 1 113 ? 4.076   -6.377  12.890  1.00 10.65 ? 113 ARG A O   1 
ATOM   983  C  CB  A ARG A 1 113 ? 5.739   -3.734  11.882  0.50 11.84 ? 113 ARG A CB  1 
ATOM   984  C  CB  B ARG A 1 113 ? 5.740   -3.738  11.890  0.50 11.85 ? 113 ARG A CB  1 
ATOM   985  C  CG  A ARG A 1 113 ? 6.682   -3.067  10.902  0.50 14.75 ? 113 ARG A CG  1 
ATOM   986  C  CG  B ARG A 1 113 ? 6.637   -3.062  10.893  0.50 14.88 ? 113 ARG A CG  1 
ATOM   987  C  CD  A ARG A 1 113 ? 7.591   -2.119  11.646  0.50 10.38 ? 113 ARG A CD  1 
ATOM   988  C  CD  B ARG A 1 113 ? 8.094   -3.208  11.225  0.50 20.51 ? 113 ARG A CD  1 
ATOM   989  N  NE  A ARG A 1 113 ? 8.142   -1.024  10.864  0.50 15.77 ? 113 ARG A NE  1 
ATOM   990  N  NE  B ARG A 1 113 ? 8.437   -2.653  12.529  0.50 17.78 ? 113 ARG A NE  1 
ATOM   991  C  CZ  A ARG A 1 113 ? 7.973   0.261   11.157  0.50 20.32 ? 113 ARG A CZ  1 
ATOM   992  C  CZ  B ARG A 1 113 ? 8.963   -3.377  13.515  0.50 24.59 ? 113 ARG A CZ  1 
ATOM   993  N  NH1 A ARG A 1 113 ? 8.550   1.197   10.423  0.50 17.72 ? 113 ARG A NH1 1 
ATOM   994  N  NH1 B ARG A 1 113 ? 9.278   -2.790  14.677  0.50 21.12 ? 113 ARG A NH1 1 
ATOM   995  N  NH2 A ARG A 1 113 ? 7.263   0.608   12.222  0.50 26.93 ? 113 ARG A NH2 1 
ATOM   996  N  NH2 B ARG A 1 113 ? 9.180   -4.685  13.326  0.50 23.43 ? 113 ARG A NH2 1 
ATOM   997  N  N   . ASN A 1 114 ? 2.764   -4.595  12.512  1.00 10.65 ? 114 ASN A N   1 
ATOM   998  C  CA  . ASN A 1 114 ? 1.816   -4.962  13.565  1.00 9.77  ? 114 ASN A CA  1 
ATOM   999  C  C   . ASN A 1 114 ? 0.969   -6.168  13.201  1.00 11.05 ? 114 ASN A C   1 
ATOM   1000 O  O   . ASN A 1 114 ? 0.642   -6.979  14.099  1.00 12.53 ? 114 ASN A O   1 
ATOM   1001 C  CB  . ASN A 1 114 ? 0.850   -3.811  13.840  1.00 14.14 ? 114 ASN A CB  1 
ATOM   1002 C  CG  . ASN A 1 114 ? 1.529   -2.636  14.419  1.00 14.44 ? 114 ASN A CG  1 
ATOM   1003 O  OD1 . ASN A 1 114 ? 2.649   -2.724  14.862  1.00 16.65 ? 114 ASN A OD1 1 
ATOM   1004 N  ND2 . ASN A 1 114 ? 0.825   -1.503  14.467  1.00 16.95 ? 114 ASN A ND2 1 
ATOM   1005 N  N   . ARG A 1 115 ? 0.591   -6.296  11.934  1.00 10.79 ? 115 ARG A N   1 
ATOM   1006 C  CA  . ARG A 1 115 ? -0.489  -7.162  11.546  1.00 11.24 ? 115 ARG A CA  1 
ATOM   1007 C  C   . ARG A 1 115 ? -0.061  -8.253  10.598  1.00 10.52 ? 115 ARG A C   1 
ATOM   1008 O  O   . ARG A 1 115 ? -0.852  -9.163  10.354  1.00 11.80 ? 115 ARG A O   1 
ATOM   1009 C  CB  . ARG A 1 115 ? -1.614  -6.365  10.839  1.00 16.00 ? 115 ARG A CB  1 
ATOM   1010 C  CG  . ARG A 1 115 ? -2.194  -5.165  11.589  1.00 17.54 ? 115 ARG A CG  1 
ATOM   1011 C  CD  . ARG A 1 115 ? -3.183  -5.612  12.635  0.79 16.11 ? 115 ARG A CD  1 
ATOM   1012 N  NE  . ARG A 1 115 ? -3.715  -4.469  13.367  0.64 14.46 ? 115 ARG A NE  1 
ATOM   1013 C  CZ  . ARG A 1 115 ? -4.607  -4.562  14.347  0.65 12.47 ? 115 ARG A CZ  1 
ATOM   1014 N  NH1 . ARG A 1 115 ? -5.056  -5.733  14.740  0.62 19.99 ? 115 ARG A NH1 1 
ATOM   1015 N  NH2 . ARG A 1 115 ? -5.029  -3.459  14.949  0.64 19.20 ? 115 ARG A NH2 1 
ATOM   1016 N  N   . CYS A 1 116 ? 1.155   -8.184  10.040  1.00 8.98  ? 116 CYS A N   1 
ATOM   1017 C  CA  . CYS A 1 116 ? 1.551   -9.089  8.969   1.00 8.37  ? 116 CYS A CA  1 
ATOM   1018 C  C   . CYS A 1 116 ? 2.914   -9.716  9.178   1.00 8.67  ? 116 CYS A C   1 
ATOM   1019 O  O   . CYS A 1 116 ? 3.073   -10.878 8.844   1.00 10.19 ? 116 CYS A O   1 
ATOM   1020 C  CB  . CYS A 1 116 ? 1.567   -8.317  7.620   1.00 9.27  ? 116 CYS A CB  1 
ATOM   1021 S  SG  . CYS A 1 116 ? 0.067   -7.449  7.206   1.00 9.94  ? 116 CYS A SG  1 
ATOM   1022 N  N   . GLN A 1 117 ? 3.881   -8.969  9.720   1.00 8.57  ? 117 GLN A N   1 
ATOM   1023 C  CA  . GLN A 1 117 ? 5.217   -9.511  9.895   1.00 8.82  ? 117 GLN A CA  1 
ATOM   1024 C  C   . GLN A 1 117 ? 5.203   -10.733 10.812  1.00 10.16 ? 117 GLN A C   1 
ATOM   1025 O  O   . GLN A 1 117 ? 4.558   -10.759 11.855  1.00 10.69 ? 117 GLN A O   1 
ATOM   1026 C  CB  . GLN A 1 117 ? 6.080   -8.423  10.512  1.00 10.66 ? 117 GLN A CB  1 
ATOM   1027 C  CG  . GLN A 1 117 ? 7.502   -8.805  10.676  1.00 10.93 ? 117 GLN A CG  1 
ATOM   1028 C  CD  . GLN A 1 117 ? 8.334   -7.736  11.352  1.00 14.95 ? 117 GLN A CD  1 
ATOM   1029 O  OE1 . GLN A 1 117 ? 7.851   -6.653  11.665  1.00 16.93 ? 117 GLN A OE1 1 
ATOM   1030 N  NE2 . GLN A 1 117 ? 9.596   -8.038  11.589  1.00 19.82 ? 117 GLN A NE2 1 
ATOM   1031 N  N   . ASN A 1 118 ? 5.925   -11.757 10.391  1.00 11.52 ? 118 ASN A N   1 
ATOM   1032 C  CA  . ASN A 1 118 ? 6.065   -13.011 11.156  1.00 13.87 ? 118 ASN A CA  1 
ATOM   1033 C  C   . ASN A 1 118 ? 4.729   -13.696 11.392  1.00 15.02 ? 118 ASN A C   1 
ATOM   1034 O  O   . ASN A 1 118 ? 4.568   -14.410 12.386  1.00 24.82 ? 118 ASN A O   1 
ATOM   1035 C  CB  . ASN A 1 118 ? 6.774   -12.839 12.505  1.00 16.44 ? 118 ASN A CB  1 
ATOM   1036 C  CG  . ASN A 1 118 ? 8.114   -12.183 12.393  1.00 19.59 ? 118 ASN A CG  1 
ATOM   1037 O  OD1 . ASN A 1 118 ? 8.858   -12.480 11.489  1.00 19.31 ? 118 ASN A OD1 1 
ATOM   1038 N  ND2 . ASN A 1 118 ? 8.418   -11.276 13.316  1.00 31.53 ? 118 ASN A ND2 1 
ATOM   1039 N  N   A ARG A 1 119 ? 3.765   -13.496 10.515  0.64 10.94 ? 119 ARG A N   1 
ATOM   1040 N  N   B ARG A 1 119 ? 3.733   -13.435 10.543  0.36 11.05 ? 119 ARG A N   1 
ATOM   1041 C  CA  A ARG A 1 119 ? 2.508   -14.192 10.648  0.64 11.61 ? 119 ARG A CA  1 
ATOM   1042 C  CA  B ARG A 1 119 ? 2.420   -14.065 10.608  0.36 11.17 ? 119 ARG A CA  1 
ATOM   1043 C  C   A ARG A 1 119 ? 2.287   -15.096 9.462   0.64 10.82 ? 119 ARG A C   1 
ATOM   1044 C  C   B ARG A 1 119 ? 2.300   -15.086 9.490   0.36 10.77 ? 119 ARG A C   1 
ATOM   1045 O  O   A ARG A 1 119 ? 2.935   -14.973 8.417   0.64 12.15 ? 119 ARG A O   1 
ATOM   1046 O  O   B ARG A 1 119 ? 3.059   -15.052 8.514   0.36 12.83 ? 119 ARG A O   1 
ATOM   1047 C  CB  A ARG A 1 119 ? 1.339   -13.235 10.763  0.64 12.12 ? 119 ARG A CB  1 
ATOM   1048 C  CB  B ARG A 1 119 ? 1.289   -13.042 10.424  0.36 9.59  ? 119 ARG A CB  1 
ATOM   1049 C  CG  A ARG A 1 119 ? 1.413   -12.438 12.054  0.64 12.40 ? 119 ARG A CG  1 
ATOM   1050 C  CG  B ARG A 1 119 ? 1.352   -11.816 11.323  0.36 9.99  ? 119 ARG A CG  1 
ATOM   1051 C  CD  A ARG A 1 119 ? 0.299   -11.448 12.055  0.64 12.33 ? 119 ARG A CD  1 
ATOM   1052 C  CD  B ARG A 1 119 ? 0.773   -12.082 12.678  0.36 11.42 ? 119 ARG A CD  1 
ATOM   1053 N  NE  A ARG A 1 119 ? 0.349   -10.451 13.110  0.64 11.59 ? 119 ARG A NE  1 
ATOM   1054 N  NE  B ARG A 1 119 ? 0.860   -10.888 13.514  0.36 7.60  ? 119 ARG A NE  1 
ATOM   1055 C  CZ  A ARG A 1 119 ? -0.462  -10.451 14.169  0.64 14.03 ? 119 ARG A CZ  1 
ATOM   1056 C  CZ  B ARG A 1 119 ? 0.134   -10.685 14.603  0.36 8.83  ? 119 ARG A CZ  1 
ATOM   1057 N  NH1 A ARG A 1 119 ? -1.382  -11.404 14.310  0.64 18.45 ? 119 ARG A NH1 1 
ATOM   1058 N  NH1 B ARG A 1 119 ? -0.740  -11.603 15.011  0.36 10.09 ? 119 ARG A NH1 1 
ATOM   1059 N  NH2 A ARG A 1 119 ? -0.342  -9.497  15.080  0.64 14.59 ? 119 ARG A NH2 1 
ATOM   1060 N  NH2 B ARG A 1 119 ? 0.287   -9.560  15.276  0.36 10.10 ? 119 ARG A NH2 1 
ATOM   1061 N  N   . ASP A 1 120 ? 1.318   -15.980 9.614   1.00 12.72 ? 120 ASP A N   1 
ATOM   1062 C  CA  . ASP A 1 120 ? 0.943   -16.844 8.513   1.00 9.33  ? 120 ASP A CA  1 
ATOM   1063 C  C   . ASP A 1 120 ? 0.025   -16.012 7.652   1.00 11.50 ? 120 ASP A C   1 
ATOM   1064 O  O   . ASP A 1 120 ? -1.131  -15.808 8.014   1.00 15.26 ? 120 ASP A O   1 
ATOM   1065 C  CB  . ASP A 1 120 ? 0.219   -18.060 9.037   1.00 11.91 ? 120 ASP A CB  1 
ATOM   1066 C  CG  . ASP A 1 120 ? -0.129  -19.029 7.914   1.00 13.10 ? 120 ASP A CG  1 
ATOM   1067 O  OD1 . ASP A 1 120 ? 0.047   -18.706 6.704   1.00 13.25 ? 120 ASP A OD1 1 
ATOM   1068 O  OD2 . ASP A 1 120 ? -0.622  -20.145 8.244   1.00 15.15 ? 120 ASP A OD2 1 
ATOM   1069 N  N   . VAL A 1 121 ? 0.536   -15.519 6.518   1.00 10.78 ? 121 VAL A N   1 
ATOM   1070 C  CA  . VAL A 1 121 ? -0.261  -14.637 5.651   1.00 10.12 ? 121 VAL A CA  1 
ATOM   1071 C  C   . VAL A 1 121 ? -0.945  -15.410 4.509   1.00 11.49 ? 121 VAL A C   1 
ATOM   1072 O  O   . VAL A 1 121 ? -1.552  -14.789 3.606   1.00 10.34 ? 121 VAL A O   1 
ATOM   1073 C  CB  . VAL A 1 121 ? 0.545   -13.429 5.128   1.00 13.20 ? 121 VAL A CB  1 
ATOM   1074 C  CG1 . VAL A 1 121 ? 0.882   -12.478 6.277   1.00 16.56 ? 121 VAL A CG1 1 
ATOM   1075 C  CG2 . VAL A 1 121 ? 1.800   -13.871 4.430   1.00 15.91 ? 121 VAL A CG2 1 
ATOM   1076 N  N   . ARG A 1 122 ? -0.860  -16.744 4.509   1.00 11.44 ? 122 ARG A N   1 
ATOM   1077 C  CA  . ARG A 1 122 ? -1.349  -17.525 3.375   1.00 12.78 ? 122 ARG A CA  1 
ATOM   1078 C  C   . ARG A 1 122 ? -2.840  -17.331 3.144   1.00 12.36 ? 122 ARG A C   1 
ATOM   1079 O  O   . ARG A 1 122 ? -3.295  -17.403 1.991   1.00 13.71 ? 122 ARG A O   1 
ATOM   1080 C  CB  . ARG A 1 122 ? -1.021  -19.009 3.568   1.00 16.66 ? 122 ARG A CB  1 
ATOM   1081 C  CG  . ARG A 1 122 ? 0.459   -19.317 3.334   1.00 15.91 ? 122 ARG A CG  1 
ATOM   1082 C  CD  . ARG A 1 122 ? 0.784   -20.785 3.622   0.73 17.89 ? 122 ARG A CD  1 
ATOM   1083 N  NE  . ARG A 1 122 ? 0.517   -21.091 5.018   0.76 15.32 ? 122 ARG A NE  1 
ATOM   1084 C  CZ  . ARG A 1 122 ? 0.644   -22.298 5.541   0.67 17.76 ? 122 ARG A CZ  1 
ATOM   1085 N  NH1 . ARG A 1 122 ? 1.032   -23.305 4.766   0.77 20.17 ? 122 ARG A NH1 1 
ATOM   1086 N  NH2 . ARG A 1 122 ? 0.364   -22.492 6.820   0.67 17.89 ? 122 ARG A NH2 1 
ATOM   1087 N  N   A GLN A 1 123 ? -3.617  -17.081 4.205   0.47 12.97 ? 123 GLN A N   1 
ATOM   1088 N  N   B GLN A 1 123 ? -3.628  -17.130 4.197   0.53 12.89 ? 123 GLN A N   1 
ATOM   1089 C  CA  A GLN A 1 123 ? -5.068  -16.969 4.091   0.47 12.17 ? 123 GLN A CA  1 
ATOM   1090 C  CA  B GLN A 1 123 ? -5.063  -17.029 3.983   0.53 11.89 ? 123 GLN A CA  1 
ATOM   1091 C  C   A GLN A 1 123 ? -5.499  -15.785 3.250   0.47 14.45 ? 123 GLN A C   1 
ATOM   1092 C  C   B GLN A 1 123 ? -5.414  -15.910 3.025   0.53 10.44 ? 123 GLN A C   1 
ATOM   1093 O  O   A GLN A 1 123 ? -6.681  -15.697 2.889   0.47 24.54 ? 123 GLN A O   1 
ATOM   1094 O  O   B GLN A 1 123 ? -6.445  -15.994 2.345   0.53 11.29 ? 123 GLN A O   1 
ATOM   1095 C  CB  A GLN A 1 123 ? -5.696  -16.814 5.467   0.47 17.16 ? 123 GLN A CB  1 
ATOM   1096 C  CB  B GLN A 1 123 ? -5.819  -16.879 5.296   0.53 15.53 ? 123 GLN A CB  1 
ATOM   1097 C  CG  A GLN A 1 123 ? -5.498  -15.425 6.042   0.47 17.24 ? 123 GLN A CG  1 
ATOM   1098 C  CG  B GLN A 1 123 ? -5.542  -15.601 6.050   0.53 16.22 ? 123 GLN A CG  1 
ATOM   1099 C  CD  A GLN A 1 123 ? -5.881  -15.332 7.503   0.47 23.20 ? 123 GLN A CD  1 
ATOM   1100 C  CD  B GLN A 1 123 ? -6.440  -15.444 7.266   0.53 21.12 ? 123 GLN A CD  1 
ATOM   1101 O  OE1 A GLN A 1 123 ? -6.724  -14.514 7.893   0.47 26.05 ? 123 GLN A OE1 1 
ATOM   1102 O  OE1 B GLN A 1 123 ? -7.674  -15.360 7.142   0.53 20.81 ? 123 GLN A OE1 1 
ATOM   1103 N  NE2 A GLN A 1 123 ? -5.252  -16.164 8.325   0.47 17.12 ? 123 GLN A NE2 1 
ATOM   1104 N  NE2 B GLN A 1 123 ? -5.830  -15.395 8.451   0.53 16.70 ? 123 GLN A NE2 1 
ATOM   1105 N  N   . TYR A 1 124 ? -4.589  -14.855 2.956   1.00 11.06 ? 124 TYR A N   1 
ATOM   1106 C  CA  . TYR A 1 124 ? -4.978  -13.698 2.174   1.00 11.64 ? 124 TYR A CA  1 
ATOM   1107 C  C   . TYR A 1 124 ? -5.085  -14.028 0.698   1.00 11.52 ? 124 TYR A C   1 
ATOM   1108 O  O   . TYR A 1 124 ? -5.816  -13.343 -0.018  1.00 14.56 ? 124 TYR A O   1 
ATOM   1109 C  CB  . TYR A 1 124 ? -4.034  -12.512 2.408   1.00 11.78 ? 124 TYR A CB  1 
ATOM   1110 C  CG  . TYR A 1 124 ? -4.150  -11.960 3.817   1.00 11.28 ? 124 TYR A CG  1 
ATOM   1111 C  CD1 . TYR A 1 124 ? -5.161  -11.077 4.183   1.00 18.77 ? 124 TYR A CD1 1 
ATOM   1112 C  CD2 . TYR A 1 124 ? -3.293  -12.370 4.809   1.00 12.36 ? 124 TYR A CD2 1 
ATOM   1113 C  CE1 . TYR A 1 124 ? -5.268  -10.624 5.493   1.00 17.72 ? 124 TYR A CE1 1 
ATOM   1114 C  CE2 . TYR A 1 124 ? -3.407  -11.922 6.118   1.00 13.29 ? 124 TYR A CE2 1 
ATOM   1115 C  CZ  . TYR A 1 124 ? -4.392  -11.056 6.455   1.00 15.19 ? 124 TYR A CZ  1 
ATOM   1116 O  OH  . TYR A 1 124 ? -4.513  -10.615 7.752   1.00 18.43 ? 124 TYR A OH  1 
ATOM   1117 N  N   . VAL A 1 125 ? -4.376  -15.055 0.230   1.00 10.93 ? 125 VAL A N   1 
ATOM   1118 C  CA  . VAL A 1 125 ? -4.384  -15.448 -1.168  1.00 11.83 ? 125 VAL A CA  1 
ATOM   1119 C  C   . VAL A 1 125 ? -5.047  -16.792 -1.413  1.00 11.60 ? 125 VAL A C   1 
ATOM   1120 O  O   . VAL A 1 125 ? -5.115  -17.237 -2.569  1.00 12.83 ? 125 VAL A O   1 
ATOM   1121 C  CB  . VAL A 1 125 ? -2.977  -15.402 -1.787  1.00 11.06 ? 125 VAL A CB  1 
ATOM   1122 C  CG1 . VAL A 1 125 ? -2.451  -13.971 -1.826  1.00 11.90 ? 125 VAL A CG1 1 
ATOM   1123 C  CG2 . VAL A 1 125 ? -2.004  -16.388 -1.137  1.00 13.28 ? 125 VAL A CG2 1 
ATOM   1124 N  N   . GLN A 1 126 ? -5.530  -17.460 -0.381  1.00 12.87 ? 126 GLN A N   1 
ATOM   1125 C  CA  . GLN A 1 126 ? -6.114  -18.790 -0.601  1.00 14.11 ? 126 GLN A CA  1 
ATOM   1126 C  C   . GLN A 1 126 ? -7.309  -18.739 -1.543  1.00 12.13 ? 126 GLN A C   1 
ATOM   1127 O  O   . GLN A 1 126 ? -8.229  -17.944 -1.375  1.00 13.65 ? 126 GLN A O   1 
ATOM   1128 C  CB  . GLN A 1 126 ? -6.603  -19.402 0.690   1.00 20.91 ? 126 GLN A CB  1 
ATOM   1129 C  CG  . GLN A 1 126 ? -5.670  -19.311 1.806   0.48 23.09 ? 126 GLN A CG  1 
ATOM   1130 C  CD  . GLN A 1 126 ? -6.155  -20.088 3.006   0.37 25.66 ? 126 GLN A CD  1 
ATOM   1131 O  OE1 . GLN A 1 126 ? -5.360  -20.652 3.762   0.52 32.71 ? 126 GLN A OE1 1 
ATOM   1132 N  NE2 . GLN A 1 126 ? -7.470  -20.171 3.152   0.38 30.58 ? 126 GLN A NE2 1 
ATOM   1133 N  N   . GLY A 1 127 ? -7.299  -19.627 -2.534  1.00 13.09 ? 127 GLY A N   1 
ATOM   1134 C  CA  . GLY A 1 127 ? -8.402  -19.768 -3.482  1.00 12.20 ? 127 GLY A CA  1 
ATOM   1135 C  C   . GLY A 1 127 ? -8.495  -18.722 -4.584  1.00 9.56  ? 127 GLY A C   1 
ATOM   1136 O  O   . GLY A 1 127 ? -9.410  -18.796 -5.420  1.00 12.50 ? 127 GLY A O   1 
ATOM   1137 N  N   . CYS A 1 128 ? -7.535  -17.792 -4.663  1.00 11.06 ? 128 CYS A N   1 
ATOM   1138 C  CA  . CYS A 1 128 ? -7.630  -16.687 -5.604  1.00 10.66 ? 128 CYS A CA  1 
ATOM   1139 C  C   . CYS A 1 128 ? -7.022  -16.970 -6.978  1.00 11.04 ? 128 CYS A C   1 
ATOM   1140 O  O   . CYS A 1 128 ? -7.197  -16.142 -7.864  1.00 13.22 ? 128 CYS A O   1 
ATOM   1141 C  CB  . CYS A 1 128 ? -6.929  -15.470 -5.015  1.00 11.16 ? 128 CYS A CB  1 
ATOM   1142 S  SG  . CYS A 1 128 ? -7.618  -14.931 -3.413  1.00 11.74 ? 128 CYS A SG  1 
ATOM   1143 N  N   . GLY A 1 129 ? -6.273  -18.064 -7.151  1.00 13.22 ? 129 GLY A N   1 
ATOM   1144 C  CA  . GLY A 1 129 ? -5.677  -18.380 -8.440  1.00 15.83 ? 129 GLY A CA  1 
ATOM   1145 C  C   . GLY A 1 129 ? -4.403  -17.634 -8.691  1.00 15.93 ? 129 GLY A C   1 
ATOM   1146 O  O   . GLY A 1 129 ? -4.063  -17.384 -9.858  1.00 23.05 ? 129 GLY A O   1 
ATOM   1147 N  N   . VAL A 1 130 ? -3.675  -17.274 -7.635  1.00 14.54 ? 130 VAL A N   1 
ATOM   1148 C  CA  . VAL A 1 130 ? -2.425  -16.541 -7.802  1.00 15.03 ? 130 VAL A CA  1 
ATOM   1149 C  C   . VAL A 1 130 ? -1.259  -17.354 -7.303  0.75 22.16 ? 130 VAL A C   1 
ATOM   1150 O  O   . VAL A 1 130 ? -1.443  -18.437 -6.728  0.77 22.08 ? 130 VAL A O   1 
ATOM   1151 C  CB  . VAL A 1 130 ? -2.483  -15.182 -7.095  1.00 14.99 ? 130 VAL A CB  1 
ATOM   1152 C  CG1 . VAL A 1 130 ? -3.512  -14.308 -7.729  1.00 15.72 ? 130 VAL A CG1 1 
ATOM   1153 C  CG2 . VAL A 1 130 ? -2.806  -15.330 -5.585  1.00 16.31 ? 130 VAL A CG2 1 
ATOM   1154 O  OXT . VAL A 1 130 ? -0.126  -16.910 -7.458  0.76 25.62 ? 130 VAL A OXT 1 
HETATM 1155 O  O3  A TVG B 2 .   ? 13.225  8.415   3.070   0.63 13.46 ? 1   TVG B O3  1 
HETATM 1156 O  O3  B TVG B 2 .   ? 13.098  8.647   3.171   0.37 16.96 ? 1   TVG B O3  1 
HETATM 1157 C  C3  A TVG B 2 .   ? 14.249  8.865   2.189   0.63 17.93 ? 1   TVG B C3  1 
HETATM 1158 C  C3  B TVG B 2 .   ? 14.007  9.033   2.145   0.37 19.10 ? 1   TVG B C3  1 
HETATM 1159 C  C2  A TVG B 2 .   ? 15.305  9.754   2.842   0.63 18.69 ? 1   TVG B C2  1 
HETATM 1160 C  C2  B TVG B 2 .   ? 15.104  9.982   2.604   0.37 20.07 ? 1   TVG B C2  1 
HETATM 1161 O  O2  A TVG B 2 .   ? 16.402  8.977   3.322   0.63 14.86 ? 1   TVG B O2  1 
HETATM 1162 O  O2  B TVG B 2 .   ? 16.359  9.303   2.727   0.37 22.05 ? 1   TVG B O2  1 
HETATM 1163 C  C1  A TVG B 2 .   ? 15.787  10.658  1.717   0.63 14.32 ? 1   TVG B C1  1 
HETATM 1164 C  C1  B TVG B 2 .   ? 15.178  11.034  1.501   0.37 18.15 ? 1   TVG B C1  1 
HETATM 1165 O  O1  A TVG B 2 .   ? 15.979  11.977  2.164   0.61 23.06 ? 1   TVG B O1  1 
HETATM 1166 O  O1  B TVG B 2 .   ? 14.742  12.284  1.954   0.39 17.42 ? 1   TVG B O1  1 
HETATM 1167 O  O4  A TVG B 2 .   ? 14.891  10.393  0.625   0.63 15.56 ? 1   TVG B O4  1 
HETATM 1168 O  O4  B TVG B 2 .   ? 14.267  10.631  0.478   0.37 24.40 ? 1   TVG B O4  1 
HETATM 1169 C  C4  A TVG B 2 .   ? 13.687  9.759   1.094   0.63 16.16 ? 1   TVG B C4  1 
HETATM 1170 C  C4  B TVG B 2 .   ? 13.253  9.879   1.138   0.37 18.33 ? 1   TVG B C4  1 
HETATM 1171 C  C5  A TVG B 2 .   ? 12.906  8.952   0.054   0.63 16.09 ? 1   TVG B C5  1 
HETATM 1172 C  C5  B TVG B 2 .   ? 12.432  9.051   0.169   0.37 18.05 ? 1   TVG B C5  1 
HETATM 1173 O  O5  A TVG B 2 .   ? 13.784  8.007   -0.572  0.63 16.12 ? 1   TVG B O5  1 
HETATM 1174 O  O5  B TVG B 2 .   ? 13.282  8.185   -0.585  0.37 13.87 ? 1   TVG B O5  1 
HETATM 1175 C  C6  A TVG B 2 .   ? 12.160  9.794   -0.976  0.63 23.02 ? 1   TVG B C6  1 
HETATM 1176 C  C6  B TVG B 2 .   ? 11.627  9.979   -0.728  0.37 22.86 ? 1   TVG B C6  1 
HETATM 1177 O  O6  A TVG B 2 .   ? 13.059  10.656  -1.666  0.63 25.40 ? 1   TVG B O6  1 
HETATM 1178 O  O6  B TVG B 2 .   ? 12.229  11.280  -0.771  0.37 20.61 ? 1   TVG B O6  1 
HETATM 1179 C  C7  A TVG B 2 .   ? 16.808  12.207  3.308   0.61 24.26 ? 1   TVG B C7  1 
HETATM 1180 C  C7  B TVG B 2 .   ? 15.586  13.111  2.742   0.39 22.81 ? 1   TVG B C7  1 
HETATM 1181 C  C8  A TVG B 2 .   ? 17.370  13.626  3.396   0.61 22.45 ? 1   TVG B C8  1 
HETATM 1182 C  C8  B TVG B 2 .   ? 14.990  14.516  2.796   0.39 24.34 ? 1   TVG B C8  1 
HETATM 1183 C  C9  A TVG B 2 .   ? 16.335  14.627  2.923   0.61 25.62 ? 1   TVG B C9  1 
HETATM 1184 C  C9  B TVG B 2 .   ? 15.354  15.266  1.534   0.39 23.55 ? 1   TVG B C9  1 
HETATM 1185 C  C1  A GLA B 2 .   ? 13.716  7.518   4.079   0.63 13.36 ? 2   GLA B C1  1 
HETATM 1186 C  C1  B GLA B 2 .   ? 13.605  7.625   4.027   0.37 14.56 ? 2   GLA B C1  1 
HETATM 1187 C  C2  A GLA B 2 .   ? 12.543  6.661   4.498   0.63 14.30 ? 2   GLA B C2  1 
HETATM 1188 C  C2  B GLA B 2 .   ? 12.419  6.784   4.458   0.37 15.48 ? 2   GLA B C2  1 
HETATM 1189 C  C3  A GLA B 2 .   ? 11.437  7.547   5.057   0.63 15.51 ? 2   GLA B C3  1 
HETATM 1190 C  C3  B GLA B 2 .   ? 11.392  7.663   5.145   0.37 16.27 ? 2   GLA B C3  1 
HETATM 1191 C  C4  A GLA B 2 .   ? 11.990  8.407   6.196   0.63 14.07 ? 2   GLA B C4  1 
HETATM 1192 C  C4  B GLA B 2 .   ? 12.023  8.519   6.241   0.37 14.07 ? 2   GLA B C4  1 
HETATM 1193 C  C5  A GLA B 2 .   ? 13.259  9.122   5.751   0.63 13.90 ? 2   GLA B C5  1 
HETATM 1194 C  C5  B GLA B 2 .   ? 13.283  9.202   5.712   0.37 14.20 ? 2   GLA B C5  1 
HETATM 1195 C  C6  A GLA B 2 .   ? 13.875  9.862   6.926   0.63 19.67 ? 2   GLA B C6  1 
HETATM 1196 C  C6  B GLA B 2 .   ? 13.994  9.994   6.799   0.37 20.55 ? 2   GLA B C6  1 
HETATM 1197 O  O2  A GLA B 2 .   ? 12.119  5.857   3.381   0.63 15.64 ? 2   GLA B O2  1 
HETATM 1198 O  O2  B GLA B 2 .   ? 11.762  6.189   3.333   0.37 16.15 ? 2   GLA B O2  1 
HETATM 1199 O  O3  A GLA B 2 .   ? 10.419  6.674   5.529   0.63 13.73 ? 2   GLA B O3  1 
HETATM 1200 O  O3  B GLA B 2 .   ? 10.396  6.783   5.649   0.37 14.82 ? 2   GLA B O3  1 
HETATM 1201 O  O4  A GLA B 2 .   ? 12.332  7.570   7.313   0.63 17.99 ? 2   GLA B O4  1 
HETATM 1202 O  O4  B GLA B 2 .   ? 12.377  7.704   7.364   0.37 18.65 ? 2   GLA B O4  1 
HETATM 1203 O  O5  A GLA B 2 .   ? 14.223  8.188   5.243   0.63 16.80 ? 2   GLA B O5  1 
HETATM 1204 O  O5  B GLA B 2 .   ? 14.188  8.232   5.179   0.37 16.98 ? 2   GLA B O5  1 
HETATM 1205 O  O6  A GLA B 2 .   ? 12.962  10.853  7.418   0.63 28.80 ? 2   GLA B O6  1 
HETATM 1206 O  O6  B GLA B 2 .   ? 15.246  10.469  6.288   0.37 22.09 ? 2   GLA B O6  1 
HETATM 1207 C  C6  A GZL B 2 .   ? 8.055   9.920   8.675   0.63 15.80 ? 3   GZL B C6  1 
HETATM 1208 C  C6  B GZL B 2 .   ? 8.095   10.014  8.604   0.37 15.95 ? 3   GZL B C6  1 
HETATM 1209 C  C5  A GZL B 2 .   ? 7.096   9.122   7.801   0.63 13.77 ? 3   GZL B C5  1 
HETATM 1210 C  C5  B GZL B 2 .   ? 7.032   9.129   7.955   0.37 13.76 ? 3   GZL B C5  1 
HETATM 1211 C  C4  A GZL B 2 .   ? 7.788   7.866   7.274   0.63 14.66 ? 3   GZL B C4  1 
HETATM 1212 C  C4  B GZL B 2 .   ? 7.756   7.927   7.339   0.37 14.66 ? 3   GZL B C4  1 
HETATM 1213 C  C3  A GZL B 2 .   ? 6.959   7.041   6.295   0.63 13.46 ? 3   GZL B C3  1 
HETATM 1214 C  C3  B GZL B 2 .   ? 6.944   7.136   6.327   0.37 13.63 ? 3   GZL B C3  1 
HETATM 1215 C  C2  A GZL B 2 .   ? 8.052   6.186   5.672   0.63 15.20 ? 3   GZL B C2  1 
HETATM 1216 C  C2  B GZL B 2 .   ? 8.036   6.307   5.685   0.37 15.79 ? 3   GZL B C2  1 
HETATM 1217 O  O6  A GZL B 2 .   ? 8.387   9.179   9.846   0.63 22.45 ? 3   GZL B O6  1 
HETATM 1218 O  O6  B GZL B 2 .   ? 7.505   11.042  9.408   0.37 16.02 ? 3   GZL B O6  1 
HETATM 1219 O  O5  A GZL B 2 .   ? 6.662   9.940   6.685   0.63 15.68 ? 3   GZL B O5  1 
HETATM 1220 O  O5  B GZL B 2 .   ? 6.279   9.846   6.953   0.37 14.13 ? 3   GZL B O5  1 
HETATM 1221 O  O4  A GZL B 2 .   ? 8.940   8.226   6.503   0.63 18.74 ? 3   GZL B O4  1 
HETATM 1222 O  O4  B GZL B 2 .   ? 8.900   8.329   6.578   0.37 18.31 ? 3   GZL B O4  1 
HETATM 1223 O  O3  A GZL B 2 .   ? 5.990   6.274   6.979   0.63 14.22 ? 3   GZL B O3  1 
HETATM 1224 O  O3  B GZL B 2 .   ? 5.950   6.341   6.943   0.37 14.84 ? 3   GZL B O3  1 
HETATM 1225 C  C1  A GZL B 2 .   ? 9.126   7.252   5.462   0.63 16.34 ? 3   GZL B C1  1 
HETATM 1226 C  C1  B GZL B 2 .   ? 9.113   7.370   5.532   0.37 16.85 ? 3   GZL B C1  1 
HETATM 1227 O  O2  A GZL B 2 .   ? 7.585   5.591   4.449   0.63 13.86 ? 3   GZL B O2  1 
HETATM 1228 O  O2  B GZL B 2 .   ? 7.616   5.792   4.420   0.37 14.76 ? 3   GZL B O2  1 
HETATM 1229 C  C1  A GLA B 2 .   ? 4.664   6.714   6.605   0.63 15.31 ? 4   GLA B C1  1 
HETATM 1230 C  C1  B GLA B 2 .   ? 4.686   6.870   6.523   0.37 15.83 ? 4   GLA B C1  1 
HETATM 1231 C  C2  A GLA B 2 .   ? 3.659   6.070   7.542   0.63 17.61 ? 4   GLA B C2  1 
HETATM 1232 C  C2  B GLA B 2 .   ? 3.554   6.394   7.419   0.37 17.88 ? 4   GLA B C2  1 
HETATM 1233 C  C3  A GLA B 2 .   ? 3.667   4.557   7.367   0.63 17.51 ? 4   GLA B C3  1 
HETATM 1234 C  C3  B GLA B 2 .   ? 3.172   4.931   7.206   0.37 21.19 ? 4   GLA B C3  1 
HETATM 1235 C  C4  A GLA B 2 .   ? 3.334   4.301   5.910   0.63 16.05 ? 4   GLA B C4  1 
HETATM 1236 C  C4  B GLA B 2 .   ? 3.159   4.578   5.722   0.37 19.42 ? 4   GLA B C4  1 
HETATM 1237 C  C5  A GLA B 2 .   ? 4.393   4.960   5.028   0.63 15.30 ? 4   GLA B C5  1 
HETATM 1238 C  C5  B GLA B 2 .   ? 4.402   5.113   5.033   0.37 17.29 ? 4   GLA B C5  1 
HETATM 1239 C  C6  A GLA B 2 .   ? 4.045   4.703   3.565   0.63 16.87 ? 4   GLA B C6  1 
HETATM 1240 C  C6  B GLA B 2 .   ? 4.294   4.796   3.554   0.37 18.03 ? 4   GLA B C6  1 
HETATM 1241 O  O2  A GLA B 2 .   ? 4.038   6.394   8.882   0.63 25.40 ? 4   GLA B O2  1 
HETATM 1242 O  O2  B GLA B 2 .   ? 3.922   6.616   8.789   0.37 24.08 ? 4   GLA B O2  1 
HETATM 1243 O  O3  A GLA B 2 .   ? 2.654   3.936   8.169   0.63 16.72 ? 4   GLA B O3  1 
HETATM 1244 O  O3  B GLA B 2 .   ? 1.860   4.716   7.745   0.37 19.75 ? 4   GLA B O3  1 
HETATM 1245 O  O4  A GLA B 2 .   ? 2.029   4.835   5.607   0.63 16.76 ? 4   GLA B O4  1 
HETATM 1246 O  O4  B GLA B 2 .   ? 2.028   5.164   5.068   0.37 18.59 ? 4   GLA B O4  1 
HETATM 1247 O  O5  A GLA B 2 .   ? 4.383   6.389   5.229   0.63 15.92 ? 4   GLA B O5  1 
HETATM 1248 O  O5  B GLA B 2 .   ? 4.424   6.534   5.157   0.37 16.14 ? 4   GLA B O5  1 
HETATM 1249 O  O6  A GLA B 2 .   ? 2.875   5.451   3.208   0.63 12.02 ? 4   GLA B O6  1 
HETATM 1250 O  O6  B GLA B 2 .   ? 5.110   3.648   3.372   0.37 19.24 ? 4   GLA B O6  1 
HETATM 1251 CL CL  . CL  C 3 .   ? 10.183  -10.300 7.513   1.00 12.96 ? 201 CL  A CL  1 
HETATM 1252 CL CL  . CL  D 3 .   ? 6.972   -13.684 3.938   1.00 11.75 ? 202 CL  A CL  1 
HETATM 1253 CL CL  . CL  E 3 .   ? -10.451 5.360   -11.598 1.00 15.43 ? 203 CL  A CL  1 
HETATM 1254 NA NA  . NA  F 4 .   ? -11.042 -20.934 -5.543  1.00 17.30 ? 204 NA  A NA  1 
HETATM 1255 O  O   . HOH G 5 .   ? -8.577  -19.000 4.544   1.00 32.79 ? 301 HOH A O   1 
HETATM 1256 O  O   . HOH G 5 .   ? -3.461  3.183   8.626   1.00 20.43 ? 302 HOH A O   1 
HETATM 1257 O  O   . HOH G 5 .   ? -11.931 10.687  2.959   1.00 42.70 ? 303 HOH A O   1 
HETATM 1258 O  O   . HOH G 5 .   ? 4.717   -16.326 7.740   1.00 18.69 ? 304 HOH A O   1 
HETATM 1259 O  O   . HOH G 5 .   ? 4.199   15.257  -0.341  1.00 8.88  ? 305 HOH A O   1 
HETATM 1260 O  O   . HOH G 5 .   ? 16.454  -1.916  -0.173  1.00 18.96 ? 306 HOH A O   1 
HETATM 1261 O  O   . HOH G 5 .   ? 17.560  10.372  5.648   1.00 15.58 ? 307 HOH A O   1 
HETATM 1262 O  O   . HOH G 5 .   ? -2.906  -20.071 7.446   1.00 19.51 ? 308 HOH A O   1 
HETATM 1263 O  O   . HOH G 5 .   ? -0.404  5.444   8.439   1.00 23.02 ? 309 HOH A O   1 
HETATM 1264 O  O   . HOH G 5 .   ? 9.136   -0.417  13.487  1.00 38.00 ? 310 HOH A O   1 
HETATM 1265 O  O   . HOH G 5 .   ? -11.204 -3.374  -10.491 1.00 35.09 ? 311 HOH A O   1 
HETATM 1266 O  O   . HOH G 5 .   ? -0.309  4.075   6.374   1.00 13.78 ? 312 HOH A O   1 
HETATM 1267 O  O   . HOH G 5 .   ? 1.031   1.771   8.665   1.00 13.83 ? 313 HOH A O   1 
HETATM 1268 O  O   . HOH G 5 .   ? 3.754   -17.041 -6.822  1.00 29.17 ? 314 HOH A O   1 
HETATM 1269 O  O   . HOH G 5 .   ? -9.804  -14.241 8.091   1.00 19.96 ? 315 HOH A O   1 
HETATM 1270 O  O   . HOH G 5 .   ? 4.256   11.153  7.921   1.00 16.04 ? 316 HOH A O   1 
HETATM 1271 O  O   . HOH G 5 .   ? 14.238  13.213  5.005   1.00 34.72 ? 317 HOH A O   1 
HETATM 1272 O  O   . HOH G 5 .   ? 17.251  6.583   2.727   1.00 22.82 ? 318 HOH A O   1 
HETATM 1273 O  O   . HOH G 5 .   ? 12.107  -1.863  -9.881  1.00 34.34 ? 319 HOH A O   1 
HETATM 1274 O  O   . HOH G 5 .   ? 11.547  9.145   -6.557  1.00 19.60 ? 320 HOH A O   1 
HETATM 1275 O  O   . HOH G 5 .   ? -8.976  13.374  -5.837  1.00 11.39 ? 321 HOH A O   1 
HETATM 1276 O  O   . HOH G 5 .   ? -2.196  16.309  4.415   1.00 11.76 ? 322 HOH A O   1 
HETATM 1277 O  O   . HOH G 5 .   ? -11.608 5.143   -5.651  1.00 10.60 ? 323 HOH A O   1 
HETATM 1278 O  O   . HOH G 5 .   ? 7.611   2.522   -9.171  1.00 14.65 ? 324 HOH A O   1 
HETATM 1279 O  O   . HOH G 5 .   ? -4.202  5.271   7.629   1.00 16.97 ? 325 HOH A O   1 
HETATM 1280 O  O   . HOH G 5 .   ? 2.442   -12.979 -13.142 1.00 23.65 ? 326 HOH A O   1 
HETATM 1281 O  O   . HOH G 5 .   ? 16.418  8.071   -1.046  1.00 31.54 ? 327 HOH A O   1 
HETATM 1282 O  O   . HOH G 5 .   ? -8.180  10.707  10.406  1.00 33.05 ? 328 HOH A O   1 
HETATM 1283 O  O   . HOH G 5 .   ? -3.052  -17.339 6.934   1.00 16.68 ? 329 HOH A O   1 
HETATM 1284 O  O   . HOH G 5 .   ? -6.546  15.316  1.599   1.00 19.90 ? 330 HOH A O   1 
HETATM 1285 O  O   . HOH G 5 .   ? -4.990  3.604   -3.734  1.00 8.93  ? 331 HOH A O   1 
HETATM 1286 O  O   . HOH G 5 .   ? -3.161  18.857  12.523  1.00 21.11 ? 332 HOH A O   1 
HETATM 1287 O  O   . HOH G 5 .   ? -7.590  19.943  2.230   1.00 23.65 ? 333 HOH A O   1 
HETATM 1288 O  O   . HOH G 5 .   ? -16.224 3.001   -7.446  1.00 18.20 ? 334 HOH A O   1 
HETATM 1289 O  O   . HOH G 5 .   ? -5.617  2.777   8.356   1.00 24.19 ? 335 HOH A O   1 
HETATM 1290 O  O   . HOH G 5 .   ? -4.289  -18.523 -12.297 1.00 27.63 ? 336 HOH A O   1 
HETATM 1291 O  O   . HOH G 5 .   ? -8.991  7.308   -13.195 1.00 18.61 ? 337 HOH A O   1 
HETATM 1292 O  O   . HOH G 5 .   ? 11.660  -5.049  5.003   1.00 12.20 ? 338 HOH A O   1 
HETATM 1293 O  O   . HOH G 5 .   ? -12.096 9.274   1.654   1.00 23.32 ? 339 HOH A O   1 
HETATM 1294 O  O   . HOH G 5 .   ? 0.789   7.215   8.193   1.00 28.03 ? 340 HOH A O   1 
HETATM 1295 O  O   . HOH G 5 .   ? -6.403  15.690  4.656   1.00 19.92 ? 341 HOH A O   1 
HETATM 1296 O  O   . HOH G 5 .   ? 2.993   9.125   9.258   1.00 21.72 ? 342 HOH A O   1 
HETATM 1297 O  O   . HOH G 5 .   ? 3.155   -10.258 -9.847  1.00 12.43 ? 343 HOH A O   1 
HETATM 1298 O  O   . HOH G 5 .   ? -13.851 -6.704  0.405   1.00 16.00 ? 344 HOH A O   1 
HETATM 1299 O  O   . HOH G 5 .   ? 2.770   19.342  0.651   1.00 14.42 ? 345 HOH A O   1 
HETATM 1300 O  O   . HOH G 5 .   ? 10.728  -10.709 10.580  1.00 22.70 ? 346 HOH A O   1 
HETATM 1301 O  O   . HOH G 5 .   ? 0.666   8.344   -13.401 1.00 27.44 ? 347 HOH A O   1 
HETATM 1302 O  O   . HOH G 5 .   ? -2.293  8.182   -14.198 1.00 36.32 ? 348 HOH A O   1 
HETATM 1303 O  O   . HOH G 5 .   ? 13.785  -2.968  -0.099  1.00 13.98 ? 349 HOH A O   1 
HETATM 1304 O  O   . HOH G 5 .   ? -13.011 -5.183  2.567   1.00 18.81 ? 350 HOH A O   1 
HETATM 1305 O  O   . HOH G 5 .   ? 10.543  1.677   2.597   1.00 10.88 ? 351 HOH A O   1 
HETATM 1306 O  O   . HOH G 5 .   ? -14.675 3.753   -11.601 1.00 17.45 ? 352 HOH A O   1 
HETATM 1307 O  O   . HOH G 5 .   ? -14.374 3.107   -2.440  1.00 10.87 ? 353 HOH A O   1 
HETATM 1308 O  O   . HOH G 5 .   ? -9.682  -1.259  -10.507 1.00 16.61 ? 354 HOH A O   1 
HETATM 1309 O  O   . HOH G 5 .   ? 7.475   -6.679  -11.000 1.00 31.14 ? 355 HOH A O   1 
HETATM 1310 O  O   . HOH G 5 .   ? 4.853   -11.662 6.728   1.00 11.91 ? 356 HOH A O   1 
HETATM 1311 O  O   . HOH G 5 .   ? 9.948   4.161   3.799   1.00 15.29 ? 357 HOH A O   1 
HETATM 1312 O  O   . HOH G 5 .   ? 2.870   -8.909  13.018  1.00 12.51 ? 358 HOH A O   1 
HETATM 1313 O  O   . HOH G 5 .   ? -4.806  5.880   -13.883 1.00 25.17 ? 359 HOH A O   1 
HETATM 1314 O  O   . HOH G 5 .   ? 1.604   0.198   -11.990 1.00 18.40 ? 360 HOH A O   1 
HETATM 1315 O  O   . HOH G 5 .   ? 7.766   4.207   8.781   1.00 27.20 ? 361 HOH A O   1 
HETATM 1316 O  O   . HOH G 5 .   ? -11.683 1.957   4.239   1.00 19.17 ? 362 HOH A O   1 
HETATM 1317 O  O   . HOH G 5 .   ? 2.988   -15.580 -4.057  1.00 24.56 ? 363 HOH A O   1 
HETATM 1318 O  O   . HOH G 5 .   ? -1.380  6.938   10.021  1.00 30.34 ? 364 HOH A O   1 
HETATM 1319 O  O   . HOH G 5 .   ? -9.345  -3.220  7.739   1.00 20.48 ? 365 HOH A O   1 
HETATM 1320 O  O   . HOH G 5 .   ? 12.567  10.428  -4.386  1.00 34.41 ? 366 HOH A O   1 
HETATM 1321 O  O   . HOH G 5 .   ? -16.810 -4.763  -2.507  1.00 25.94 ? 367 HOH A O   1 
HETATM 1322 O  O   . HOH G 5 .   ? -2.123  19.508  6.221   1.00 17.69 ? 368 HOH A O   1 
HETATM 1323 O  O   . HOH G 5 .   ? 6.084   20.466  -0.036  1.00 27.13 ? 369 HOH A O   1 
HETATM 1324 O  O   . HOH G 5 .   ? -5.808  3.593   -6.277  1.00 11.62 ? 370 HOH A O   1 
HETATM 1325 O  O   . HOH G 5 .   ? 4.678   6.421   -8.802  1.00 22.39 ? 371 HOH A O   1 
HETATM 1326 O  O   . HOH G 5 .   ? 5.567   9.799   4.123   1.00 13.76 ? 372 HOH A O   1 
HETATM 1327 O  O   . HOH G 5 .   ? 4.239   -0.670  -11.561 1.00 16.62 ? 373 HOH A O   1 
HETATM 1328 O  O   . HOH G 5 .   ? -1.704  17.379  -5.871  1.00 9.02  ? 374 HOH A O   1 
HETATM 1329 O  O   . HOH G 5 .   ? -2.326  -11.398 9.522   1.00 21.79 ? 375 HOH A O   1 
HETATM 1330 O  O   . HOH G 5 .   ? 1.502   16.352  17.299  1.00 35.11 ? 376 HOH A O   1 
HETATM 1331 O  O   . HOH G 5 .   ? -9.332  -5.307  -11.308 1.00 21.18 ? 377 HOH A O   1 
HETATM 1332 O  O   . HOH G 5 .   ? 11.630  -4.501  11.539  1.00 30.04 ? 378 HOH A O   1 
HETATM 1333 O  O   . HOH G 5 .   ? 3.952   20.621  -1.623  1.00 24.92 ? 379 HOH A O   1 
HETATM 1334 O  O   . HOH G 5 .   ? 13.862  -3.722  2.556   1.00 10.75 ? 380 HOH A O   1 
HETATM 1335 O  O   . HOH G 5 .   ? -4.014  -18.444 -4.876  1.00 18.04 ? 381 HOH A O   1 
HETATM 1336 O  O   . HOH G 5 .   ? 17.453  0.625   -0.776  1.00 19.30 ? 382 HOH A O   1 
HETATM 1337 O  O   . HOH G 5 .   ? -1.681  3.827   8.811   1.00 32.67 ? 383 HOH A O   1 
HETATM 1338 O  O   . HOH G 5 .   ? 11.624  5.886   -8.905  1.00 28.20 ? 384 HOH A O   1 
HETATM 1339 O  O   . HOH G 5 .   ? 4.764   17.042  -1.746  1.00 15.21 ? 385 HOH A O   1 
HETATM 1340 O  O   . HOH G 5 .   ? -3.889  4.271   -11.527 1.00 12.03 ? 386 HOH A O   1 
HETATM 1341 O  O   . HOH G 5 .   ? -9.340  -10.688 3.647   1.00 16.83 ? 387 HOH A O   1 
HETATM 1342 O  O   . HOH G 5 .   ? -5.216  -21.482 -3.113  1.00 23.50 ? 388 HOH A O   1 
HETATM 1343 O  O   . HOH G 5 .   ? -13.267 -13.376 -7.346  1.00 17.30 ? 389 HOH A O   1 
HETATM 1344 O  O   . HOH G 5 .   ? 9.012   7.219   -8.392  1.00 25.42 ? 390 HOH A O   1 
HETATM 1345 O  O   . HOH G 5 .   ? -3.986  4.416   -8.251  1.00 8.57  ? 391 HOH A O   1 
HETATM 1346 O  O   . HOH G 5 .   ? 12.466  -0.093  9.814   1.00 26.81 ? 392 HOH A O   1 
HETATM 1347 O  O   . HOH G 5 .   ? 7.406   -11.733 7.937   1.00 13.13 ? 393 HOH A O   1 
HETATM 1348 O  O   . HOH G 5 .   ? -6.332  -15.622 11.272  1.00 31.28 ? 394 HOH A O   1 
HETATM 1349 O  O   . HOH G 5 .   ? -13.403 -1.446  3.232   1.00 17.54 ? 395 HOH A O   1 
HETATM 1350 O  O   . HOH G 5 .   ? 15.239  4.249   -3.277  1.00 21.30 ? 396 HOH A O   1 
HETATM 1351 O  O   . HOH G 5 .   ? 6.340   5.388   10.325  1.00 38.13 ? 397 HOH A O   1 
HETATM 1352 O  O   . HOH G 5 .   ? 2.952   -16.852 5.625   1.00 17.86 ? 398 HOH A O   1 
HETATM 1353 O  O   . HOH G 5 .   ? -2.676  3.685   -1.880  1.00 8.52  ? 399 HOH A O   1 
HETATM 1354 O  O   . HOH G 5 .   ? 2.924   15.149  -9.007  1.00 19.78 ? 400 HOH A O   1 
HETATM 1355 O  O   . HOH G 5 .   ? -6.886  -1.569  -10.780 1.00 11.53 ? 401 HOH A O   1 
HETATM 1356 O  O   . HOH G 5 .   ? 9.342   15.797  6.014   1.00 30.36 ? 402 HOH A O   1 
HETATM 1357 O  O   . HOH G 5 .   ? -2.572  -19.645 0.250   1.00 18.81 ? 403 HOH A O   1 
HETATM 1358 O  O   . HOH G 5 .   ? 5.000   -14.510 6.386   1.00 18.46 ? 404 HOH A O   1 
HETATM 1359 O  O   . HOH G 5 .   ? -9.338  11.411  8.291   1.00 29.98 ? 405 HOH A O   1 
HETATM 1360 O  O   . HOH G 5 .   ? -5.693  12.414  13.231  1.00 20.14 ? 406 HOH A O   1 
HETATM 1361 O  O   . HOH G 5 .   ? -12.409 -13.702 2.212   1.00 25.14 ? 407 HOH A O   1 
HETATM 1362 O  O   . HOH G 5 .   ? 2.359   16.694  0.037   1.00 11.07 ? 408 HOH A O   1 
HETATM 1363 O  O   . HOH G 5 .   ? -13.271 -9.478  0.318   1.00 16.95 ? 409 HOH A O   1 
HETATM 1364 O  O   . HOH G 5 .   ? 3.210   14.396  -11.101 1.00 21.43 ? 410 HOH A O   1 
HETATM 1365 O  O   . HOH G 5 .   ? 7.714   -3.862  -11.682 1.00 19.66 ? 411 HOH A O   1 
HETATM 1366 O  O   . HOH G 5 .   ? 11.720  12.795  -3.258  1.00 31.15 ? 412 HOH A O   1 
HETATM 1367 O  O   . HOH G 5 .   ? 11.938  -6.692  -7.715  1.00 20.55 ? 413 HOH A O   1 
HETATM 1368 O  O   . HOH G 5 .   ? 9.536   15.088  3.633   1.00 23.47 ? 414 HOH A O   1 
HETATM 1369 O  O   . HOH G 5 .   ? 3.504   -15.674 0.929   1.00 16.27 ? 415 HOH A O   1 
HETATM 1370 O  O   . HOH G 5 .   ? -3.664  -12.335 16.041  1.00 17.83 ? 416 HOH A O   1 
HETATM 1371 O  O   . HOH G 5 .   ? -17.026 -0.677  -4.379  1.00 14.97 ? 417 HOH A O   1 
HETATM 1372 O  O   . HOH G 5 .   ? 2.684   6.076   -11.431 1.00 23.90 ? 418 HOH A O   1 
HETATM 1373 O  O   . HOH G 5 .   ? -0.412  -14.587 14.593  1.00 22.15 ? 419 HOH A O   1 
HETATM 1374 O  O   . HOH G 5 .   ? -7.465  -10.448 8.481   1.00 38.53 ? 420 HOH A O   1 
HETATM 1375 O  O   . HOH G 5 .   ? -9.442  -10.691 -11.908 1.00 24.32 ? 421 HOH A O   1 
HETATM 1376 O  O   . HOH G 5 .   ? -15.344 12.015  0.224   1.00 14.89 ? 422 HOH A O   1 
HETATM 1377 O  O   . HOH G 5 .   ? -15.127 -14.386 -4.522  1.00 22.26 ? 423 HOH A O   1 
HETATM 1378 O  O   . HOH G 5 .   ? -3.562  -12.594 -11.957 1.00 26.24 ? 424 HOH A O   1 
HETATM 1379 O  O   . HOH G 5 .   ? -11.267 -5.655  4.402   1.00 37.85 ? 425 HOH A O   1 
HETATM 1380 O  O   . HOH G 5 .   ? 1.946   -15.104 -1.724  1.00 12.02 ? 426 HOH A O   1 
HETATM 1381 O  O   . HOH G 5 .   ? 1.223   -25.675 6.851   1.00 26.02 ? 427 HOH A O   1 
HETATM 1382 O  O   . HOH G 5 .   ? 11.249  7.924   -11.387 1.00 21.47 ? 428 HOH A O   1 
HETATM 1383 O  O   . HOH G 5 .   ? -2.042  -1.680  13.092  1.00 17.33 ? 429 HOH A O   1 
HETATM 1384 O  O   . HOH G 5 .   ? -15.536 4.590   -5.246  1.00 21.26 ? 430 HOH A O   1 
HETATM 1385 O  O   . HOH G 5 .   ? -8.278  -13.385 4.429   1.00 31.73 ? 431 HOH A O   1 
HETATM 1386 O  O   . HOH G 5 .   ? 14.169  3.505   4.840   1.00 14.09 ? 432 HOH A O   1 
HETATM 1387 O  O   . HOH G 5 .   ? 11.349  -2.116  11.253  1.00 36.88 ? 433 HOH A O   1 
HETATM 1388 O  O   . HOH G 5 .   ? -6.172  -21.147 -6.118  1.00 10.01 ? 434 HOH A O   1 
HETATM 1389 O  O   . HOH G 5 .   ? -3.233  -21.110 -7.333  1.00 31.53 ? 435 HOH A O   1 
HETATM 1390 O  O   . HOH G 5 .   ? -3.581  3.855   -14.764 1.00 35.73 ? 436 HOH A O   1 
HETATM 1391 O  O   . HOH G 5 .   ? -10.266 -0.296  7.212   1.00 35.02 ? 437 HOH A O   1 
HETATM 1392 O  O   . HOH G 5 .   ? 5.618   18.099  -5.807  1.00 18.07 ? 438 HOH A O   1 
HETATM 1393 O  O   . HOH G 5 .   ? 2.443   22.160  -3.722  1.00 29.88 ? 439 HOH A O   1 
HETATM 1394 O  O   . HOH G 5 .   ? 6.802   18.084  -3.342  1.00 24.62 ? 440 HOH A O   1 
HETATM 1395 O  O   . HOH G 5 .   ? 16.447  6.679   -3.611  1.00 23.25 ? 441 HOH A O   1 
HETATM 1396 O  O   . HOH G 5 .   ? -3.873  25.484  10.358  1.00 33.96 ? 442 HOH A O   1 
HETATM 1397 O  O   . HOH G 5 .   ? -10.974 0.327   -12.417 1.00 20.95 ? 443 HOH A O   1 
HETATM 1398 O  O   . HOH G 5 .   ? 7.393   -16.465 10.902  1.00 25.13 ? 444 HOH A O   1 
HETATM 1399 O  O   . HOH G 5 .   ? 7.310   5.540   -9.357  1.00 28.49 ? 445 HOH A O   1 
HETATM 1400 O  O   . HOH G 5 .   ? 10.822  -14.859 13.859  1.00 33.63 ? 446 HOH A O   1 
HETATM 1401 O  O   . HOH G 5 .   ? 3.682   21.737  -6.954  1.00 27.74 ? 447 HOH A O   1 
HETATM 1402 O  O   . HOH G 5 .   ? -5.526  -2.945  -12.884 1.00 15.67 ? 448 HOH A O   1 
HETATM 1403 O  O   . HOH G 5 .   ? -11.281 -4.921  6.870   1.00 29.96 ? 449 HOH A O   1 
HETATM 1404 O  O   . HOH G 5 .   ? -11.202 3.007   -13.427 1.00 27.27 ? 450 HOH A O   1 
HETATM 1405 O  O   . HOH G 5 .   ? -0.856  2.338   10.895  1.00 31.92 ? 451 HOH A O   1 
HETATM 1406 O  O   . HOH G 5 .   ? -8.557  -7.887  8.808   1.00 43.41 ? 452 HOH A O   1 
HETATM 1407 O  O   . HOH G 5 .   ? -16.416 -6.080  -0.294  1.00 23.27 ? 453 HOH A O   1 
HETATM 1408 O  O   . HOH G 5 .   ? 16.059  2.545   7.338   1.00 25.28 ? 454 HOH A O   1 
HETATM 1409 O  O   . HOH G 5 .   ? -7.745  13.811  13.634  1.00 31.89 ? 455 HOH A O   1 
HETATM 1410 O  O   . HOH G 5 .   ? -1.877  -13.096 -13.742 1.00 29.25 ? 456 HOH A O   1 
HETATM 1411 O  O   . HOH G 5 .   ? 1.127   -17.213 0.455   1.00 27.23 ? 457 HOH A O   1 
HETATM 1412 O  O   . HOH G 5 .   ? 6.505   1.167   -11.645 1.00 23.46 ? 458 HOH A O   1 
HETATM 1413 O  O   . HOH G 5 .   ? 0.440   -19.484 -0.262  1.00 34.41 ? 459 HOH A O   1 
HETATM 1414 O  O   . HOH G 5 .   ? -15.890 -10.425 0.145   1.00 34.35 ? 460 HOH A O   1 
# 
